data_9ED1
#
_entry.id   9ED1
#
_cell.length_a   1.00
_cell.length_b   1.00
_cell.length_c   1.00
_cell.angle_alpha   90.00
_cell.angle_beta   90.00
_cell.angle_gamma   90.00
#
_symmetry.space_group_name_H-M   'P 1'
#
loop_
_entity.id
_entity.type
_entity.pdbx_description
1 polymer 'Intermediate conductance calcium-activated potassium channel protein 4'
2 polymer Calmodulin-1
3 non-polymer 'POTASSIUM ION'
4 non-polymer 'CALCIUM ION'
#
loop_
_entity_poly.entity_id
_entity_poly.type
_entity_poly.pdbx_seq_one_letter_code
_entity_poly.pdbx_strand_id
1 'polypeptide(L)'
;LGALRRRKRLLEQEKSLAGWALVLAGTGIGLMVLHAEMLWFGGCSWALYLFLVKCTISISTFLLLCLIVAFHAKEVQLFM
TDNGLRDWRVALTGRQAAQIVLELVVCGLHPAPVRGPPCVQDLGAPLTSPQPWPGFLGQGEALLSLAMLLRLYLVPRAVL
LRSGVLLNASYRSIGALNQVRFRHWFVAKLYMNTHPGRLLLGLTLGLWLTTAWVLSVAERQAVNATGHLSDTLWLIPITF
LTIGYGDVVPGTMWGKIVCLCTGVMGVCCTALLVAVVARKLEFNKAEKHVHNFMMDIQYTKEMKESAARVLQEAWMFYKH
TRRKESHAARRHQRKLLAAINAFRQVRLKHRKLREQVNSMVDISKMHMILYDLQQNLS
;
A,B,C,D
2 'polypeptide(L)'
;QLTEEQIAEFKEAFSLFDKDGDGTITTKELGTVMRSLGQNPTEAELQDMINEVDADGNGTIDFPEFLTMMARKMKDTDSE
EEIREAFRVFDKDGNGYISAAELRHVMTNLGEKLTDEEVDEMIREADIDGDGQVNYEEFVQMMTA
;
E,F,G,H
#
loop_
_chem_comp.id
_chem_comp.type
_chem_comp.name
_chem_comp.formula
CA non-polymer 'CALCIUM ION' 'Ca 2'
K non-polymer 'POTASSIUM ION' 'K 1'
#
# COMPACT_ATOMS: atom_id res chain seq x y z
N LEU A 1 4.40 -10.58 49.21
CA LEU A 1 3.21 -11.39 49.43
C LEU A 1 3.55 -12.88 49.35
N GLY A 2 2.71 -13.71 49.96
CA GLY A 2 2.93 -15.14 49.97
C GLY A 2 2.46 -15.85 48.72
N ALA A 3 1.54 -15.22 47.97
CA ALA A 3 1.01 -15.79 46.75
C ALA A 3 1.80 -15.36 45.51
N LEU A 4 2.85 -14.56 45.68
CA LEU A 4 3.71 -14.17 44.58
C LEU A 4 4.99 -14.98 44.51
N ARG A 5 5.44 -15.53 45.64
CA ARG A 5 6.63 -16.37 45.67
C ARG A 5 6.36 -17.77 45.11
N ARG A 6 5.09 -18.21 45.10
CA ARG A 6 4.74 -19.51 44.57
C ARG A 6 4.48 -19.50 43.07
N ARG A 7 4.13 -18.34 42.51
CA ARG A 7 3.97 -18.24 41.06
C ARG A 7 5.30 -18.30 40.34
N LYS A 8 6.40 -17.97 41.01
CA LYS A 8 7.72 -18.11 40.43
C LYS A 8 8.26 -19.53 40.50
N ARG A 9 7.61 -20.40 41.27
CA ARG A 9 8.01 -21.80 41.38
C ARG A 9 7.12 -22.71 40.56
N LEU A 10 5.80 -22.54 40.66
CA LEU A 10 4.87 -23.34 39.87
C LEU A 10 4.97 -23.05 38.38
N LEU A 11 5.60 -21.94 37.99
CA LEU A 11 5.80 -21.63 36.58
C LEU A 11 7.19 -22.02 36.10
N GLU A 12 8.18 -22.12 37.00
CA GLU A 12 9.46 -22.69 36.62
C GLU A 12 9.41 -24.20 36.55
N GLN A 13 8.52 -24.83 37.32
CA GLN A 13 8.33 -26.27 37.18
C GLN A 13 7.56 -26.63 35.91
N GLU A 14 6.95 -25.65 35.24
CA GLU A 14 6.33 -25.86 33.94
C GLU A 14 7.26 -25.53 32.79
N LYS A 15 8.48 -25.07 33.08
CA LYS A 15 9.47 -24.80 32.04
C LYS A 15 10.41 -25.96 31.80
N SER A 16 10.63 -26.81 32.80
CA SER A 16 11.41 -28.03 32.64
C SER A 16 10.54 -29.24 32.33
N LEU A 17 9.21 -29.07 32.28
CA LEU A 17 8.31 -30.13 31.88
C LEU A 17 7.70 -29.92 30.51
N ALA A 18 7.71 -28.69 30.00
CA ALA A 18 7.28 -28.40 28.63
C ALA A 18 8.43 -28.45 27.64
N GLY A 19 9.66 -28.66 28.12
CA GLY A 19 10.80 -28.79 27.24
C GLY A 19 11.35 -30.20 27.23
N TRP A 20 11.12 -30.94 28.31
CA TRP A 20 11.49 -32.33 28.39
C TRP A 20 10.45 -33.26 27.80
N ALA A 21 9.29 -32.73 27.40
CA ALA A 21 8.33 -33.45 26.58
C ALA A 21 8.50 -33.14 25.11
N LEU A 22 9.47 -32.31 24.76
CA LEU A 22 9.81 -32.02 23.38
C LEU A 22 11.01 -32.82 22.89
N VAL A 23 11.77 -33.43 23.80
CA VAL A 23 12.85 -34.33 23.41
C VAL A 23 12.39 -35.78 23.31
N LEU A 24 11.48 -36.22 24.18
CA LEU A 24 10.90 -37.55 24.09
C LEU A 24 9.90 -37.66 22.93
N ALA A 25 9.52 -36.55 22.32
CA ALA A 25 8.76 -36.56 21.08
C ALA A 25 9.66 -36.53 19.86
N GLY A 26 10.75 -35.77 19.91
CA GLY A 26 11.74 -35.81 18.84
C GLY A 26 12.36 -37.19 18.69
N THR A 27 12.68 -37.83 19.82
CA THR A 27 13.20 -39.19 19.78
C THR A 27 12.19 -40.15 19.19
N GLY A 28 10.92 -40.00 19.56
CA GLY A 28 9.88 -40.86 19.01
C GLY A 28 9.71 -40.69 17.51
N ILE A 29 9.74 -39.44 17.03
CA ILE A 29 9.64 -39.20 15.60
C ILE A 29 10.89 -39.69 14.86
N GLY A 30 12.05 -39.61 15.48
CA GLY A 30 13.28 -39.98 14.80
C GLY A 30 13.52 -41.48 14.75
N LEU A 31 12.63 -42.27 15.32
CA LEU A 31 12.75 -43.72 15.29
C LEU A 31 11.74 -44.40 14.38
N MET A 32 10.88 -43.63 13.72
CA MET A 32 10.06 -44.19 12.65
C MET A 32 10.75 -44.09 11.30
N VAL A 33 11.60 -43.09 11.12
CA VAL A 33 12.34 -42.89 9.88
C VAL A 33 13.32 -44.04 9.71
N LEU A 34 13.82 -44.57 10.83
CA LEU A 34 14.63 -45.77 10.81
C LEU A 34 13.83 -47.03 10.54
N HIS A 35 12.69 -47.19 11.21
CA HIS A 35 11.89 -48.40 11.07
C HIS A 35 11.28 -48.49 9.67
N ALA A 36 11.21 -47.36 8.96
CA ALA A 36 10.70 -47.35 7.59
C ALA A 36 11.84 -47.56 6.59
N GLU A 37 12.89 -46.75 6.63
CA GLU A 37 13.96 -46.84 5.64
C GLU A 37 15.01 -47.89 6.02
N MET A 38 14.68 -48.75 6.98
CA MET A 38 15.50 -49.93 7.23
C MET A 38 14.69 -51.17 6.90
N LEU A 39 13.37 -51.08 7.05
CA LEU A 39 12.50 -52.12 6.52
C LEU A 39 12.51 -52.12 5.00
N TRP A 40 12.59 -50.93 4.39
CA TRP A 40 12.65 -50.85 2.94
C TRP A 40 13.95 -51.43 2.40
N PHE A 41 15.09 -50.91 2.84
CA PHE A 41 16.38 -51.39 2.37
C PHE A 41 16.78 -52.74 2.96
N GLY A 42 16.08 -53.20 3.99
CA GLY A 42 16.38 -54.49 4.60
C GLY A 42 15.41 -55.58 4.21
N GLY A 43 14.48 -55.89 5.09
CA GLY A 43 13.49 -56.92 4.82
C GLY A 43 13.31 -57.88 5.97
N CYS A 44 13.06 -59.15 5.66
CA CYS A 44 12.90 -60.17 6.69
C CYS A 44 14.23 -60.65 7.26
N SER A 45 15.36 -60.26 6.67
CA SER A 45 16.66 -60.66 7.20
C SER A 45 16.92 -60.02 8.56
N TRP A 46 16.63 -58.73 8.70
CA TRP A 46 16.84 -58.01 9.95
C TRP A 46 15.58 -58.03 10.81
N ALA A 47 15.06 -59.22 11.08
CA ALA A 47 13.86 -59.36 11.90
C ALA A 47 14.14 -59.28 13.39
N LEU A 48 15.41 -59.23 13.79
CA LEU A 48 15.76 -59.09 15.20
C LEU A 48 15.92 -57.62 15.61
N TYR A 49 16.44 -56.79 14.72
CA TYR A 49 16.63 -55.38 15.01
C TYR A 49 15.35 -54.55 14.87
N LEU A 50 14.30 -55.11 14.28
CA LEU A 50 13.02 -54.42 14.17
C LEU A 50 12.10 -54.70 15.36
N PHE A 51 12.52 -55.56 16.29
CA PHE A 51 11.78 -55.78 17.52
C PHE A 51 12.31 -54.94 18.68
N LEU A 52 13.34 -54.14 18.44
CA LEU A 52 13.90 -53.24 19.45
C LEU A 52 13.51 -51.79 19.24
N VAL A 53 13.48 -51.33 17.99
CA VAL A 53 13.06 -49.97 17.70
C VAL A 53 11.59 -49.78 18.07
N LYS A 54 10.75 -50.75 17.73
CA LYS A 54 9.32 -50.68 18.04
C LYS A 54 9.04 -50.77 19.53
N CYS A 55 9.98 -51.24 20.34
CA CYS A 55 9.84 -51.24 21.78
C CYS A 55 10.38 -49.95 22.40
N THR A 56 11.47 -49.42 21.84
CA THR A 56 11.97 -48.13 22.28
C THR A 56 10.94 -47.03 22.00
N ILE A 57 10.24 -47.14 20.88
CA ILE A 57 9.17 -46.18 20.57
C ILE A 57 8.08 -46.22 21.64
N SER A 58 7.66 -47.43 22.03
CA SER A 58 6.65 -47.57 23.07
C SER A 58 7.13 -47.04 24.41
N ILE A 59 8.40 -47.29 24.76
CA ILE A 59 8.95 -46.75 26.01
C ILE A 59 8.94 -45.22 25.99
N SER A 60 9.34 -44.61 24.87
CA SER A 60 9.31 -43.16 24.77
C SER A 60 7.89 -42.62 24.86
N THR A 61 6.93 -43.28 24.22
CA THR A 61 5.53 -42.85 24.31
C THR A 61 5.03 -42.93 25.75
N PHE A 62 5.39 -44.00 26.46
CA PHE A 62 4.99 -44.13 27.86
C PHE A 62 5.65 -43.06 28.74
N LEU A 63 6.88 -42.67 28.45
CA LEU A 63 7.54 -41.62 29.21
C LEU A 63 7.05 -40.23 28.84
N LEU A 64 6.44 -40.07 27.67
CA LEU A 64 5.80 -38.81 27.28
C LEU A 64 4.41 -38.64 27.85
N LEU A 65 3.64 -39.73 27.93
CA LEU A 65 2.32 -39.66 28.54
C LEU A 65 2.41 -39.39 30.05
N CYS A 66 3.53 -39.72 30.69
CA CYS A 66 3.71 -39.44 32.10
C CYS A 66 4.22 -38.02 32.35
N LEU A 67 4.58 -37.28 31.30
CA LEU A 67 4.94 -35.88 31.43
C LEU A 67 3.83 -34.94 31.00
N ILE A 68 3.01 -35.32 30.02
CA ILE A 68 1.89 -34.47 29.62
C ILE A 68 0.92 -34.29 30.79
N VAL A 69 0.59 -35.38 31.47
CA VAL A 69 -0.33 -35.29 32.60
C VAL A 69 0.28 -34.52 33.77
N ALA A 70 1.59 -34.63 33.99
CA ALA A 70 2.23 -33.82 35.02
C ALA A 70 2.18 -32.34 34.69
N PHE A 71 2.42 -31.99 33.43
CA PHE A 71 2.32 -30.59 33.03
C PHE A 71 0.89 -30.07 33.22
N HIS A 72 -0.10 -30.87 32.84
CA HIS A 72 -1.49 -30.42 33.01
C HIS A 72 -1.94 -30.42 34.46
N ALA A 73 -1.28 -31.17 35.34
CA ALA A 73 -1.56 -31.10 36.76
C ALA A 73 -0.81 -29.99 37.47
N LYS A 74 0.25 -29.46 36.87
CA LYS A 74 0.96 -28.32 37.43
C LYS A 74 0.31 -26.98 37.11
N GLU A 75 -0.78 -26.98 36.33
CA GLU A 75 -1.49 -25.76 35.98
C GLU A 75 -2.77 -25.56 36.77
N VAL A 76 -3.42 -26.65 37.20
CA VAL A 76 -4.54 -26.54 38.12
C VAL A 76 -4.08 -25.91 39.43
N GLN A 77 -2.85 -26.19 39.84
CA GLN A 77 -2.30 -25.54 41.03
C GLN A 77 -2.17 -24.04 40.83
N LEU A 78 -1.72 -23.61 39.64
CA LEU A 78 -1.66 -22.18 39.36
C LEU A 78 -3.04 -21.54 39.39
N PHE A 79 -4.03 -22.22 38.80
CA PHE A 79 -5.38 -21.69 38.80
C PHE A 79 -5.94 -21.57 40.22
N MET A 80 -5.65 -22.55 41.07
CA MET A 80 -6.09 -22.48 42.46
C MET A 80 -5.38 -21.36 43.21
N THR A 81 -4.08 -21.19 42.96
CA THR A 81 -3.32 -20.15 43.65
C THR A 81 -3.80 -18.76 43.26
N ASP A 82 -4.06 -18.53 41.97
CA ASP A 82 -4.43 -17.19 41.53
C ASP A 82 -5.74 -16.73 42.13
N ASN A 83 -6.74 -17.60 42.16
CA ASN A 83 -8.08 -17.23 42.59
C ASN A 83 -8.35 -17.54 44.06
N GLY A 84 -7.37 -18.09 44.78
CA GLY A 84 -7.55 -18.39 46.19
C GLY A 84 -8.58 -19.47 46.45
N LEU A 85 -8.27 -20.70 46.03
CA LEU A 85 -9.15 -21.84 46.22
C LEU A 85 -8.41 -22.96 46.93
N ARG A 86 -9.17 -23.87 47.52
CA ARG A 86 -8.59 -25.02 48.21
C ARG A 86 -9.20 -26.32 47.71
N ASP A 87 -10.45 -26.28 47.28
CA ASP A 87 -11.15 -27.44 46.74
C ASP A 87 -10.83 -27.54 45.26
N TRP A 88 -10.04 -28.56 44.88
CA TRP A 88 -9.65 -28.71 43.48
C TRP A 88 -10.83 -29.07 42.58
N ARG A 89 -11.95 -29.52 43.15
CA ARG A 89 -13.10 -29.92 42.35
C ARG A 89 -13.70 -28.75 41.57
N VAL A 90 -13.51 -27.52 42.03
CA VAL A 90 -14.08 -26.37 41.34
C VAL A 90 -13.11 -25.77 40.32
N ALA A 91 -11.82 -26.01 40.45
CA ALA A 91 -10.84 -25.47 39.51
C ALA A 91 -10.76 -26.24 38.21
N LEU A 92 -11.42 -27.39 38.10
CA LEU A 92 -11.41 -28.21 36.91
C LEU A 92 -12.68 -27.96 36.12
N THR A 93 -12.55 -27.40 34.92
CA THR A 93 -13.69 -27.05 34.09
C THR A 93 -14.16 -28.29 33.31
N GLY A 94 -15.07 -28.09 32.37
CA GLY A 94 -15.60 -29.18 31.57
C GLY A 94 -14.92 -29.29 30.22
N ARG A 95 -14.11 -28.30 29.87
CA ARG A 95 -13.35 -28.31 28.63
C ARG A 95 -11.90 -28.73 28.83
N GLN A 96 -11.31 -28.39 29.98
CA GLN A 96 -9.97 -28.88 30.31
C GLN A 96 -9.96 -30.37 30.55
N ALA A 97 -11.10 -30.97 30.90
CA ALA A 97 -11.20 -32.41 31.07
C ALA A 97 -11.33 -33.15 29.75
N ALA A 98 -11.64 -32.45 28.66
CA ALA A 98 -11.66 -33.04 27.33
C ALA A 98 -10.40 -32.71 26.53
N GLN A 99 -9.79 -31.56 26.78
CA GLN A 99 -8.52 -31.25 26.12
C GLN A 99 -7.43 -32.23 26.52
N ILE A 100 -7.40 -32.64 27.79
CA ILE A 100 -6.42 -33.62 28.25
C ILE A 100 -6.64 -34.95 27.53
N VAL A 101 -7.89 -35.38 27.41
CA VAL A 101 -8.18 -36.65 26.74
C VAL A 101 -7.77 -36.57 25.28
N LEU A 102 -8.08 -35.46 24.60
CA LEU A 102 -7.68 -35.30 23.20
C LEU A 102 -6.16 -35.32 23.07
N GLU A 103 -5.45 -34.66 23.99
CA GLU A 103 -3.99 -34.65 23.93
C GLU A 103 -3.41 -36.04 24.13
N LEU A 104 -3.96 -36.80 25.09
CA LEU A 104 -3.47 -38.16 25.32
C LEU A 104 -3.81 -39.10 24.18
N VAL A 105 -4.91 -38.86 23.47
CA VAL A 105 -5.22 -39.67 22.30
C VAL A 105 -4.28 -39.33 21.15
N VAL A 106 -4.01 -38.05 20.93
CA VAL A 106 -3.14 -37.64 19.82
C VAL A 106 -1.70 -38.09 20.07
N CYS A 107 -1.24 -38.00 21.32
CA CYS A 107 0.14 -38.35 21.67
C CYS A 107 0.31 -39.80 22.09
N GLY A 108 -0.53 -40.69 21.59
CA GLY A 108 -0.44 -42.10 21.92
C GLY A 108 -0.62 -43.01 20.72
N LEU A 109 -0.23 -42.52 19.54
CA LEU A 109 -0.39 -43.26 18.29
C LEU A 109 1.00 -43.66 17.79
N HIS A 110 1.34 -44.93 17.98
CA HIS A 110 2.62 -45.47 17.58
C HIS A 110 2.44 -46.89 17.06
N PRO A 111 3.34 -47.37 16.20
CA PRO A 111 3.30 -48.78 15.75
C PRO A 111 3.77 -49.75 16.83
N ALA A 112 2.85 -50.12 17.70
CA ALA A 112 3.17 -51.00 18.81
C ALA A 112 3.64 -52.37 18.29
N PRO A 113 4.57 -53.01 19.01
CA PRO A 113 5.10 -54.31 18.54
C PRO A 113 4.16 -55.47 18.84
N VAL A 114 3.18 -55.67 17.96
CA VAL A 114 2.21 -56.74 18.11
C VAL A 114 2.71 -57.98 17.37
N ARG A 115 3.96 -57.95 16.94
CA ARG A 115 4.56 -59.07 16.23
C ARG A 115 6.08 -59.08 16.39
N PRO A 134 9.27 -58.55 1.83
CA PRO A 134 8.20 -57.77 2.48
C PRO A 134 8.69 -56.41 2.97
N GLY A 135 9.10 -55.56 2.04
CA GLY A 135 9.57 -54.22 2.34
C GLY A 135 8.50 -53.15 2.37
N PHE A 136 7.22 -53.53 2.30
CA PHE A 136 6.13 -52.58 2.25
C PHE A 136 5.43 -52.52 3.62
N LEU A 137 5.27 -51.32 4.14
CA LEU A 137 4.49 -51.13 5.36
C LEU A 137 3.02 -51.43 5.08
N GLY A 138 2.35 -52.01 6.08
CA GLY A 138 0.94 -52.30 5.93
C GLY A 138 0.09 -51.05 5.85
N GLN A 139 -1.12 -51.22 5.32
CA GLN A 139 -2.02 -50.07 5.20
C GLN A 139 -2.46 -49.55 6.56
N GLY A 140 -2.65 -50.45 7.53
CA GLY A 140 -2.99 -50.07 8.88
C GLY A 140 -1.83 -49.65 9.75
N GLU A 141 -0.62 -49.67 9.21
CA GLU A 141 0.57 -49.25 9.93
C GLU A 141 1.21 -47.99 9.38
N ALA A 142 1.11 -47.74 8.07
CA ALA A 142 1.64 -46.52 7.48
C ALA A 142 0.84 -45.28 7.89
N LEU A 143 -0.36 -45.45 8.43
CA LEU A 143 -1.12 -44.33 8.96
C LEU A 143 -0.76 -44.07 10.43
N LEU A 144 -0.55 -45.13 11.21
CA LEU A 144 -0.05 -44.95 12.57
C LEU A 144 1.34 -44.33 12.58
N SER A 145 2.20 -44.75 11.64
CA SER A 145 3.52 -44.15 11.54
C SER A 145 3.46 -42.67 11.16
N LEU A 146 2.60 -42.32 10.21
CA LEU A 146 2.47 -40.94 9.77
C LEU A 146 1.66 -40.07 10.72
N ALA A 147 0.98 -40.68 11.70
CA ALA A 147 0.24 -39.90 12.69
C ALA A 147 1.15 -39.34 13.78
N MET A 148 2.42 -39.74 13.82
CA MET A 148 3.35 -39.20 14.79
C MET A 148 3.66 -37.73 14.54
N LEU A 149 3.50 -37.25 13.31
CA LEU A 149 3.82 -35.87 13.00
C LEU A 149 2.84 -34.88 13.60
N LEU A 150 1.73 -35.35 14.16
CA LEU A 150 0.81 -34.46 14.87
C LEU A 150 1.38 -33.99 16.21
N ARG A 151 2.49 -34.56 16.65
CA ARG A 151 3.16 -34.15 17.89
C ARG A 151 3.86 -32.82 17.78
N LEU A 152 3.68 -32.07 16.69
CA LEU A 152 4.35 -30.80 16.48
C LEU A 152 3.59 -29.63 17.06
N TYR A 153 2.48 -29.87 17.76
CA TYR A 153 1.76 -28.79 18.44
C TYR A 153 2.40 -28.41 19.77
N LEU A 154 3.45 -29.13 20.20
CA LEU A 154 4.14 -28.84 21.44
C LEU A 154 5.19 -27.76 21.30
N VAL A 155 5.43 -27.26 20.09
CA VAL A 155 6.50 -26.29 19.85
C VAL A 155 6.12 -24.91 20.37
N PRO A 156 4.95 -24.34 20.03
CA PRO A 156 4.63 -23.02 20.58
C PRO A 156 4.55 -22.99 22.10
N ARG A 157 4.07 -24.07 22.71
CA ARG A 157 4.01 -24.14 24.16
C ARG A 157 5.40 -24.10 24.78
N ALA A 158 6.35 -24.83 24.19
CA ALA A 158 7.71 -24.82 24.71
C ALA A 158 8.46 -23.54 24.37
N VAL A 159 8.01 -22.81 23.35
CA VAL A 159 8.70 -21.57 22.97
C VAL A 159 8.21 -20.40 23.82
N LEU A 160 6.90 -20.32 24.06
CA LEU A 160 6.37 -19.19 24.83
C LEU A 160 6.91 -19.17 26.25
N LEU A 161 6.98 -20.34 26.91
CA LEU A 161 7.40 -20.38 28.30
C LEU A 161 8.89 -20.08 28.48
N ARG A 162 9.68 -20.15 27.40
CA ARG A 162 11.12 -19.93 27.51
C ARG A 162 11.52 -18.48 27.32
N SER A 163 10.75 -17.71 26.57
CA SER A 163 11.07 -16.31 26.33
C SER A 163 10.98 -15.51 27.62
N GLY A 164 11.93 -14.62 27.82
CA GLY A 164 11.97 -13.82 29.04
C GLY A 164 11.12 -12.57 29.00
N VAL A 165 9.85 -12.72 28.64
CA VAL A 165 8.91 -11.61 28.62
C VAL A 165 7.69 -11.98 29.46
N LEU A 166 7.76 -13.13 30.14
CA LEU A 166 6.65 -13.61 30.94
C LEU A 166 6.84 -13.39 32.43
N LEU A 167 8.08 -13.31 32.90
CA LEU A 167 8.37 -13.10 34.31
C LEU A 167 9.06 -11.77 34.59
N ASN A 168 9.38 -11.01 33.56
CA ASN A 168 10.06 -9.72 33.73
C ASN A 168 9.10 -8.73 34.36
N ALA A 169 9.30 -8.44 35.66
CA ALA A 169 8.41 -7.51 36.35
C ALA A 169 8.52 -6.09 35.80
N SER A 170 9.63 -5.76 35.15
CA SER A 170 9.79 -4.45 34.53
C SER A 170 9.12 -4.36 33.17
N TYR A 171 8.58 -5.46 32.66
CA TYR A 171 7.98 -5.53 31.33
C TYR A 171 6.47 -5.67 31.38
N ARG A 172 5.94 -6.52 32.26
CA ARG A 172 4.51 -6.57 32.48
C ARG A 172 4.00 -5.28 33.10
N SER A 173 4.84 -4.58 33.86
CA SER A 173 4.43 -3.31 34.46
C SER A 173 4.04 -2.30 33.38
N ILE A 174 4.76 -2.28 32.26
CA ILE A 174 4.43 -1.40 31.15
C ILE A 174 3.44 -2.05 30.18
N GLY A 175 3.37 -3.38 30.15
CA GLY A 175 2.37 -4.03 29.32
C GLY A 175 0.98 -3.97 29.93
N ALA A 176 0.90 -3.56 31.20
CA ALA A 176 -0.39 -3.41 31.86
C ALA A 176 -0.94 -1.99 31.84
N LEU A 177 -0.12 -0.96 31.60
CA LEU A 177 -0.60 0.40 31.46
C LEU A 177 -1.08 0.71 30.05
N ASN A 178 -0.95 -0.26 29.13
CA ASN A 178 -1.43 -0.09 27.76
C ASN A 178 -2.38 -1.23 27.43
N GLN A 179 -2.47 -2.21 28.33
CA GLN A 179 -3.38 -3.35 28.22
C GLN A 179 -3.11 -4.14 26.94
N VAL A 180 -1.90 -4.70 26.87
CA VAL A 180 -1.54 -5.68 25.86
C VAL A 180 -1.40 -7.02 26.55
N ARG A 181 -1.75 -8.08 25.82
CA ARG A 181 -1.72 -9.43 26.36
C ARG A 181 -0.59 -10.21 25.71
N PHE A 182 0.14 -10.97 26.52
CA PHE A 182 1.32 -11.70 26.08
C PHE A 182 0.90 -13.13 25.76
N ARG A 183 0.80 -13.45 24.48
CA ARG A 183 0.31 -14.75 24.04
C ARG A 183 1.22 -15.25 22.94
N HIS A 184 0.80 -16.31 22.25
CA HIS A 184 1.62 -16.95 21.23
C HIS A 184 1.80 -16.10 19.99
N TRP A 185 0.95 -15.09 19.78
CA TRP A 185 1.03 -14.27 18.58
C TRP A 185 1.95 -13.07 18.75
N PHE A 186 1.97 -12.46 19.94
CA PHE A 186 2.86 -11.33 20.19
C PHE A 186 4.32 -11.73 20.06
N VAL A 187 4.68 -12.88 20.65
CA VAL A 187 6.06 -13.34 20.58
C VAL A 187 6.44 -13.68 19.14
N ALA A 188 5.52 -14.30 18.40
CA ALA A 188 5.79 -14.62 17.00
C ALA A 188 6.00 -13.36 16.17
N LYS A 189 5.16 -12.34 16.39
CA LYS A 189 5.34 -11.07 15.67
C LYS A 189 6.66 -10.42 16.03
N LEU A 190 7.03 -10.45 17.31
CA LEU A 190 8.32 -9.89 17.73
C LEU A 190 9.48 -10.60 17.05
N TYR A 191 9.45 -11.93 17.03
CA TYR A 191 10.51 -12.69 16.37
C TYR A 191 10.56 -12.41 14.88
N MET A 192 9.40 -12.27 14.25
CA MET A 192 9.36 -11.96 12.82
C MET A 192 9.96 -10.59 12.54
N ASN A 193 9.64 -9.60 13.38
CA ASN A 193 10.14 -8.25 13.13
C ASN A 193 11.63 -8.13 13.42
N THR A 194 12.11 -8.85 14.44
CA THR A 194 13.52 -8.74 14.80
C THR A 194 14.43 -9.26 13.69
N HIS A 195 14.05 -10.38 13.06
CA HIS A 195 14.88 -11.03 12.04
C HIS A 195 14.00 -11.80 11.07
N PRO A 196 13.46 -11.11 10.05
CA PRO A 196 12.52 -11.76 9.14
C PRO A 196 13.12 -12.83 8.25
N GLY A 197 14.22 -12.51 7.57
CA GLY A 197 14.68 -13.35 6.47
C GLY A 197 15.16 -14.72 6.91
N ARG A 198 15.92 -14.80 8.00
CA ARG A 198 16.53 -16.07 8.38
C ARG A 198 15.47 -17.10 8.75
N LEU A 199 14.45 -16.70 9.50
CA LEU A 199 13.37 -17.64 9.86
C LEU A 199 12.60 -18.07 8.63
N LEU A 200 12.34 -17.14 7.70
CA LEU A 200 11.61 -17.48 6.49
C LEU A 200 12.37 -18.52 5.67
N LEU A 201 13.67 -18.29 5.45
CA LEU A 201 14.45 -19.25 4.67
C LEU A 201 14.58 -20.58 5.41
N GLY A 202 14.73 -20.53 6.73
CA GLY A 202 14.85 -21.76 7.49
C GLY A 202 13.60 -22.62 7.40
N LEU A 203 12.42 -22.01 7.56
CA LEU A 203 11.19 -22.77 7.45
C LEU A 203 10.96 -23.24 6.02
N THR A 204 11.31 -22.41 5.02
CA THR A 204 11.13 -22.80 3.64
C THR A 204 11.98 -24.02 3.29
N LEU A 205 13.23 -24.04 3.76
CA LEU A 205 14.10 -25.17 3.49
C LEU A 205 13.86 -26.36 4.42
N GLY A 206 13.16 -26.15 5.53
CA GLY A 206 12.84 -27.26 6.41
C GLY A 206 11.53 -27.94 6.05
N LEU A 207 10.68 -27.24 5.30
CA LEU A 207 9.44 -27.84 4.83
C LEU A 207 9.62 -28.60 3.52
N TRP A 208 10.77 -28.46 2.86
CA TRP A 208 11.05 -29.20 1.63
C TRP A 208 11.72 -30.54 1.89
N LEU A 209 12.02 -30.86 3.15
CA LEU A 209 12.61 -32.14 3.50
C LEU A 209 11.64 -33.08 4.22
N THR A 210 10.62 -32.54 4.89
CA THR A 210 9.62 -33.39 5.51
C THR A 210 8.57 -33.83 4.50
N THR A 211 8.12 -32.90 3.65
CA THR A 211 7.15 -33.23 2.62
C THR A 211 7.74 -34.22 1.61
N ALA A 212 9.02 -34.07 1.28
CA ALA A 212 9.68 -34.96 0.34
C ALA A 212 9.79 -36.39 0.86
N TRP A 213 9.67 -36.60 2.16
CA TRP A 213 9.60 -37.94 2.74
C TRP A 213 8.17 -38.42 2.93
N VAL A 214 7.26 -37.53 3.30
CA VAL A 214 5.86 -37.90 3.44
C VAL A 214 5.29 -38.35 2.11
N LEU A 215 5.70 -37.73 1.02
CA LEU A 215 5.27 -38.17 -0.31
C LEU A 215 6.00 -39.42 -0.78
N SER A 216 7.29 -39.54 -0.42
CA SER A 216 8.05 -40.72 -0.83
C SER A 216 7.54 -41.98 -0.17
N VAL A 217 7.12 -41.90 1.10
CA VAL A 217 6.52 -43.07 1.75
C VAL A 217 5.15 -43.37 1.17
N ALA A 218 4.57 -42.45 0.41
CA ALA A 218 3.24 -42.62 -0.16
C ALA A 218 3.25 -43.16 -1.58
N GLU A 219 4.27 -42.82 -2.40
CA GLU A 219 4.25 -43.25 -3.79
C GLU A 219 5.46 -44.10 -4.18
N ARG A 220 6.17 -44.67 -3.21
CA ARG A 220 7.30 -45.53 -3.53
C ARG A 220 6.84 -46.86 -4.09
N GLN A 221 7.64 -47.42 -4.99
CA GLN A 221 7.39 -48.74 -5.56
C GLN A 221 8.73 -49.45 -5.74
N ALA A 222 8.66 -50.79 -5.84
CA ALA A 222 9.84 -51.63 -5.88
C ALA A 222 10.18 -52.14 -7.28
N VAL A 223 9.17 -52.35 -8.13
CA VAL A 223 9.42 -52.95 -9.44
C VAL A 223 10.29 -52.02 -10.29
N ASN A 224 9.93 -50.74 -10.34
CA ASN A 224 10.68 -49.78 -11.14
C ASN A 224 11.78 -49.07 -10.37
N ALA A 225 11.87 -49.29 -9.05
CA ALA A 225 12.84 -48.62 -8.19
C ALA A 225 12.76 -47.10 -8.34
N THR A 226 11.53 -46.59 -8.41
CA THR A 226 11.27 -45.17 -8.58
C THR A 226 10.27 -44.69 -7.55
N GLY A 227 10.31 -43.39 -7.27
CA GLY A 227 9.41 -42.78 -6.32
C GLY A 227 9.99 -42.51 -4.95
N HIS A 228 11.29 -42.72 -4.75
CA HIS A 228 11.93 -42.50 -3.47
C HIS A 228 12.39 -41.05 -3.40
N LEU A 229 13.24 -40.72 -2.41
CA LEU A 229 13.64 -39.33 -2.20
C LEU A 229 14.27 -38.71 -3.43
N SER A 230 14.99 -39.50 -4.23
CA SER A 230 15.64 -38.96 -5.42
C SER A 230 14.63 -38.43 -6.45
N ASP A 231 13.40 -38.93 -6.42
CA ASP A 231 12.37 -38.49 -7.34
C ASP A 231 11.34 -37.56 -6.70
N THR A 232 11.36 -37.39 -5.38
CA THR A 232 10.47 -36.48 -4.71
C THR A 232 11.14 -35.21 -4.21
N LEU A 233 12.48 -35.17 -4.22
CA LEU A 233 13.18 -33.92 -3.94
C LEU A 233 13.16 -32.97 -5.12
N TRP A 234 12.75 -33.45 -6.30
CA TRP A 234 12.63 -32.63 -7.50
C TRP A 234 11.19 -32.24 -7.81
N LEU A 235 10.22 -33.09 -7.45
CA LEU A 235 8.83 -32.79 -7.74
C LEU A 235 8.27 -31.73 -6.80
N ILE A 236 8.63 -31.78 -5.53
CA ILE A 236 8.09 -30.87 -4.52
C ILE A 236 8.47 -29.41 -4.78
N PRO A 237 9.73 -29.08 -5.07
CA PRO A 237 10.04 -27.65 -5.27
C PRO A 237 9.37 -27.03 -6.47
N ILE A 238 9.34 -27.73 -7.62
CA ILE A 238 8.69 -27.18 -8.80
C ILE A 238 7.19 -27.12 -8.68
N THR A 239 6.59 -27.95 -7.83
CA THR A 239 5.18 -27.80 -7.51
C THR A 239 4.95 -26.61 -6.58
N PHE A 240 5.86 -26.41 -5.62
CA PHE A 240 5.77 -25.27 -4.71
C PHE A 240 5.87 -23.95 -5.48
N LEU A 241 6.77 -23.89 -6.46
CA LEU A 241 6.96 -22.70 -7.27
C LEU A 241 6.00 -22.61 -8.45
N THR A 242 5.11 -23.60 -8.61
CA THR A 242 4.14 -23.63 -9.70
C THR A 242 4.83 -23.59 -11.07
N ILE A 243 5.88 -24.40 -11.20
CA ILE A 243 6.62 -24.51 -12.47
C ILE A 243 6.51 -25.97 -12.90
N GLY A 244 5.36 -26.58 -12.64
CA GLY A 244 5.15 -27.98 -12.95
C GLY A 244 5.48 -28.35 -14.38
N TYR A 245 6.52 -29.18 -14.56
CA TYR A 245 6.92 -29.58 -15.91
C TYR A 245 6.03 -30.70 -16.43
N GLY A 246 5.99 -31.83 -15.74
CA GLY A 246 5.13 -32.92 -16.15
C GLY A 246 5.87 -34.21 -16.43
N ASP A 247 7.19 -34.21 -16.20
CA ASP A 247 7.97 -35.44 -16.41
C ASP A 247 7.71 -36.45 -15.31
N VAL A 248 7.58 -36.01 -14.06
CA VAL A 248 7.24 -36.86 -12.94
C VAL A 248 5.97 -36.32 -12.29
N VAL A 249 4.97 -37.18 -12.14
CA VAL A 249 3.69 -36.79 -11.53
C VAL A 249 3.23 -37.88 -10.58
N PRO A 250 2.48 -37.49 -9.55
CA PRO A 250 1.96 -38.49 -8.61
C PRO A 250 0.98 -39.43 -9.29
N GLY A 251 0.94 -40.67 -8.79
CA GLY A 251 0.10 -41.69 -9.39
C GLY A 251 -0.86 -42.37 -8.44
N THR A 252 -0.93 -41.88 -7.19
CA THR A 252 -1.80 -42.45 -6.18
C THR A 252 -2.67 -41.36 -5.58
N MET A 253 -3.81 -41.77 -5.03
CA MET A 253 -4.74 -40.82 -4.43
C MET A 253 -4.12 -40.12 -3.23
N TRP A 254 -3.28 -40.82 -2.47
CA TRP A 254 -2.63 -40.23 -1.32
C TRP A 254 -1.44 -39.36 -1.70
N GLY A 255 -0.96 -39.43 -2.94
CA GLY A 255 0.11 -38.57 -3.39
C GLY A 255 -0.40 -37.37 -4.15
N LYS A 256 -1.69 -37.36 -4.47
CA LYS A 256 -2.32 -36.24 -5.15
C LYS A 256 -2.93 -35.22 -4.19
N ILE A 257 -2.89 -35.48 -2.90
CA ILE A 257 -3.35 -34.53 -1.90
C ILE A 257 -2.20 -33.72 -1.33
N VAL A 258 -1.03 -34.34 -1.17
CA VAL A 258 0.16 -33.62 -0.71
C VAL A 258 0.57 -32.59 -1.75
N CYS A 259 0.51 -32.95 -3.02
CA CYS A 259 0.87 -32.02 -4.08
C CYS A 259 -0.10 -30.85 -4.17
N LEU A 260 -1.36 -31.05 -3.77
CA LEU A 260 -2.31 -29.94 -3.70
C LEU A 260 -2.12 -29.10 -2.46
N CYS A 261 -1.72 -29.70 -1.35
CA CYS A 261 -1.43 -28.94 -0.14
C CYS A 261 -0.17 -28.10 -0.28
N THR A 262 0.80 -28.54 -1.09
CA THR A 262 2.03 -27.78 -1.26
C THR A 262 1.81 -26.49 -2.02
N GLY A 263 0.95 -26.51 -3.04
CA GLY A 263 0.76 -25.32 -3.86
C GLY A 263 0.14 -24.16 -3.10
N VAL A 264 -0.77 -24.45 -2.18
CA VAL A 264 -1.39 -23.40 -1.38
C VAL A 264 -0.35 -22.71 -0.51
N MET A 265 0.51 -23.48 0.13
CA MET A 265 1.60 -22.88 0.91
C MET A 265 2.55 -22.10 0.01
N GLY A 266 2.77 -22.59 -1.21
CA GLY A 266 3.59 -21.83 -2.15
C GLY A 266 3.01 -20.46 -2.46
N VAL A 267 1.70 -20.43 -2.73
CA VAL A 267 1.05 -19.15 -3.03
C VAL A 267 1.08 -18.22 -1.82
N CYS A 268 0.83 -18.77 -0.62
CA CYS A 268 0.86 -17.95 0.59
C CYS A 268 2.27 -17.38 0.84
N CYS A 269 3.30 -18.20 0.65
CA CYS A 269 4.67 -17.72 0.82
C CYS A 269 5.01 -16.67 -0.23
N THR A 270 4.52 -16.85 -1.46
CA THR A 270 4.74 -15.83 -2.48
C THR A 270 4.11 -14.51 -2.09
N ALA A 271 2.88 -14.54 -1.56
CA ALA A 271 2.22 -13.31 -1.13
C ALA A 271 2.99 -12.65 0.01
N LEU A 272 3.43 -13.45 0.99
CA LEU A 272 4.20 -12.90 2.10
C LEU A 272 5.50 -12.27 1.61
N LEU A 273 6.19 -12.94 0.68
CA LEU A 273 7.42 -12.40 0.12
C LEU A 273 7.17 -11.10 -0.62
N VAL A 274 6.06 -11.03 -1.37
CA VAL A 274 5.72 -9.80 -2.08
C VAL A 274 5.51 -8.66 -1.09
N ALA A 275 4.77 -8.91 -0.01
CA ALA A 275 4.54 -7.87 0.98
C ALA A 275 5.85 -7.43 1.63
N VAL A 276 6.70 -8.38 2.01
CA VAL A 276 7.95 -8.04 2.67
C VAL A 276 8.85 -7.23 1.74
N VAL A 277 8.94 -7.64 0.47
CA VAL A 277 9.77 -6.92 -0.49
C VAL A 277 9.23 -5.52 -0.73
N ALA A 278 7.90 -5.37 -0.77
CA ALA A 278 7.32 -4.06 -0.94
C ALA A 278 7.64 -3.15 0.24
N ARG A 279 7.62 -3.70 1.46
CA ARG A 279 7.90 -2.87 2.63
C ARG A 279 9.38 -2.53 2.76
N LYS A 280 10.27 -3.46 2.39
CA LYS A 280 11.67 -3.35 2.79
C LYS A 280 12.35 -2.13 2.18
N LEU A 281 12.27 -1.98 0.86
CA LEU A 281 13.11 -1.00 0.16
C LEU A 281 12.37 0.32 0.02
N GLU A 282 12.95 1.38 0.59
CA GLU A 282 12.45 2.75 0.46
C GLU A 282 13.41 3.73 1.12
N PHE A 283 13.42 4.98 0.65
CA PHE A 283 14.13 6.04 1.35
C PHE A 283 13.44 6.39 2.66
N ASN A 284 14.23 6.82 3.63
CA ASN A 284 13.72 7.41 4.85
C ASN A 284 13.90 8.92 4.81
N LYS A 285 13.38 9.60 5.84
CA LYS A 285 13.37 11.05 5.84
C LYS A 285 14.77 11.63 5.82
N ALA A 286 15.68 11.04 6.60
CA ALA A 286 17.02 11.60 6.74
C ALA A 286 17.77 11.65 5.42
N GLU A 287 17.49 10.73 4.50
CA GLU A 287 18.10 10.76 3.19
C GLU A 287 17.28 11.50 2.15
N LYS A 288 15.96 11.50 2.28
CA LYS A 288 15.12 12.27 1.36
C LYS A 288 15.44 13.76 1.46
N HIS A 289 15.58 14.27 2.70
CA HIS A 289 15.88 15.69 2.86
C HIS A 289 17.24 16.04 2.25
N VAL A 290 18.24 15.19 2.46
CA VAL A 290 19.57 15.43 1.90
C VAL A 290 19.51 15.42 0.37
N HIS A 291 18.78 14.44 -0.19
CA HIS A 291 18.67 14.37 -1.65
C HIS A 291 18.01 15.62 -2.21
N ASN A 292 16.92 16.07 -1.60
CA ASN A 292 16.25 17.28 -2.07
C ASN A 292 17.16 18.49 -1.98
N PHE A 293 17.85 18.64 -0.84
CA PHE A 293 18.72 19.80 -0.64
C PHE A 293 19.86 19.81 -1.66
N MET A 294 20.44 18.65 -1.95
CA MET A 294 21.55 18.59 -2.88
C MET A 294 21.12 18.55 -4.34
N MET A 295 19.84 18.32 -4.62
CA MET A 295 19.33 18.48 -5.98
C MET A 295 18.92 19.91 -6.29
N ASP A 296 18.48 20.66 -5.27
CA ASP A 296 18.09 22.05 -5.49
C ASP A 296 19.28 22.87 -6.01
N ILE A 297 20.47 22.66 -5.44
CA ILE A 297 21.65 23.40 -5.88
C ILE A 297 21.99 23.09 -7.32
N GLN A 298 21.90 21.81 -7.71
CA GLN A 298 22.19 21.44 -9.09
C GLN A 298 21.19 22.08 -10.06
N TYR A 299 19.91 22.08 -9.70
CA TYR A 299 18.92 22.73 -10.56
C TYR A 299 19.16 24.24 -10.65
N THR A 300 19.53 24.87 -9.53
CA THR A 300 19.83 26.29 -9.55
C THR A 300 21.03 26.60 -10.45
N LYS A 301 22.06 25.75 -10.41
CA LYS A 301 23.20 25.96 -11.30
C LYS A 301 22.82 25.75 -12.76
N GLU A 302 22.03 24.72 -13.04
CA GLU A 302 21.64 24.43 -14.42
C GLU A 302 20.80 25.56 -15.01
N MET A 303 19.89 26.12 -14.23
CA MET A 303 19.07 27.22 -14.73
C MET A 303 19.95 28.42 -15.08
N LYS A 304 20.91 28.74 -14.22
CA LYS A 304 21.79 29.88 -14.48
C LYS A 304 22.68 29.63 -15.68
N GLU A 305 23.15 28.40 -15.87
CA GLU A 305 23.91 28.09 -17.08
C GLU A 305 23.05 28.23 -18.33
N SER A 306 21.80 27.77 -18.27
CA SER A 306 20.94 27.79 -19.45
C SER A 306 20.52 29.22 -19.80
N ALA A 307 20.34 30.07 -18.79
CA ALA A 307 19.85 31.43 -19.05
C ALA A 307 20.92 32.36 -19.63
N ALA A 308 22.09 31.87 -20.03
CA ALA A 308 23.09 32.72 -20.67
C ALA A 308 23.19 32.50 -22.17
N ARG A 309 22.93 31.29 -22.66
CA ARG A 309 22.93 31.03 -24.09
C ARG A 309 21.84 31.81 -24.81
N VAL A 310 20.70 32.02 -24.17
CA VAL A 310 19.64 32.81 -24.80
C VAL A 310 20.18 34.19 -25.19
N LEU A 311 20.81 34.87 -24.24
CA LEU A 311 21.37 36.19 -24.52
C LEU A 311 22.55 36.09 -25.48
N GLN A 312 23.37 35.05 -25.36
CA GLN A 312 24.56 34.95 -26.19
C GLN A 312 24.19 34.84 -27.67
N GLU A 313 23.32 33.88 -28.01
CA GLU A 313 22.88 33.79 -29.40
C GLU A 313 21.97 34.94 -29.81
N ALA A 314 21.24 35.56 -28.88
CA ALA A 314 20.47 36.75 -29.25
C ALA A 314 21.40 37.86 -29.73
N TRP A 315 22.45 38.14 -28.95
CA TRP A 315 23.40 39.18 -29.33
C TRP A 315 24.15 38.81 -30.59
N MET A 316 24.53 37.53 -30.74
CA MET A 316 25.25 37.12 -31.94
C MET A 316 24.38 37.26 -33.18
N PHE A 317 23.10 36.88 -33.08
CA PHE A 317 22.19 37.06 -34.21
C PHE A 317 21.98 38.54 -34.52
N TYR A 318 21.91 39.38 -33.48
CA TYR A 318 21.80 40.82 -33.70
C TYR A 318 23.01 41.35 -34.46
N LYS A 319 24.21 40.92 -34.07
CA LYS A 319 25.42 41.35 -34.78
C LYS A 319 25.41 40.87 -36.22
N HIS A 320 25.04 39.60 -36.45
CA HIS A 320 25.08 39.05 -37.79
C HIS A 320 24.05 39.70 -38.71
N THR A 321 22.86 40.03 -38.18
CA THR A 321 21.90 40.77 -38.98
C THR A 321 22.28 42.24 -39.11
N ARG A 322 23.10 42.78 -38.21
CA ARG A 322 23.66 44.10 -38.42
C ARG A 322 24.64 44.10 -39.59
N ARG A 323 25.46 43.06 -39.71
CA ARG A 323 26.35 42.92 -40.86
C ARG A 323 25.65 42.31 -42.07
N LYS A 324 24.42 41.81 -41.90
CA LYS A 324 23.60 41.31 -43.01
C LYS A 324 24.28 40.14 -43.73
N GLU A 325 24.60 39.10 -42.97
CA GLU A 325 25.17 37.90 -43.57
C GLU A 325 24.12 37.13 -44.37
N SER A 326 22.86 37.17 -43.93
CA SER A 326 21.72 36.55 -44.63
C SER A 326 21.83 35.03 -44.70
N HIS A 327 22.88 34.45 -44.14
CA HIS A 327 22.99 33.00 -44.04
C HIS A 327 23.44 32.53 -42.66
N ALA A 328 23.90 33.42 -41.80
CA ALA A 328 24.19 33.09 -40.42
C ALA A 328 23.17 33.63 -39.44
N ALA A 329 22.48 34.72 -39.78
CA ALA A 329 21.40 35.23 -38.96
C ALA A 329 20.26 34.21 -38.90
N ARG A 330 19.93 33.62 -40.04
CA ARG A 330 18.87 32.61 -40.10
C ARG A 330 19.30 31.33 -39.40
N ARG A 331 20.60 31.09 -39.32
CA ARG A 331 21.13 29.94 -38.61
C ARG A 331 21.12 30.14 -37.10
N HIS A 332 21.43 31.35 -36.64
CA HIS A 332 21.43 31.65 -35.21
C HIS A 332 20.05 32.01 -34.67
N GLN A 333 19.08 32.28 -35.53
CA GLN A 333 17.70 32.39 -35.09
C GLN A 333 17.07 31.03 -34.83
N ARG A 334 17.73 29.95 -35.23
CA ARG A 334 17.26 28.60 -34.97
C ARG A 334 17.76 28.05 -33.63
N LYS A 335 18.80 28.66 -33.07
CA LYS A 335 19.34 28.22 -31.78
C LYS A 335 18.69 28.93 -30.61
N LEU A 336 18.25 30.17 -30.80
CA LEU A 336 17.55 30.89 -29.74
C LEU A 336 16.24 30.19 -29.38
N LEU A 337 15.50 29.74 -30.39
CA LEU A 337 14.21 29.08 -30.17
C LEU A 337 14.37 27.73 -29.48
N ALA A 338 15.54 27.13 -29.54
CA ALA A 338 15.81 25.90 -28.80
C ALA A 338 16.37 26.18 -27.41
N ALA A 339 17.16 27.23 -27.26
CA ALA A 339 17.64 27.63 -25.94
C ALA A 339 16.48 28.04 -25.05
N ILE A 340 15.46 28.68 -25.62
CA ILE A 340 14.29 29.04 -24.83
C ILE A 340 13.57 27.79 -24.31
N ASN A 341 13.43 26.78 -25.17
CA ASN A 341 12.78 25.54 -24.73
C ASN A 341 13.62 24.84 -23.66
N ALA A 342 14.94 24.81 -23.83
CA ALA A 342 15.81 24.21 -22.83
C ALA A 342 15.69 24.94 -21.50
N PHE A 343 15.56 26.26 -21.54
CA PHE A 343 15.32 27.03 -20.33
C PHE A 343 13.98 26.66 -19.69
N ARG A 344 12.94 26.49 -20.52
CA ARG A 344 11.62 26.17 -19.99
C ARG A 344 11.61 24.82 -19.28
N GLN A 345 12.30 23.82 -19.84
CA GLN A 345 12.31 22.50 -19.22
C GLN A 345 12.93 22.56 -17.81
N VAL A 346 14.07 23.23 -17.69
CA VAL A 346 14.73 23.36 -16.39
C VAL A 346 13.85 24.16 -15.43
N ARG A 347 13.20 25.21 -15.94
CA ARG A 347 12.30 25.99 -15.09
C ARG A 347 11.19 25.11 -14.51
N LEU A 348 10.57 24.30 -15.36
CA LEU A 348 9.49 23.43 -14.90
C LEU A 348 9.98 22.40 -13.90
N LYS A 349 11.15 21.80 -14.16
CA LYS A 349 11.68 20.81 -13.23
C LYS A 349 11.99 21.44 -11.87
N HIS A 350 12.60 22.63 -11.88
CA HIS A 350 12.91 23.31 -10.63
C HIS A 350 11.64 23.67 -9.87
N ARG A 351 10.60 24.13 -10.58
CA ARG A 351 9.35 24.45 -9.91
C ARG A 351 8.72 23.21 -9.29
N LYS A 352 8.74 22.09 -10.00
CA LYS A 352 8.18 20.86 -9.45
C LYS A 352 8.95 20.40 -8.21
N LEU A 353 10.29 20.47 -8.26
CA LEU A 353 11.06 20.07 -7.09
C LEU A 353 10.81 21.00 -5.91
N ARG A 354 10.69 22.30 -6.17
CA ARG A 354 10.39 23.24 -5.09
C ARG A 354 9.04 22.96 -4.47
N GLU A 355 8.03 22.66 -5.31
CA GLU A 355 6.72 22.31 -4.78
C GLU A 355 6.78 21.04 -3.94
N GLN A 356 7.51 20.04 -4.40
CA GLN A 356 7.65 18.81 -3.62
C GLN A 356 8.33 19.08 -2.29
N VAL A 357 9.39 19.90 -2.29
CA VAL A 357 10.08 20.22 -1.04
C VAL A 357 9.14 20.96 -0.09
N ASN A 358 8.39 21.93 -0.60
CA ASN A 358 7.43 22.64 0.22
C ASN A 358 6.32 21.73 0.73
N SER A 359 6.02 20.65 0.02
CA SER A 359 4.99 19.70 0.46
C SER A 359 5.56 18.53 1.24
N MET A 360 6.79 18.11 0.96
CA MET A 360 7.39 17.00 1.69
C MET A 360 7.58 17.34 3.16
N VAL A 361 8.00 18.58 3.45
CA VAL A 361 8.20 19.01 4.84
C VAL A 361 6.85 19.52 5.32
N ASP A 362 6.01 18.59 5.76
CA ASP A 362 4.71 18.93 6.33
C ASP A 362 4.38 18.09 7.56
N ILE A 363 5.21 17.12 7.94
CA ILE A 363 4.99 16.34 9.13
C ILE A 363 5.62 16.97 10.37
N SER A 364 6.61 17.84 10.19
CA SER A 364 7.20 18.58 11.29
C SER A 364 7.05 20.09 11.15
N LYS A 365 6.62 20.58 9.98
CA LYS A 365 6.38 22.02 9.83
C LYS A 365 5.25 22.47 10.76
N MET A 366 4.19 21.67 10.87
CA MET A 366 3.11 22.01 11.79
C MET A 366 3.62 22.05 13.22
N HIS A 367 4.44 21.08 13.62
CA HIS A 367 5.03 21.08 14.95
C HIS A 367 5.83 22.35 15.19
N MET A 368 6.68 22.71 14.23
CA MET A 368 7.54 23.88 14.40
C MET A 368 6.72 25.16 14.52
N ILE A 369 5.74 25.33 13.64
CA ILE A 369 4.96 26.57 13.64
C ILE A 369 4.07 26.64 14.89
N LEU A 370 3.51 25.50 15.32
CA LEU A 370 2.71 25.51 16.54
C LEU A 370 3.56 25.79 17.76
N TYR A 371 4.80 25.27 17.80
CA TYR A 371 5.71 25.60 18.89
C TYR A 371 6.04 27.08 18.89
N ASP A 372 6.26 27.67 17.72
CA ASP A 372 6.53 29.10 17.64
C ASP A 372 5.33 29.91 18.13
N LEU A 373 4.12 29.49 17.74
CA LEU A 373 2.92 30.18 18.19
C LEU A 373 2.75 30.08 19.71
N GLN A 374 3.02 28.89 20.28
CA GLN A 374 2.94 28.72 21.72
C GLN A 374 3.97 29.58 22.44
N GLN A 375 5.18 29.67 21.89
CA GLN A 375 6.21 30.52 22.48
C GLN A 375 5.79 31.99 22.43
N ASN A 376 5.20 32.42 21.31
CA ASN A 376 4.70 33.79 21.22
C ASN A 376 3.59 34.05 22.23
N LEU A 377 2.68 33.09 22.39
CA LEU A 377 1.59 33.24 23.34
C LEU A 377 2.11 33.19 24.77
N SER A 378 1.52 34.02 25.63
CA SER A 378 1.88 34.09 27.05
C SER A 378 3.38 34.38 27.23
N LEU B 1 44.54 20.39 9.14
CA LEU B 1 45.25 20.29 7.86
C LEU B 1 46.41 19.31 7.95
N GLY B 2 47.12 19.13 6.86
CA GLY B 2 48.23 18.18 6.79
C GLY B 2 47.80 16.77 6.45
N ALA B 3 46.84 16.24 7.19
CA ALA B 3 46.27 14.93 6.91
C ALA B 3 45.07 15.00 5.99
N LEU B 4 44.72 16.20 5.52
CA LEU B 4 43.63 16.35 4.55
C LEU B 4 44.13 16.32 3.12
N ARG B 5 45.36 16.75 2.88
CA ARG B 5 45.94 16.67 1.55
C ARG B 5 46.32 15.24 1.18
N ARG B 6 46.69 14.43 2.16
CA ARG B 6 47.09 13.05 1.93
C ARG B 6 45.89 12.11 1.81
N ARG B 7 44.70 12.55 2.18
CA ARG B 7 43.49 11.76 1.99
C ARG B 7 42.92 11.87 0.59
N LYS B 8 43.31 12.89 -0.17
CA LYS B 8 42.88 13.04 -1.55
C LYS B 8 43.85 12.41 -2.54
N ARG B 9 44.97 11.85 -2.06
CA ARG B 9 45.93 11.17 -2.89
C ARG B 9 45.91 9.67 -2.69
N LEU B 10 45.94 9.22 -1.43
CA LEU B 10 45.84 7.81 -1.11
C LEU B 10 44.47 7.23 -1.44
N LEU B 11 43.48 8.08 -1.69
CA LEU B 11 42.16 7.61 -2.12
C LEU B 11 42.00 7.66 -3.64
N GLU B 12 42.75 8.54 -4.32
CA GLU B 12 42.79 8.49 -5.77
C GLU B 12 43.66 7.34 -6.26
N GLN B 13 44.68 6.95 -5.50
CA GLN B 13 45.45 5.77 -5.86
C GLN B 13 44.69 4.47 -5.65
N GLU B 14 43.54 4.51 -4.98
CA GLU B 14 42.65 3.36 -4.87
C GLU B 14 41.51 3.42 -5.88
N LYS B 15 41.51 4.43 -6.75
CA LYS B 15 40.54 4.52 -7.84
C LYS B 15 41.09 3.99 -9.16
N SER B 16 42.40 4.06 -9.36
CA SER B 16 43.05 3.46 -10.51
C SER B 16 43.58 2.06 -10.22
N LEU B 17 43.41 1.57 -8.99
CA LEU B 17 43.78 0.21 -8.63
C LEU B 17 42.58 -0.69 -8.40
N ALA B 18 41.40 -0.11 -8.14
CA ALA B 18 40.16 -0.88 -8.05
C ALA B 18 39.43 -0.94 -9.37
N GLY B 19 39.95 -0.31 -10.41
CA GLY B 19 39.36 -0.37 -11.72
C GLY B 19 40.24 -1.13 -12.70
N TRP B 20 41.55 -1.14 -12.44
CA TRP B 20 42.49 -1.91 -13.23
C TRP B 20 42.58 -3.36 -12.75
N ALA B 21 41.91 -3.71 -11.67
CA ALA B 21 41.72 -5.10 -11.28
C ALA B 21 40.39 -5.65 -11.77
N LEU B 22 39.61 -4.83 -12.49
CA LEU B 22 38.39 -5.27 -13.13
C LEU B 22 38.57 -5.54 -14.62
N VAL B 23 39.71 -5.17 -15.19
CA VAL B 23 40.04 -5.49 -16.57
C VAL B 23 40.76 -6.83 -16.66
N LEU B 24 41.73 -7.06 -15.78
CA LEU B 24 42.41 -8.34 -15.71
C LEU B 24 41.54 -9.43 -15.10
N ALA B 25 40.44 -9.08 -14.44
CA ALA B 25 39.46 -10.04 -13.97
C ALA B 25 38.32 -10.24 -14.97
N GLY B 26 38.33 -9.50 -16.08
CA GLY B 26 37.38 -9.69 -17.14
C GLY B 26 38.01 -10.42 -18.31
N THR B 27 39.30 -10.14 -18.55
CA THR B 27 40.04 -10.89 -19.57
C THR B 27 40.14 -12.36 -19.22
N GLY B 28 40.39 -12.68 -17.95
CA GLY B 28 40.48 -14.06 -17.52
C GLY B 28 39.18 -14.82 -17.62
N ILE B 29 38.05 -14.11 -17.58
CA ILE B 29 36.76 -14.76 -17.79
C ILE B 29 36.43 -14.86 -19.28
N GLY B 30 36.78 -13.84 -20.07
CA GLY B 30 36.54 -13.88 -21.50
C GLY B 30 37.40 -14.90 -22.23
N LEU B 31 38.57 -15.23 -21.70
CA LEU B 31 39.42 -16.25 -22.30
C LEU B 31 39.12 -17.64 -21.76
N MET B 32 38.10 -17.79 -20.93
CA MET B 32 37.63 -19.09 -20.48
C MET B 32 36.55 -19.66 -21.41
N VAL B 33 35.58 -18.83 -21.79
CA VAL B 33 34.56 -19.25 -22.73
C VAL B 33 35.18 -19.63 -24.07
N LEU B 34 36.18 -18.86 -24.51
CA LEU B 34 36.88 -19.17 -25.75
C LEU B 34 37.53 -20.55 -25.67
N HIS B 35 38.22 -20.83 -24.55
CA HIS B 35 38.85 -22.13 -24.39
C HIS B 35 37.83 -23.26 -24.38
N ALA B 36 36.71 -23.06 -23.67
CA ALA B 36 35.70 -24.11 -23.57
C ALA B 36 35.08 -24.41 -24.93
N GLU B 37 34.63 -23.37 -25.64
CA GLU B 37 33.98 -23.56 -26.93
C GLU B 37 34.96 -23.86 -28.05
N MET B 38 36.27 -23.72 -27.81
CA MET B 38 37.26 -24.20 -28.77
C MET B 38 37.62 -25.65 -28.53
N LEU B 39 37.66 -26.09 -27.28
CA LEU B 39 37.85 -27.51 -27.00
C LEU B 39 36.63 -28.32 -27.42
N TRP B 40 35.43 -27.77 -27.28
CA TRP B 40 34.22 -28.49 -27.68
C TRP B 40 34.15 -28.64 -29.20
N PHE B 41 34.15 -27.52 -29.92
CA PHE B 41 34.06 -27.55 -31.38
C PHE B 41 35.35 -28.02 -32.04
N GLY B 42 36.45 -28.09 -31.31
CA GLY B 42 37.71 -28.52 -31.88
C GLY B 42 38.07 -29.94 -31.50
N GLY B 43 38.97 -30.09 -30.53
CA GLY B 43 39.39 -31.40 -30.09
C GLY B 43 40.89 -31.52 -29.94
N CYS B 44 41.43 -32.70 -30.21
CA CYS B 44 42.88 -32.93 -30.12
C CYS B 44 43.64 -32.33 -31.31
N SER B 45 42.93 -31.92 -32.36
CA SER B 45 43.62 -31.31 -33.51
C SER B 45 44.29 -29.99 -33.12
N TRP B 46 43.59 -29.15 -32.34
CA TRP B 46 44.13 -27.87 -31.91
C TRP B 46 44.81 -28.00 -30.55
N ALA B 47 45.81 -28.87 -30.50
CA ALA B 47 46.56 -29.11 -29.28
C ALA B 47 47.66 -28.08 -29.05
N LEU B 48 47.91 -27.19 -30.02
CA LEU B 48 48.89 -26.14 -29.88
C LEU B 48 48.30 -24.82 -29.44
N TYR B 49 47.09 -24.49 -29.90
CA TYR B 49 46.44 -23.24 -29.52
C TYR B 49 45.79 -23.32 -28.15
N LEU B 50 45.64 -24.51 -27.57
CA LEU B 50 45.10 -24.66 -26.23
C LEU B 50 46.18 -24.61 -25.15
N PHE B 51 47.45 -24.57 -25.55
CA PHE B 51 48.55 -24.36 -24.62
C PHE B 51 48.94 -22.89 -24.50
N LEU B 52 48.29 -22.02 -25.26
CA LEU B 52 48.52 -20.58 -25.17
C LEU B 52 47.41 -19.87 -24.41
N VAL B 53 46.16 -20.25 -24.63
CA VAL B 53 45.05 -19.67 -23.87
C VAL B 53 45.16 -20.04 -22.40
N LYS B 54 45.48 -21.31 -22.12
CA LYS B 54 45.60 -21.76 -20.75
C LYS B 54 46.82 -21.20 -20.04
N CYS B 55 47.80 -20.67 -20.78
CA CYS B 55 48.90 -19.95 -20.18
C CYS B 55 48.61 -18.46 -20.02
N THR B 56 47.82 -17.89 -20.94
CA THR B 56 47.41 -16.50 -20.77
C THR B 56 46.47 -16.34 -19.58
N ILE B 57 45.58 -17.31 -19.35
CA ILE B 57 44.64 -17.24 -18.23
C ILE B 57 45.36 -17.56 -16.93
N SER B 58 46.65 -17.87 -17.02
CA SER B 58 47.50 -18.02 -15.84
C SER B 58 48.45 -16.86 -15.64
N ILE B 59 48.84 -16.17 -16.72
CA ILE B 59 49.64 -14.97 -16.60
C ILE B 59 48.77 -13.77 -16.20
N SER B 60 47.48 -13.78 -16.57
CA SER B 60 46.59 -12.69 -16.22
C SER B 60 46.09 -12.77 -14.78
N THR B 61 46.42 -13.83 -14.05
CA THR B 61 46.09 -13.93 -12.64
C THR B 61 47.20 -13.40 -11.74
N PHE B 62 48.45 -13.49 -12.19
CA PHE B 62 49.58 -12.91 -11.46
C PHE B 62 49.59 -11.40 -11.53
N LEU B 63 48.85 -10.79 -12.46
CA LEU B 63 48.70 -9.35 -12.52
C LEU B 63 47.46 -8.86 -11.80
N LEU B 64 46.69 -9.77 -11.20
CA LEU B 64 45.57 -9.44 -10.33
C LEU B 64 45.89 -9.71 -8.87
N LEU B 65 46.65 -10.77 -8.59
CA LEU B 65 47.14 -11.02 -7.25
C LEU B 65 48.14 -9.97 -6.80
N CYS B 66 48.77 -9.26 -7.75
CA CYS B 66 49.68 -8.18 -7.42
C CYS B 66 48.99 -6.82 -7.38
N LEU B 67 47.68 -6.76 -7.63
CA LEU B 67 46.91 -5.54 -7.46
C LEU B 67 45.97 -5.58 -6.26
N ILE B 68 45.43 -6.76 -5.94
CA ILE B 68 44.59 -6.88 -4.75
C ILE B 68 45.41 -6.57 -3.49
N VAL B 69 46.62 -7.15 -3.41
CA VAL B 69 47.48 -6.91 -2.26
C VAL B 69 47.96 -5.47 -2.20
N ALA B 70 48.05 -4.78 -3.35
CA ALA B 70 48.41 -3.37 -3.36
C ALA B 70 47.27 -2.48 -2.88
N PHE B 71 46.03 -2.78 -3.29
CA PHE B 71 44.88 -2.04 -2.77
C PHE B 71 44.75 -2.23 -1.26
N HIS B 72 44.91 -3.47 -0.80
CA HIS B 72 44.88 -3.75 0.63
C HIS B 72 46.12 -3.25 1.35
N ALA B 73 47.13 -2.76 0.62
CA ALA B 73 48.26 -2.10 1.22
C ALA B 73 48.13 -0.57 1.20
N LYS B 74 47.22 -0.04 0.38
CA LYS B 74 46.89 1.38 0.40
C LYS B 74 45.81 1.70 1.42
N GLU B 75 44.90 0.76 1.71
CA GLU B 75 43.89 1.01 2.73
C GLU B 75 44.48 1.06 4.14
N VAL B 76 45.48 0.24 4.44
CA VAL B 76 46.13 0.21 5.75
C VAL B 76 46.85 1.54 5.97
N GLN B 77 47.20 2.22 4.88
CA GLN B 77 47.80 3.54 4.98
C GLN B 77 46.79 4.67 5.12
N LEU B 78 45.55 4.47 4.67
CA LEU B 78 44.48 5.40 5.02
C LEU B 78 44.10 5.29 6.49
N PHE B 79 44.13 4.07 7.03
CA PHE B 79 43.85 3.91 8.46
C PHE B 79 44.84 4.70 9.32
N MET B 80 46.14 4.56 9.03
CA MET B 80 47.15 5.25 9.81
C MET B 80 47.12 6.76 9.58
N THR B 81 46.64 7.19 8.41
CA THR B 81 46.50 8.63 8.17
C THR B 81 45.34 9.20 8.97
N ASP B 82 44.21 8.50 8.98
CA ASP B 82 43.04 8.93 9.73
C ASP B 82 43.34 8.96 11.22
N ASN B 83 43.65 7.80 11.81
CA ASN B 83 43.98 7.74 13.23
C ASN B 83 45.50 7.89 13.38
N GLY B 84 45.92 8.89 14.16
CA GLY B 84 47.33 9.19 14.25
C GLY B 84 48.14 8.02 14.77
N LEU B 85 48.85 7.36 13.86
CA LEU B 85 49.61 6.14 14.16
C LEU B 85 50.89 6.17 13.36
N ARG B 86 51.89 5.45 13.85
CA ARG B 86 53.12 5.28 13.08
C ARG B 86 53.51 3.80 12.95
N ASP B 87 53.28 2.99 13.97
CA ASP B 87 53.61 1.57 13.93
C ASP B 87 52.48 0.85 13.21
N TRP B 88 52.77 0.26 12.05
CA TRP B 88 51.77 -0.44 11.27
C TRP B 88 51.29 -1.73 11.95
N ARG B 89 52.01 -2.22 12.96
CA ARG B 89 51.64 -3.47 13.60
C ARG B 89 50.31 -3.38 14.34
N VAL B 90 49.88 -2.17 14.70
CA VAL B 90 48.61 -2.00 15.42
C VAL B 90 47.46 -1.66 14.49
N ALA B 91 47.73 -1.09 13.32
CA ALA B 91 46.68 -0.76 12.37
C ALA B 91 46.12 -1.97 11.63
N LEU B 92 46.75 -3.13 11.77
CA LEU B 92 46.29 -4.35 11.12
C LEU B 92 45.49 -5.18 12.11
N THR B 93 44.22 -5.39 11.80
CA THR B 93 43.32 -6.12 12.70
C THR B 93 43.52 -7.63 12.52
N GLY B 94 42.66 -8.43 13.15
CA GLY B 94 42.75 -9.87 13.06
C GLY B 94 41.78 -10.47 12.06
N ARG B 95 40.86 -9.64 11.55
CA ARG B 95 39.91 -10.09 10.55
C ARG B 95 40.27 -9.64 9.14
N GLN B 96 40.96 -8.51 9.00
CA GLN B 96 41.46 -8.11 7.68
C GLN B 96 42.50 -9.09 7.17
N ALA B 97 43.32 -9.64 8.08
CA ALA B 97 44.33 -10.62 7.69
C ALA B 97 43.71 -11.94 7.22
N ALA B 98 42.45 -12.21 7.57
CA ALA B 98 41.74 -13.35 7.02
C ALA B 98 40.94 -13.01 5.78
N GLN B 99 40.42 -11.78 5.69
CA GLN B 99 39.74 -11.35 4.48
C GLN B 99 40.70 -11.31 3.30
N ILE B 100 41.94 -10.88 3.53
CA ILE B 100 42.93 -10.84 2.46
C ILE B 100 43.21 -12.25 1.95
N VAL B 101 43.37 -13.22 2.87
CA VAL B 101 43.64 -14.59 2.46
C VAL B 101 42.45 -15.18 1.71
N LEU B 102 41.23 -14.90 2.18
CA LEU B 102 40.05 -15.38 1.48
C LEU B 102 39.98 -14.79 0.08
N GLU B 103 40.28 -13.50 -0.07
CA GLU B 103 40.26 -12.87 -1.38
C GLU B 103 41.31 -13.48 -2.31
N LEU B 104 42.52 -13.70 -1.79
CA LEU B 104 43.57 -14.29 -2.62
C LEU B 104 43.28 -15.75 -2.98
N VAL B 105 42.53 -16.46 -2.14
CA VAL B 105 42.13 -17.83 -2.49
C VAL B 105 41.03 -17.81 -3.54
N VAL B 106 40.05 -16.91 -3.40
CA VAL B 106 38.94 -16.88 -4.35
C VAL B 106 39.41 -16.40 -5.73
N CYS B 107 40.32 -15.43 -5.76
CA CYS B 107 40.81 -14.87 -7.00
C CYS B 107 42.03 -15.61 -7.55
N GLY B 108 42.23 -16.86 -7.17
CA GLY B 108 43.34 -17.63 -7.65
C GLY B 108 42.97 -19.02 -8.13
N LEU B 109 41.78 -19.16 -8.70
CA LEU B 109 41.26 -20.44 -9.16
C LEU B 109 41.15 -20.39 -10.69
N HIS B 110 42.09 -21.04 -11.36
CA HIS B 110 42.14 -21.08 -12.81
C HIS B 110 42.61 -22.46 -13.26
N PRO B 111 42.25 -22.87 -14.48
CA PRO B 111 42.77 -24.14 -15.04
C PRO B 111 44.22 -24.02 -15.48
N ALA B 112 45.12 -24.21 -14.53
CA ALA B 112 46.54 -24.07 -14.80
C ALA B 112 47.00 -25.11 -15.84
N PRO B 113 47.96 -24.75 -16.69
CA PRO B 113 48.43 -25.69 -17.74
C PRO B 113 49.39 -26.74 -17.20
N VAL B 114 48.82 -27.81 -16.66
CA VAL B 114 49.60 -28.91 -16.11
C VAL B 114 49.78 -29.98 -17.19
N ARG B 115 49.43 -29.63 -18.43
CA ARG B 115 49.56 -30.56 -19.55
C ARG B 115 49.69 -29.80 -20.87
N PRO B 134 37.86 -36.14 -27.62
CA PRO B 134 37.88 -35.69 -26.22
C PRO B 134 37.40 -34.25 -26.08
N GLY B 135 36.15 -33.98 -26.46
CA GLY B 135 35.58 -32.66 -26.37
C GLY B 135 34.96 -32.31 -25.04
N PHE B 136 35.06 -33.20 -24.05
CA PHE B 136 34.47 -32.98 -22.73
C PHE B 136 35.54 -32.47 -21.78
N LEU B 137 35.23 -31.39 -21.07
CA LEU B 137 36.09 -30.94 -19.99
C LEU B 137 36.06 -31.94 -18.84
N GLY B 138 37.22 -32.19 -18.25
CA GLY B 138 37.28 -33.10 -17.11
C GLY B 138 36.55 -32.53 -15.91
N GLN B 139 36.22 -33.44 -14.98
CA GLN B 139 35.51 -33.02 -13.78
C GLN B 139 36.37 -32.14 -12.88
N GLY B 140 37.69 -32.17 -13.03
CA GLY B 140 38.56 -31.32 -12.25
C GLY B 140 38.70 -29.93 -12.84
N GLU B 141 38.36 -29.78 -14.11
CA GLU B 141 38.41 -28.48 -14.77
C GLU B 141 37.06 -27.82 -14.91
N ALA B 142 35.98 -28.59 -14.99
CA ALA B 142 34.65 -28.02 -15.12
C ALA B 142 34.21 -27.26 -13.89
N LEU B 143 34.87 -27.47 -12.74
CA LEU B 143 34.60 -26.68 -11.55
C LEU B 143 35.59 -25.53 -11.37
N LEU B 144 36.86 -25.74 -11.73
CA LEU B 144 37.83 -24.64 -11.68
C LEU B 144 37.46 -23.53 -12.66
N SER B 145 36.95 -23.88 -13.84
CA SER B 145 36.48 -22.85 -14.77
C SER B 145 35.28 -22.12 -14.22
N LEU B 146 34.26 -22.87 -13.77
CA LEU B 146 33.06 -22.23 -13.24
C LEU B 146 33.29 -21.48 -11.94
N ALA B 147 34.44 -21.67 -11.30
CA ALA B 147 34.79 -20.90 -10.11
C ALA B 147 35.31 -19.51 -10.46
N MET B 148 35.57 -19.23 -11.73
CA MET B 148 36.01 -17.89 -12.12
C MET B 148 34.89 -16.86 -11.93
N LEU B 149 33.64 -17.28 -12.01
CA LEU B 149 32.52 -16.36 -11.91
C LEU B 149 32.37 -15.75 -10.52
N LEU B 150 33.09 -16.27 -9.52
CA LEU B 150 33.09 -15.65 -8.20
C LEU B 150 33.85 -14.34 -8.17
N ARG B 151 34.57 -13.99 -9.25
CA ARG B 151 35.30 -12.73 -9.35
C ARG B 151 34.39 -11.53 -9.55
N LEU B 152 33.08 -11.68 -9.44
CA LEU B 152 32.14 -10.59 -9.67
C LEU B 152 31.86 -9.77 -8.42
N TYR B 153 32.52 -10.07 -7.31
CA TYR B 153 32.40 -9.25 -6.11
C TYR B 153 33.21 -7.97 -6.17
N LEU B 154 34.01 -7.80 -7.22
CA LEU B 154 34.81 -6.59 -7.41
C LEU B 154 34.03 -5.45 -8.04
N VAL B 155 32.79 -5.68 -8.43
CA VAL B 155 32.00 -4.67 -9.15
C VAL B 155 31.54 -3.56 -8.20
N PRO B 156 30.89 -3.87 -7.07
CA PRO B 156 30.47 -2.76 -6.18
C PRO B 156 31.64 -1.93 -5.66
N ARG B 157 32.78 -2.57 -5.41
CA ARG B 157 33.96 -1.83 -4.94
C ARG B 157 34.42 -0.82 -5.98
N ALA B 158 34.44 -1.21 -7.25
CA ALA B 158 34.85 -0.29 -8.31
C ALA B 158 33.79 0.78 -8.56
N VAL B 159 32.51 0.43 -8.40
CA VAL B 159 31.45 1.41 -8.65
C VAL B 159 31.43 2.48 -7.57
N LEU B 160 31.61 2.08 -6.31
CA LEU B 160 31.49 3.04 -5.21
C LEU B 160 32.57 4.12 -5.29
N LEU B 161 33.81 3.72 -5.55
CA LEU B 161 34.91 4.69 -5.56
C LEU B 161 34.88 5.62 -6.75
N ARG B 162 34.11 5.30 -7.79
CA ARG B 162 34.06 6.13 -8.98
C ARG B 162 32.99 7.22 -8.90
N SER B 163 31.92 7.00 -8.15
CA SER B 163 30.87 7.99 -8.03
C SER B 163 31.39 9.25 -7.34
N GLY B 164 30.97 10.41 -7.85
CA GLY B 164 31.44 11.68 -7.32
C GLY B 164 30.69 12.16 -6.10
N VAL B 165 30.55 11.30 -5.09
CA VAL B 165 29.94 11.67 -3.82
C VAL B 165 30.82 11.34 -2.63
N LEU B 166 32.03 10.82 -2.85
CA LEU B 166 32.91 10.45 -1.77
C LEU B 166 33.94 11.52 -1.43
N LEU B 167 34.23 12.43 -2.36
CA LEU B 167 35.19 13.50 -2.13
C LEU B 167 34.60 14.88 -2.28
N ASN B 168 33.33 14.99 -2.65
CA ASN B 168 32.67 16.29 -2.81
C ASN B 168 32.47 16.91 -1.43
N ALA B 169 33.25 17.95 -1.12
CA ALA B 169 33.21 18.56 0.20
C ALA B 169 31.88 19.28 0.43
N SER B 170 31.14 19.54 -0.65
CA SER B 170 29.81 20.12 -0.55
C SER B 170 28.72 19.07 -0.36
N TYR B 171 29.05 17.79 -0.42
CA TYR B 171 28.06 16.72 -0.26
C TYR B 171 28.24 15.94 1.02
N ARG B 172 29.41 16.05 1.66
CA ARG B 172 29.68 15.43 2.96
C ARG B 172 29.58 16.45 4.09
N SER B 173 29.03 17.63 3.78
CA SER B 173 28.86 18.69 4.78
C SER B 173 27.38 18.84 5.10
N ILE B 174 26.53 18.30 4.22
CA ILE B 174 25.09 18.31 4.42
C ILE B 174 24.67 16.89 4.72
N GLY B 175 25.59 15.95 4.52
CA GLY B 175 25.37 14.57 4.86
C GLY B 175 25.96 14.23 6.21
N ALA B 176 26.57 15.22 6.85
CA ALA B 176 27.07 15.09 8.20
C ALA B 176 26.25 15.86 9.22
N LEU B 177 25.46 16.86 8.80
CA LEU B 177 24.49 17.52 9.66
C LEU B 177 23.23 16.70 9.85
N ASN B 178 23.11 15.58 9.14
CA ASN B 178 21.93 14.73 9.23
C ASN B 178 22.26 13.29 9.57
N GLN B 179 23.52 12.96 9.82
CA GLN B 179 23.97 11.63 10.23
C GLN B 179 23.57 10.56 9.20
N VAL B 180 24.15 10.71 8.01
CA VAL B 180 23.94 9.79 6.91
C VAL B 180 25.28 9.21 6.49
N ARG B 181 25.34 7.88 6.39
CA ARG B 181 26.53 7.18 5.92
C ARG B 181 26.30 6.75 4.48
N PHE B 182 27.29 6.99 3.62
CA PHE B 182 27.12 6.77 2.20
C PHE B 182 27.12 5.27 1.87
N ARG B 183 28.24 4.59 2.10
CA ARG B 183 28.33 3.15 1.90
C ARG B 183 27.91 2.72 0.50
N HIS B 184 27.61 1.43 0.33
CA HIS B 184 27.26 0.88 -0.97
C HIS B 184 25.75 0.89 -1.25
N TRP B 185 24.92 0.96 -0.22
CA TRP B 185 23.48 0.88 -0.43
C TRP B 185 22.86 2.21 -0.85
N PHE B 186 23.37 3.34 -0.33
CA PHE B 186 22.83 4.64 -0.71
C PHE B 186 23.03 4.90 -2.19
N VAL B 187 24.20 4.56 -2.72
CA VAL B 187 24.47 4.76 -4.14
C VAL B 187 23.57 3.88 -4.99
N ALA B 188 23.37 2.63 -4.57
CA ALA B 188 22.47 1.73 -5.31
C ALA B 188 21.05 2.26 -5.31
N LYS B 189 20.56 2.74 -4.17
CA LYS B 189 19.23 3.29 -4.10
C LYS B 189 19.10 4.55 -4.97
N LEU B 190 20.14 5.39 -4.97
CA LEU B 190 20.13 6.59 -5.81
C LEU B 190 20.05 6.21 -7.29
N TYR B 191 20.84 5.23 -7.70
CA TYR B 191 20.80 4.78 -9.09
C TYR B 191 19.45 4.18 -9.44
N MET B 192 18.87 3.41 -8.52
CA MET B 192 17.55 2.82 -8.77
C MET B 192 16.48 3.89 -8.91
N ASN B 193 16.51 4.92 -8.07
CA ASN B 193 15.49 5.95 -8.12
C ASN B 193 15.67 6.88 -9.31
N THR B 194 16.92 7.10 -9.74
CA THR B 194 17.17 8.00 -10.87
C THR B 194 16.55 7.46 -12.15
N HIS B 195 16.69 6.16 -12.40
CA HIS B 195 16.21 5.54 -13.63
C HIS B 195 16.00 4.04 -13.43
N PRO B 196 14.80 3.62 -13.00
CA PRO B 196 14.58 2.21 -12.64
C PRO B 196 14.56 1.26 -13.83
N GLY B 197 13.86 1.64 -14.89
CA GLY B 197 13.55 0.69 -15.94
C GLY B 197 14.76 0.16 -16.69
N ARG B 198 15.69 1.06 -17.05
CA ARG B 198 16.80 0.66 -17.91
C ARG B 198 17.70 -0.35 -17.19
N LEU B 199 18.00 -0.11 -15.92
CA LEU B 199 18.83 -1.06 -15.17
C LEU B 199 18.12 -2.38 -14.99
N LEU B 200 16.82 -2.35 -14.72
CA LEU B 200 16.06 -3.59 -14.54
C LEU B 200 16.10 -4.44 -15.81
N LEU B 201 15.80 -3.81 -16.96
CA LEU B 201 15.82 -4.58 -18.20
C LEU B 201 17.23 -5.04 -18.55
N GLY B 202 18.24 -4.21 -18.27
CA GLY B 202 19.61 -4.60 -18.57
C GLY B 202 20.04 -5.82 -17.77
N LEU B 203 19.76 -5.82 -16.46
CA LEU B 203 20.13 -6.97 -15.65
C LEU B 203 19.30 -8.19 -16.02
N THR B 204 18.02 -8.00 -16.34
CA THR B 204 17.17 -9.12 -16.71
C THR B 204 17.67 -9.80 -17.98
N LEU B 205 18.06 -9.01 -18.98
CA LEU B 205 18.58 -9.57 -20.22
C LEU B 205 20.05 -9.98 -20.13
N GLY B 206 20.78 -9.53 -19.12
CA GLY B 206 22.15 -9.97 -18.95
C GLY B 206 22.26 -11.23 -18.11
N LEU B 207 21.24 -11.53 -17.32
CA LEU B 207 21.22 -12.76 -16.55
C LEU B 207 20.67 -13.95 -17.34
N TRP B 208 20.06 -13.71 -18.50
CA TRP B 208 19.55 -14.77 -19.35
C TRP B 208 20.59 -15.29 -20.32
N LEU B 209 21.78 -14.71 -20.35
CA LEU B 209 22.86 -15.16 -21.22
C LEU B 209 23.99 -15.86 -20.47
N THR B 210 24.27 -15.46 -19.22
CA THR B 210 25.25 -16.17 -18.42
C THR B 210 24.72 -17.51 -17.95
N THR B 211 23.47 -17.53 -17.47
CA THR B 211 22.86 -18.78 -17.03
C THR B 211 22.70 -19.76 -18.17
N ALA B 212 22.36 -19.26 -19.36
CA ALA B 212 22.19 -20.12 -20.52
C ALA B 212 23.48 -20.78 -20.96
N TRP B 213 24.64 -20.28 -20.52
CA TRP B 213 25.91 -20.95 -20.76
C TRP B 213 26.34 -21.81 -19.58
N VAL B 214 26.06 -21.36 -18.35
CA VAL B 214 26.39 -22.17 -17.18
C VAL B 214 25.62 -23.49 -17.19
N LEU B 215 24.37 -23.46 -17.66
CA LEU B 215 23.61 -24.70 -17.77
C LEU B 215 24.02 -25.52 -18.99
N SER B 216 24.40 -24.85 -20.09
CA SER B 216 24.82 -25.56 -21.28
C SER B 216 26.12 -26.31 -21.08
N VAL B 217 27.06 -25.75 -20.31
CA VAL B 217 28.28 -26.47 -19.99
C VAL B 217 28.00 -27.62 -19.03
N ALA B 218 26.82 -27.64 -18.41
CA ALA B 218 26.48 -28.67 -17.45
C ALA B 218 25.71 -29.83 -18.05
N GLU B 219 24.86 -29.59 -19.05
CA GLU B 219 24.02 -30.65 -19.59
C GLU B 219 24.28 -30.97 -21.06
N ARG B 220 25.38 -30.48 -21.64
CA ARG B 220 25.67 -30.77 -23.03
C ARG B 220 26.07 -32.23 -23.22
N GLN B 221 25.73 -32.77 -24.39
CA GLN B 221 26.11 -34.13 -24.77
C GLN B 221 26.43 -34.15 -26.26
N ALA B 222 27.19 -35.17 -26.67
CA ALA B 222 27.71 -35.26 -28.02
C ALA B 222 26.94 -36.23 -28.91
N VAL B 223 26.44 -37.32 -28.34
CA VAL B 223 25.79 -38.35 -29.16
C VAL B 223 24.53 -37.80 -29.81
N ASN B 224 23.69 -37.11 -29.05
CA ASN B 224 22.44 -36.56 -29.57
C ASN B 224 22.59 -35.16 -30.14
N ALA B 225 23.74 -34.52 -29.97
CA ALA B 225 23.97 -33.15 -30.42
C ALA B 225 22.92 -32.20 -29.87
N THR B 226 22.57 -32.39 -28.60
CA THR B 226 21.54 -31.61 -27.93
C THR B 226 22.05 -31.15 -26.57
N GLY B 227 21.45 -30.07 -26.07
CA GLY B 227 21.81 -29.52 -24.79
C GLY B 227 22.71 -28.31 -24.83
N HIS B 228 22.99 -27.76 -26.00
CA HIS B 228 23.85 -26.59 -26.13
C HIS B 228 23.02 -25.33 -25.97
N LEU B 229 23.60 -24.18 -26.35
CA LEU B 229 22.93 -22.90 -26.15
C LEU B 229 21.56 -22.84 -26.81
N SER B 230 21.39 -23.52 -27.95
CA SER B 230 20.11 -23.47 -28.65
C SER B 230 18.98 -24.12 -27.85
N ASP B 231 19.31 -25.10 -27.00
CA ASP B 231 18.32 -25.78 -26.18
C ASP B 231 18.25 -25.24 -24.76
N THR B 232 19.04 -24.23 -24.42
CA THR B 232 18.97 -23.59 -23.11
C THR B 232 18.47 -22.17 -23.15
N LEU B 233 18.71 -21.45 -24.25
CA LEU B 233 18.14 -20.11 -24.42
C LEU B 233 16.63 -20.15 -24.49
N TRP B 234 16.03 -21.31 -24.73
CA TRP B 234 14.60 -21.50 -24.66
C TRP B 234 14.12 -22.05 -23.33
N LEU B 235 14.95 -22.87 -22.66
CA LEU B 235 14.56 -23.45 -21.39
C LEU B 235 14.62 -22.43 -20.25
N ILE B 236 15.64 -21.58 -20.24
CA ILE B 236 15.84 -20.64 -19.14
C ILE B 236 14.71 -19.62 -19.03
N PRO B 237 14.27 -18.96 -20.10
CA PRO B 237 13.22 -17.93 -19.92
C PRO B 237 11.89 -18.48 -19.46
N ILE B 238 11.45 -19.62 -19.98
CA ILE B 238 10.16 -20.19 -19.57
C ILE B 238 10.21 -20.75 -18.16
N THR B 239 11.39 -21.10 -17.66
CA THR B 239 11.53 -21.44 -16.25
C THR B 239 11.52 -20.17 -15.39
N PHE B 240 12.16 -19.10 -15.87
CA PHE B 240 12.18 -17.84 -15.14
C PHE B 240 10.76 -17.28 -14.99
N LEU B 241 9.96 -17.38 -16.05
CA LEU B 241 8.59 -16.87 -16.04
C LEU B 241 7.59 -17.84 -15.43
N THR B 242 8.05 -19.01 -14.95
CA THR B 242 7.21 -20.01 -14.31
C THR B 242 6.09 -20.48 -15.24
N ILE B 243 6.46 -20.79 -16.49
CA ILE B 243 5.51 -21.40 -17.42
C ILE B 243 5.77 -22.89 -17.46
N GLY B 244 6.97 -23.30 -17.87
CA GLY B 244 7.35 -24.69 -17.80
C GLY B 244 6.54 -25.61 -18.69
N TYR B 245 6.72 -25.50 -20.01
CA TYR B 245 6.00 -26.38 -20.92
C TYR B 245 6.32 -27.85 -20.64
N GLY B 246 7.59 -28.22 -20.76
CA GLY B 246 7.99 -29.57 -20.42
C GLY B 246 8.53 -30.38 -21.58
N ASP B 247 8.75 -29.74 -22.72
CA ASP B 247 9.33 -30.44 -23.87
C ASP B 247 10.82 -30.70 -23.66
N VAL B 248 11.53 -29.76 -23.04
CA VAL B 248 12.94 -29.93 -22.70
C VAL B 248 13.10 -29.74 -21.21
N VAL B 249 13.74 -30.71 -20.56
CA VAL B 249 13.95 -30.67 -19.10
C VAL B 249 15.36 -31.11 -18.79
N PRO B 250 15.92 -30.60 -17.70
CA PRO B 250 17.28 -31.02 -17.30
C PRO B 250 17.32 -32.49 -16.93
N GLY B 251 18.47 -33.10 -17.18
CA GLY B 251 18.64 -34.52 -16.93
C GLY B 251 19.80 -34.90 -16.03
N THR B 252 20.47 -33.89 -15.46
CA THR B 252 21.60 -34.12 -14.58
C THR B 252 21.39 -33.40 -13.26
N MET B 253 22.06 -33.91 -12.22
CA MET B 253 21.92 -33.31 -10.90
C MET B 253 22.44 -31.88 -10.86
N TRP B 254 23.47 -31.58 -11.65
CA TRP B 254 24.01 -30.23 -11.69
C TRP B 254 23.19 -29.29 -12.58
N GLY B 255 22.27 -29.84 -13.38
CA GLY B 255 21.40 -29.02 -14.20
C GLY B 255 20.04 -28.80 -13.54
N LYS B 256 19.77 -29.54 -12.47
CA LYS B 256 18.53 -29.41 -11.72
C LYS B 256 18.64 -28.43 -10.56
N ILE B 257 19.82 -27.87 -10.31
CA ILE B 257 20.01 -26.85 -9.30
C ILE B 257 19.96 -25.45 -9.90
N VAL B 258 20.50 -25.29 -11.11
CA VAL B 258 20.42 -24.01 -11.80
C VAL B 258 18.98 -23.66 -12.13
N CYS B 259 18.21 -24.66 -12.56
CA CYS B 259 16.79 -24.45 -12.87
C CYS B 259 15.98 -24.11 -11.64
N LEU B 260 16.39 -24.60 -10.46
CA LEU B 260 15.75 -24.21 -9.21
C LEU B 260 16.17 -22.83 -8.74
N CYS B 261 17.41 -22.45 -8.98
CA CYS B 261 17.86 -21.11 -8.64
C CYS B 261 17.23 -20.05 -9.52
N THR B 262 16.93 -20.37 -10.78
CA THR B 262 16.34 -19.38 -11.68
C THR B 262 14.92 -19.01 -11.29
N GLY B 263 14.12 -19.99 -10.84
CA GLY B 263 12.74 -19.69 -10.48
C GLY B 263 12.62 -18.75 -9.30
N VAL B 264 13.53 -18.89 -8.33
CA VAL B 264 13.50 -18.01 -7.16
C VAL B 264 13.77 -16.57 -7.59
N MET B 265 14.76 -16.37 -8.47
CA MET B 265 15.02 -15.02 -8.98
C MET B 265 13.84 -14.51 -9.79
N GLY B 266 13.15 -15.38 -10.54
CA GLY B 266 11.97 -14.94 -11.26
C GLY B 266 10.88 -14.45 -10.33
N VAL B 267 10.63 -15.20 -9.26
CA VAL B 267 9.62 -14.78 -8.27
C VAL B 267 10.03 -13.47 -7.62
N CYS B 268 11.30 -13.33 -7.27
CA CYS B 268 11.77 -12.10 -6.66
C CYS B 268 11.63 -10.91 -7.60
N CYS B 269 11.93 -11.11 -8.89
CA CYS B 269 11.77 -10.04 -9.86
C CYS B 269 10.31 -9.65 -10.01
N THR B 270 9.40 -10.63 -10.00
CA THR B 270 7.98 -10.30 -10.04
C THR B 270 7.55 -9.51 -8.81
N ALA B 271 8.06 -9.89 -7.64
CA ALA B 271 7.73 -9.16 -6.41
C ALA B 271 8.26 -7.73 -6.46
N LEU B 272 9.46 -7.54 -7.03
CA LEU B 272 9.96 -6.18 -7.21
C LEU B 272 9.13 -5.41 -8.22
N LEU B 273 8.66 -6.08 -9.26
CA LEU B 273 7.96 -5.39 -10.35
C LEU B 273 6.57 -4.93 -9.94
N VAL B 274 5.88 -5.72 -9.11
CA VAL B 274 4.48 -5.40 -8.81
C VAL B 274 4.38 -4.06 -8.06
N ALA B 275 5.27 -3.84 -7.09
CA ALA B 275 5.22 -2.59 -6.33
C ALA B 275 5.51 -1.39 -7.21
N VAL B 276 6.53 -1.49 -8.08
CA VAL B 276 6.85 -0.39 -8.98
C VAL B 276 5.70 -0.10 -9.92
N VAL B 277 5.08 -1.15 -10.46
CA VAL B 277 3.94 -0.96 -11.36
C VAL B 277 2.79 -0.28 -10.63
N ALA B 278 2.55 -0.66 -9.37
CA ALA B 278 1.50 -0.01 -8.59
C ALA B 278 1.83 1.46 -8.35
N ARG B 279 3.09 1.77 -8.06
CA ARG B 279 3.44 3.15 -7.71
C ARG B 279 3.49 4.08 -8.93
N LYS B 280 3.88 3.58 -10.10
CA LYS B 280 4.18 4.48 -11.23
C LYS B 280 2.95 5.29 -11.64
N LEU B 281 1.81 4.63 -11.83
CA LEU B 281 0.63 5.30 -12.37
C LEU B 281 -0.23 5.83 -11.22
N GLU B 282 -0.38 7.16 -11.17
CA GLU B 282 -1.23 7.84 -10.20
C GLU B 282 -1.25 9.32 -10.54
N PHE B 283 -2.38 9.96 -10.26
CA PHE B 283 -2.46 11.41 -10.35
C PHE B 283 -1.62 12.06 -9.25
N ASN B 284 -0.97 13.17 -9.60
CA ASN B 284 -0.25 13.96 -8.61
C ASN B 284 -1.19 15.00 -8.02
N LYS B 285 -0.65 15.84 -7.12
CA LYS B 285 -1.46 16.87 -6.49
C LYS B 285 -1.86 17.96 -7.47
N ALA B 286 -1.10 18.14 -8.55
CA ALA B 286 -1.38 19.24 -9.48
C ALA B 286 -2.60 18.97 -10.34
N GLU B 287 -2.89 17.70 -10.65
CA GLU B 287 -3.96 17.37 -11.57
C GLU B 287 -5.27 16.98 -10.87
N LYS B 288 -5.18 16.45 -9.64
CA LYS B 288 -6.40 16.12 -8.91
C LYS B 288 -7.25 17.36 -8.65
N HIS B 289 -6.61 18.46 -8.25
CA HIS B 289 -7.34 19.69 -7.99
C HIS B 289 -7.99 20.23 -9.27
N VAL B 290 -7.28 20.15 -10.39
CA VAL B 290 -7.85 20.60 -11.67
C VAL B 290 -9.06 19.76 -12.04
N HIS B 291 -8.95 18.43 -11.90
CA HIS B 291 -10.07 17.55 -12.23
C HIS B 291 -11.26 17.82 -11.32
N ASN B 292 -11.02 18.01 -10.02
CA ASN B 292 -12.11 18.29 -9.09
C ASN B 292 -12.77 19.63 -9.40
N PHE B 293 -11.97 20.64 -9.76
CA PHE B 293 -12.53 21.96 -10.07
C PHE B 293 -13.31 21.93 -11.37
N MET B 294 -12.91 21.09 -12.33
CA MET B 294 -13.61 21.05 -13.61
C MET B 294 -14.77 20.06 -13.62
N MET B 295 -14.90 19.21 -12.59
CA MET B 295 -16.03 18.29 -12.54
C MET B 295 -17.28 18.95 -11.97
N ASP B 296 -17.11 19.83 -10.98
CA ASP B 296 -18.27 20.40 -10.31
C ASP B 296 -19.05 21.36 -11.21
N ILE B 297 -18.38 22.01 -12.15
CA ILE B 297 -19.08 22.86 -13.11
C ILE B 297 -20.02 22.02 -13.97
N GLN B 298 -19.51 20.88 -14.46
CA GLN B 298 -20.35 19.98 -15.25
C GLN B 298 -21.50 19.44 -14.42
N TYR B 299 -21.23 19.09 -13.15
CA TYR B 299 -22.29 18.57 -12.30
C TYR B 299 -23.36 19.64 -12.04
N THR B 300 -22.94 20.89 -11.83
CA THR B 300 -23.90 21.97 -11.64
C THR B 300 -24.75 22.18 -12.89
N LYS B 301 -24.11 22.13 -14.07
CA LYS B 301 -24.86 22.27 -15.31
C LYS B 301 -25.87 21.13 -15.46
N GLU B 302 -25.45 19.90 -15.15
CA GLU B 302 -26.35 18.76 -15.28
C GLU B 302 -27.52 18.87 -14.30
N MET B 303 -27.25 19.31 -13.07
CA MET B 303 -28.34 19.47 -12.11
C MET B 303 -29.32 20.55 -12.54
N LYS B 304 -28.80 21.69 -13.03
CA LYS B 304 -29.68 22.77 -13.46
C LYS B 304 -30.48 22.37 -14.70
N GLU B 305 -29.92 21.51 -15.54
CA GLU B 305 -30.65 21.01 -16.71
C GLU B 305 -31.71 20.00 -16.31
N SER B 306 -31.39 19.11 -15.35
CA SER B 306 -32.33 18.08 -14.95
C SER B 306 -33.49 18.67 -14.14
N ALA B 307 -33.24 19.72 -13.37
CA ALA B 307 -34.30 20.34 -12.60
C ALA B 307 -35.27 21.13 -13.46
N ALA B 308 -35.07 21.19 -14.78
CA ALA B 308 -36.01 21.81 -15.69
C ALA B 308 -36.88 20.81 -16.41
N ARG B 309 -36.59 19.51 -16.31
CA ARG B 309 -37.43 18.47 -16.87
C ARG B 309 -38.49 17.98 -15.88
N VAL B 310 -38.56 18.56 -14.69
CA VAL B 310 -39.57 18.22 -13.71
C VAL B 310 -40.77 19.16 -13.82
N LEU B 311 -40.52 20.46 -13.82
CA LEU B 311 -41.60 21.44 -13.89
C LEU B 311 -42.33 21.36 -15.23
N GLN B 312 -41.59 21.11 -16.31
CA GLN B 312 -42.23 21.03 -17.62
C GLN B 312 -43.26 19.93 -17.67
N GLU B 313 -42.92 18.75 -17.15
CA GLU B 313 -43.89 17.64 -17.11
C GLU B 313 -44.99 17.91 -16.10
N ALA B 314 -44.65 18.51 -14.95
CA ALA B 314 -45.68 18.82 -13.96
C ALA B 314 -46.68 19.84 -14.47
N TRP B 315 -46.30 20.67 -15.43
CA TRP B 315 -47.20 21.63 -16.03
C TRP B 315 -47.96 21.06 -17.23
N MET B 316 -47.29 20.24 -18.05
CA MET B 316 -47.97 19.60 -19.16
C MET B 316 -49.04 18.62 -18.68
N PHE B 317 -48.74 17.86 -17.64
CA PHE B 317 -49.74 16.96 -17.06
C PHE B 317 -50.89 17.74 -16.47
N TYR B 318 -50.60 18.89 -15.85
CA TYR B 318 -51.66 19.75 -15.33
C TYR B 318 -52.57 20.25 -16.45
N LYS B 319 -51.98 20.67 -17.56
CA LYS B 319 -52.79 21.11 -18.70
C LYS B 319 -53.63 19.97 -19.25
N HIS B 320 -53.04 18.78 -19.39
CA HIS B 320 -53.75 17.67 -20.00
C HIS B 320 -54.87 17.14 -19.10
N THR B 321 -54.68 17.19 -17.78
CA THR B 321 -55.78 16.84 -16.88
C THR B 321 -56.80 17.97 -16.76
N ARG B 322 -56.40 19.21 -17.08
CA ARG B 322 -57.39 20.29 -17.22
C ARG B 322 -58.28 20.05 -18.43
N ARG B 323 -57.71 19.58 -19.54
CA ARG B 323 -58.50 19.22 -20.70
C ARG B 323 -59.06 17.80 -20.62
N LYS B 324 -58.63 17.01 -19.63
CA LYS B 324 -59.16 15.68 -19.38
C LYS B 324 -58.97 14.76 -20.58
N GLU B 325 -57.71 14.59 -21.00
CA GLU B 325 -57.42 13.66 -22.08
C GLU B 325 -57.58 12.21 -21.63
N SER B 326 -57.28 11.92 -20.37
CA SER B 326 -57.46 10.60 -19.75
C SER B 326 -56.54 9.53 -20.37
N HIS B 327 -55.72 9.91 -21.34
CA HIS B 327 -54.73 9.00 -21.90
C HIS B 327 -53.36 9.63 -22.03
N ALA B 328 -53.24 10.95 -21.87
CA ALA B 328 -51.94 11.61 -21.84
C ALA B 328 -51.54 12.09 -20.45
N ALA B 329 -52.51 12.32 -19.55
CA ALA B 329 -52.18 12.63 -18.17
C ALA B 329 -51.47 11.45 -17.51
N ARG B 330 -51.99 10.24 -17.73
CA ARG B 330 -51.39 9.03 -17.17
C ARG B 330 -50.12 8.62 -17.87
N ARG B 331 -49.79 9.28 -18.99
CA ARG B 331 -48.50 9.11 -19.65
C ARG B 331 -47.46 10.14 -19.22
N HIS B 332 -47.89 11.37 -18.96
CA HIS B 332 -46.99 12.39 -18.42
C HIS B 332 -46.75 12.22 -16.92
N GLN B 333 -47.61 11.50 -16.22
CA GLN B 333 -47.34 11.16 -14.83
C GLN B 333 -46.29 10.06 -14.69
N ARG B 334 -45.95 9.37 -15.78
CA ARG B 334 -44.92 8.35 -15.77
C ARG B 334 -43.53 8.92 -16.03
N LYS B 335 -43.44 10.17 -16.49
CA LYS B 335 -42.15 10.82 -16.75
C LYS B 335 -41.68 11.68 -15.60
N LEU B 336 -42.61 12.26 -14.84
CA LEU B 336 -42.24 13.04 -13.66
C LEU B 336 -41.53 12.17 -12.62
N LEU B 337 -42.03 10.94 -12.42
CA LEU B 337 -41.46 10.05 -11.43
C LEU B 337 -40.08 9.55 -11.82
N ALA B 338 -39.72 9.63 -13.10
CA ALA B 338 -38.37 9.29 -13.55
C ALA B 338 -37.45 10.51 -13.55
N ALA B 339 -38.00 11.68 -13.88
CA ALA B 339 -37.21 12.91 -13.79
C ALA B 339 -36.79 13.18 -12.35
N ILE B 340 -37.67 12.89 -11.39
CA ILE B 340 -37.31 13.06 -9.98
C ILE B 340 -36.18 12.11 -9.60
N ASN B 341 -36.23 10.86 -10.07
CA ASN B 341 -35.16 9.92 -9.78
C ASN B 341 -33.84 10.37 -10.39
N ALA B 342 -33.86 10.85 -11.63
CA ALA B 342 -32.64 11.34 -12.25
C ALA B 342 -32.08 12.54 -11.48
N PHE B 343 -32.96 13.44 -11.04
CA PHE B 343 -32.52 14.56 -10.22
C PHE B 343 -31.86 14.09 -8.93
N ARG B 344 -32.45 13.06 -8.31
CA ARG B 344 -31.86 12.51 -7.10
C ARG B 344 -30.46 11.96 -7.35
N GLN B 345 -30.29 11.22 -8.44
CA GLN B 345 -28.97 10.67 -8.75
C GLN B 345 -27.96 11.80 -8.96
N VAL B 346 -28.35 12.83 -9.70
CA VAL B 346 -27.42 13.93 -9.98
C VAL B 346 -27.03 14.65 -8.69
N ARG B 347 -28.00 14.94 -7.82
CA ARG B 347 -27.67 15.67 -6.60
C ARG B 347 -26.84 14.80 -5.66
N LEU B 348 -27.09 13.49 -5.63
CA LEU B 348 -26.25 12.62 -4.79
C LEU B 348 -24.81 12.60 -5.28
N LYS B 349 -24.61 12.49 -6.60
CA LYS B 349 -23.24 12.52 -7.13
C LYS B 349 -22.56 13.85 -6.82
N HIS B 350 -23.30 14.96 -6.98
CA HIS B 350 -22.71 16.26 -6.70
C HIS B 350 -22.34 16.40 -5.23
N ARG B 351 -23.20 15.93 -4.34
CA ARG B 351 -22.90 16.00 -2.91
C ARG B 351 -21.67 15.16 -2.57
N LYS B 352 -21.56 13.96 -3.15
CA LYS B 352 -20.40 13.13 -2.90
C LYS B 352 -19.11 13.81 -3.37
N LEU B 353 -19.14 14.39 -4.57
CA LEU B 353 -17.95 15.06 -5.07
C LEU B 353 -17.61 16.28 -4.22
N ARG B 354 -18.61 17.03 -3.78
CA ARG B 354 -18.36 18.19 -2.93
C ARG B 354 -17.75 17.77 -1.60
N GLU B 355 -18.24 16.67 -1.02
CA GLU B 355 -17.65 16.16 0.21
C GLU B 355 -16.21 15.75 0.01
N GLN B 356 -15.92 15.07 -1.11
CA GLN B 356 -14.54 14.68 -1.39
C GLN B 356 -13.64 15.91 -1.56
N VAL B 357 -14.13 16.94 -2.25
CA VAL B 357 -13.34 18.15 -2.44
C VAL B 357 -13.08 18.83 -1.11
N ASN B 358 -14.11 18.93 -0.26
CA ASN B 358 -13.94 19.57 1.04
C ASN B 358 -13.08 18.75 1.98
N SER B 359 -12.95 17.45 1.75
CA SER B 359 -12.12 16.59 2.59
C SER B 359 -10.72 16.36 2.01
N MET B 360 -10.57 16.39 0.69
CA MET B 360 -9.25 16.20 0.09
C MET B 360 -8.31 17.34 0.44
N VAL B 361 -8.82 18.57 0.47
CA VAL B 361 -8.00 19.75 0.79
C VAL B 361 -8.01 19.86 2.32
N ASP B 362 -7.12 19.09 2.95
CA ASP B 362 -6.96 19.14 4.40
C ASP B 362 -5.51 19.09 4.84
N ILE B 363 -4.55 19.06 3.91
CA ILE B 363 -3.13 19.08 4.27
C ILE B 363 -2.58 20.49 4.28
N SER B 364 -2.87 21.26 3.24
CA SER B 364 -2.53 22.69 3.21
C SER B 364 -3.63 23.56 3.79
N LYS B 365 -4.84 23.02 3.97
CA LYS B 365 -5.92 23.79 4.58
C LYS B 365 -5.56 24.16 6.02
N MET B 366 -4.97 23.23 6.76
CA MET B 366 -4.55 23.53 8.14
C MET B 366 -3.49 24.62 8.15
N HIS B 367 -2.53 24.55 7.21
CA HIS B 367 -1.51 25.59 7.11
C HIS B 367 -2.15 26.95 6.82
N MET B 368 -3.11 26.98 5.90
CA MET B 368 -3.76 28.24 5.55
C MET B 368 -4.53 28.82 6.72
N ILE B 369 -5.28 27.97 7.44
CA ILE B 369 -6.05 28.44 8.58
C ILE B 369 -5.14 28.97 9.68
N LEU B 370 -4.06 28.24 9.97
CA LEU B 370 -3.16 28.68 11.04
C LEU B 370 -2.42 29.96 10.64
N TYR B 371 -2.07 30.09 9.35
CA TYR B 371 -1.43 31.33 8.89
C TYR B 371 -2.40 32.50 8.99
N ASP B 372 -3.67 32.28 8.66
CA ASP B 372 -4.66 33.34 8.80
C ASP B 372 -4.82 33.73 10.27
N LEU B 373 -4.85 32.75 11.18
CA LEU B 373 -4.95 33.05 12.60
C LEU B 373 -3.73 33.83 13.08
N GLN B 374 -2.55 33.46 12.59
CA GLN B 374 -1.33 34.17 12.97
C GLN B 374 -1.37 35.62 12.48
N GLN B 375 -1.71 35.81 11.21
CA GLN B 375 -1.81 37.17 10.67
C GLN B 375 -2.90 37.98 11.35
N ASN B 376 -3.92 37.32 11.92
CA ASN B 376 -4.98 38.05 12.59
C ASN B 376 -4.59 38.45 14.00
N LEU B 377 -4.06 37.52 14.79
CA LEU B 377 -3.81 37.78 16.21
C LEU B 377 -2.39 37.50 16.68
N SER B 378 -1.67 36.57 16.07
CA SER B 378 -0.33 36.19 16.51
C SER B 378 -0.30 35.78 17.98
N LEU C 1 -5.15 39.68 -30.64
CA LEU C 1 -5.87 38.72 -31.47
C LEU C 1 -5.20 38.57 -32.83
N GLY C 2 -5.98 38.16 -33.83
CA GLY C 2 -5.45 37.95 -35.17
C GLY C 2 -4.84 36.58 -35.34
N ALA C 3 -3.92 36.21 -34.45
CA ALA C 3 -3.31 34.90 -34.45
C ALA C 3 -4.10 33.88 -33.64
N LEU C 4 -5.22 34.28 -33.05
CA LEU C 4 -6.09 33.37 -32.34
C LEU C 4 -7.20 32.80 -33.20
N ARG C 5 -7.63 33.53 -34.23
CA ARG C 5 -8.61 32.99 -35.16
C ARG C 5 -8.00 31.99 -36.12
N ARG C 6 -6.73 32.18 -36.49
CA ARG C 6 -6.05 31.28 -37.41
C ARG C 6 -5.46 30.06 -36.72
N ARG C 7 -5.57 29.99 -35.39
CA ARG C 7 -5.17 28.78 -34.67
C ARG C 7 -6.32 27.82 -34.44
N LYS C 8 -7.56 28.29 -34.57
CA LYS C 8 -8.72 27.42 -34.50
C LYS C 8 -9.06 26.79 -35.84
N ARG C 9 -8.35 27.16 -36.90
CA ARG C 9 -8.59 26.61 -38.23
C ARG C 9 -7.49 25.64 -38.66
N LEU C 10 -6.23 26.02 -38.48
CA LEU C 10 -5.13 25.10 -38.76
C LEU C 10 -5.10 23.90 -37.81
N LEU C 11 -5.83 23.97 -36.70
CA LEU C 11 -5.93 22.86 -35.77
C LEU C 11 -7.16 22.01 -36.00
N GLU C 12 -8.20 22.56 -36.66
CA GLU C 12 -9.31 21.75 -37.12
C GLU C 12 -9.02 21.05 -38.43
N GLN C 13 -8.17 21.65 -39.28
CA GLN C 13 -7.73 20.96 -40.48
C GLN C 13 -6.76 19.83 -40.18
N GLU C 14 -6.27 19.73 -38.95
CA GLU C 14 -5.46 18.60 -38.51
C GLU C 14 -6.29 17.54 -37.80
N LYS C 15 -7.59 17.77 -37.63
CA LYS C 15 -8.48 16.78 -37.06
C LYS C 15 -9.17 15.93 -38.11
N SER C 16 -9.32 16.44 -39.33
CA SER C 16 -9.84 15.66 -40.44
C SER C 16 -8.73 15.06 -41.31
N LEU C 17 -7.47 15.32 -40.97
CA LEU C 17 -6.34 14.70 -41.66
C LEU C 17 -5.63 13.66 -40.80
N ALA C 18 -5.79 13.70 -39.49
CA ALA C 18 -5.28 12.65 -38.60
C ALA C 18 -6.30 11.57 -38.34
N GLY C 19 -7.52 11.70 -38.88
CA GLY C 19 -8.53 10.67 -38.75
C GLY C 19 -8.79 9.98 -40.08
N TRP C 20 -8.55 10.70 -41.17
CA TRP C 20 -8.65 10.13 -42.51
C TRP C 20 -7.38 9.43 -42.95
N ALA C 21 -6.32 9.51 -42.15
CA ALA C 21 -5.14 8.68 -42.33
C ALA C 21 -5.20 7.43 -41.47
N LEU C 22 -6.26 7.27 -40.68
CA LEU C 22 -6.52 6.05 -39.92
C LEU C 22 -7.53 5.14 -40.60
N VAL C 23 -8.18 5.61 -41.66
CA VAL C 23 -9.07 4.78 -42.46
C VAL C 23 -8.31 4.09 -43.59
N LEU C 24 -7.45 4.84 -44.28
CA LEU C 24 -6.60 4.26 -45.31
C LEU C 24 -5.48 3.41 -44.72
N ALA C 25 -5.17 3.56 -43.44
CA ALA C 25 -4.23 2.70 -42.75
C ALA C 25 -4.90 1.51 -42.07
N GLY C 26 -6.22 1.45 -42.10
CA GLY C 26 -6.95 0.29 -41.61
C GLY C 26 -7.39 -0.57 -42.77
N THR C 27 -7.76 0.07 -43.88
CA THR C 27 -8.09 -0.67 -45.09
C THR C 27 -6.90 -1.47 -45.60
N GLY C 28 -5.70 -0.92 -45.50
CA GLY C 28 -4.51 -1.66 -45.91
C GLY C 28 -4.28 -2.89 -45.05
N ILE C 29 -4.40 -2.75 -43.73
CA ILE C 29 -4.23 -3.89 -42.84
C ILE C 29 -5.34 -4.91 -43.03
N GLY C 30 -6.53 -4.46 -43.41
CA GLY C 30 -7.61 -5.39 -43.65
C GLY C 30 -7.55 -6.16 -44.94
N LEU C 31 -6.58 -5.86 -45.82
CA LEU C 31 -6.42 -6.58 -47.07
C LEU C 31 -5.27 -7.57 -47.06
N MET C 32 -4.24 -7.35 -46.24
CA MET C 32 -3.17 -8.34 -46.13
C MET C 32 -3.69 -9.65 -45.57
N VAL C 33 -4.59 -9.57 -44.57
CA VAL C 33 -5.17 -10.79 -44.00
C VAL C 33 -5.98 -11.53 -45.06
N LEU C 34 -6.78 -10.80 -45.83
CA LEU C 34 -7.56 -11.43 -46.89
C LEU C 34 -6.66 -12.08 -47.93
N HIS C 35 -5.59 -11.39 -48.33
CA HIS C 35 -4.67 -11.95 -49.31
C HIS C 35 -3.99 -13.21 -48.78
N ALA C 36 -3.56 -13.19 -47.52
CA ALA C 36 -2.90 -14.37 -46.95
C ALA C 36 -3.86 -15.56 -46.85
N GLU C 37 -5.06 -15.33 -46.30
CA GLU C 37 -6.01 -16.42 -46.13
C GLU C 37 -6.64 -16.86 -47.44
N MET C 38 -6.52 -16.07 -48.50
CA MET C 38 -6.95 -16.53 -49.82
C MET C 38 -5.86 -17.28 -50.55
N LEU C 39 -4.60 -16.88 -50.37
CA LEU C 39 -3.50 -17.66 -50.93
C LEU C 39 -3.37 -19.01 -50.25
N TRP C 40 -3.66 -19.07 -48.94
CA TRP C 40 -3.56 -20.35 -48.23
C TRP C 40 -4.66 -21.30 -48.67
N PHE C 41 -5.92 -20.91 -48.49
CA PHE C 41 -7.03 -21.78 -48.85
C PHE C 41 -7.25 -21.89 -50.35
N GLY C 42 -6.62 -21.03 -51.14
CA GLY C 42 -6.76 -21.07 -52.59
C GLY C 42 -5.57 -21.70 -53.28
N GLY C 43 -4.71 -20.87 -53.85
CA GLY C 43 -3.53 -21.35 -54.53
C GLY C 43 -3.29 -20.66 -55.86
N CYS C 44 -2.76 -21.39 -56.83
CA CYS C 44 -2.50 -20.84 -58.15
C CYS C 44 -3.76 -20.77 -59.02
N SER C 45 -4.86 -21.37 -58.57
CA SER C 45 -6.10 -21.32 -59.35
C SER C 45 -6.64 -19.90 -59.44
N TRP C 46 -6.62 -19.16 -58.33
CA TRP C 46 -7.14 -17.79 -58.30
C TRP C 46 -6.02 -16.82 -58.70
N ALA C 47 -5.62 -16.91 -59.97
CA ALA C 47 -4.58 -16.05 -60.52
C ALA C 47 -5.14 -14.73 -61.01
N LEU C 48 -6.39 -14.69 -61.45
CA LEU C 48 -7.02 -13.41 -61.81
C LEU C 48 -7.13 -12.51 -60.58
N TYR C 49 -7.51 -13.08 -59.45
CA TYR C 49 -7.45 -12.37 -58.17
C TYR C 49 -6.02 -12.44 -57.65
N LEU C 50 -5.82 -12.04 -56.39
CA LEU C 50 -4.50 -11.92 -55.77
C LEU C 50 -3.59 -10.93 -56.49
N PHE C 51 -4.14 -10.19 -57.45
CA PHE C 51 -3.46 -9.10 -58.14
C PHE C 51 -4.19 -7.78 -57.97
N LEU C 52 -5.52 -7.78 -58.10
CA LEU C 52 -6.31 -6.59 -57.81
C LEU C 52 -6.18 -6.20 -56.34
N VAL C 53 -6.09 -7.19 -55.45
CA VAL C 53 -5.94 -6.90 -54.02
C VAL C 53 -4.62 -6.18 -53.76
N LYS C 54 -3.53 -6.67 -54.38
CA LYS C 54 -2.23 -6.03 -54.18
C LYS C 54 -2.20 -4.64 -54.81
N CYS C 55 -2.86 -4.47 -55.96
CA CYS C 55 -2.96 -3.13 -56.56
C CYS C 55 -3.73 -2.18 -55.64
N THR C 56 -4.81 -2.66 -55.03
CA THR C 56 -5.57 -1.83 -54.09
C THR C 56 -4.73 -1.47 -52.88
N ILE C 57 -3.93 -2.41 -52.38
CA ILE C 57 -3.04 -2.12 -51.26
C ILE C 57 -2.04 -1.03 -51.64
N SER C 58 -1.47 -1.13 -52.83
CA SER C 58 -0.53 -0.10 -53.28
C SER C 58 -1.21 1.26 -53.42
N ILE C 59 -2.44 1.28 -53.93
CA ILE C 59 -3.17 2.54 -54.07
C ILE C 59 -3.44 3.15 -52.70
N SER C 60 -3.84 2.32 -51.72
CA SER C 60 -4.08 2.83 -50.38
C SER C 60 -2.81 3.38 -49.75
N THR C 61 -1.68 2.70 -49.94
CA THR C 61 -0.42 3.20 -49.42
C THR C 61 -0.07 4.54 -50.05
N PHE C 62 -0.27 4.67 -51.36
CA PHE C 62 0.00 5.94 -52.04
C PHE C 62 -0.93 7.05 -51.56
N LEU C 63 -2.18 6.73 -51.23
CA LEU C 63 -3.11 7.72 -50.72
C LEU C 63 -2.83 8.10 -49.26
N LEU C 64 -2.20 7.22 -48.50
CA LEU C 64 -1.77 7.53 -47.14
C LEU C 64 -0.50 8.38 -47.09
N LEU C 65 0.44 8.12 -48.02
CA LEU C 65 1.63 8.94 -48.10
C LEU C 65 1.33 10.37 -48.53
N CYS C 66 0.21 10.61 -49.19
CA CYS C 66 -0.19 11.95 -49.58
C CYS C 66 -0.97 12.67 -48.49
N LEU C 67 -1.32 11.99 -47.41
CA LEU C 67 -1.94 12.62 -46.26
C LEU C 67 -0.98 12.86 -45.10
N ILE C 68 0.01 11.98 -44.93
CA ILE C 68 0.97 12.17 -43.85
C ILE C 68 1.76 13.47 -44.06
N VAL C 69 2.23 13.70 -45.30
CA VAL C 69 3.00 14.91 -45.57
C VAL C 69 2.12 16.16 -45.46
N ALA C 70 0.84 16.06 -45.82
CA ALA C 70 -0.06 17.19 -45.65
C ALA C 70 -0.25 17.52 -44.18
N PHE C 71 -0.42 16.50 -43.34
CA PHE C 71 -0.53 16.73 -41.91
C PHE C 71 0.72 17.40 -41.35
N HIS C 72 1.89 16.92 -41.77
CA HIS C 72 3.13 17.53 -41.28
C HIS C 72 3.30 18.96 -41.77
N ALA C 73 2.90 19.27 -43.01
CA ALA C 73 2.93 20.65 -43.48
C ALA C 73 1.98 21.53 -42.67
N LYS C 74 0.78 21.04 -42.35
CA LYS C 74 -0.12 21.80 -41.50
C LYS C 74 0.47 22.03 -40.12
N GLU C 75 1.17 21.03 -39.58
CA GLU C 75 1.79 21.20 -38.26
C GLU C 75 2.93 22.21 -38.32
N VAL C 76 3.70 22.21 -39.42
CA VAL C 76 4.73 23.22 -39.60
C VAL C 76 4.11 24.62 -39.69
N GLN C 77 2.94 24.73 -40.31
CA GLN C 77 2.28 26.02 -40.46
C GLN C 77 1.82 26.62 -39.12
N LEU C 78 1.81 25.85 -38.04
CA LEU C 78 1.43 26.38 -36.74
C LEU C 78 2.57 27.07 -36.01
N PHE C 79 3.81 26.67 -36.26
CA PHE C 79 4.96 27.30 -35.60
C PHE C 79 5.05 28.77 -35.97
N MET C 80 4.88 29.09 -37.25
CA MET C 80 4.97 30.48 -37.70
C MET C 80 3.78 31.29 -37.21
N THR C 81 2.63 30.65 -36.99
CA THR C 81 1.48 31.36 -36.42
C THR C 81 1.72 31.67 -34.94
N ASP C 82 2.18 30.69 -34.18
CA ASP C 82 2.44 30.90 -32.76
C ASP C 82 3.54 31.93 -32.54
N ASN C 83 4.75 31.62 -33.01
CA ASN C 83 5.87 32.55 -32.88
C ASN C 83 5.85 33.50 -34.06
N GLY C 84 5.87 34.81 -33.79
CA GLY C 84 5.87 35.80 -34.84
C GLY C 84 7.04 35.61 -35.79
N LEU C 85 6.74 35.11 -36.99
CA LEU C 85 7.79 34.65 -37.90
C LEU C 85 7.16 34.34 -39.25
N ARG C 86 7.89 34.65 -40.31
CA ARG C 86 7.40 34.46 -41.67
C ARG C 86 8.26 33.53 -42.52
N ASP C 87 9.59 33.61 -42.39
CA ASP C 87 10.48 32.77 -43.18
C ASP C 87 10.37 31.33 -42.73
N TRP C 88 9.82 30.47 -43.59
CA TRP C 88 9.62 29.07 -43.23
C TRP C 88 10.93 28.30 -43.12
N ARG C 89 12.03 28.83 -43.66
CA ARG C 89 13.29 28.09 -43.66
C ARG C 89 13.84 27.86 -42.27
N VAL C 90 13.42 28.65 -41.28
CA VAL C 90 13.90 28.49 -39.92
C VAL C 90 12.93 27.72 -39.03
N ALA C 91 11.64 27.68 -39.39
CA ALA C 91 10.67 26.92 -38.61
C ALA C 91 10.86 25.42 -38.73
N LEU C 92 11.68 24.95 -39.66
CA LEU C 92 11.93 23.53 -39.86
C LEU C 92 13.23 23.16 -39.15
N THR C 93 13.13 22.31 -38.13
CA THR C 93 14.29 21.92 -37.33
C THR C 93 15.06 20.82 -38.06
N GLY C 94 16.05 20.25 -37.37
CA GLY C 94 16.86 19.18 -37.95
C GLY C 94 16.41 17.80 -37.54
N ARG C 95 15.49 17.73 -36.58
CA ARG C 95 14.93 16.46 -36.12
C ARG C 95 13.60 16.14 -36.76
N GLN C 96 12.79 17.16 -37.06
CA GLN C 96 11.53 16.93 -37.76
C GLN C 96 11.76 16.43 -39.18
N ALA C 97 12.81 16.89 -39.85
CA ALA C 97 13.13 16.43 -41.20
C ALA C 97 13.59 14.98 -41.22
N ALA C 98 13.99 14.41 -40.08
CA ALA C 98 14.26 13.00 -39.97
C ALA C 98 13.06 12.20 -39.48
N GLN C 99 12.24 12.80 -38.62
CA GLN C 99 11.00 12.15 -38.20
C GLN C 99 10.07 11.93 -39.39
N ILE C 100 9.99 12.91 -40.29
CA ILE C 100 9.14 12.77 -41.47
C ILE C 100 9.64 11.63 -42.35
N VAL C 101 10.95 11.54 -42.54
CA VAL C 101 11.52 10.47 -43.36
C VAL C 101 11.26 9.11 -42.72
N LEU C 102 11.44 9.02 -41.40
CA LEU C 102 11.16 7.76 -40.71
C LEU C 102 9.69 7.36 -40.84
N GLU C 103 8.79 8.35 -40.71
CA GLU C 103 7.37 8.05 -40.85
C GLU C 103 7.04 7.56 -42.25
N LEU C 104 7.60 8.21 -43.27
CA LEU C 104 7.34 7.79 -44.65
C LEU C 104 7.96 6.42 -44.96
N VAL C 105 9.07 6.08 -44.32
CA VAL C 105 9.64 4.74 -44.51
C VAL C 105 8.79 3.68 -43.83
N VAL C 106 8.33 3.95 -42.61
CA VAL C 106 7.53 2.97 -41.88
C VAL C 106 6.17 2.77 -42.55
N CYS C 107 5.57 3.85 -43.04
CA CYS C 107 4.24 3.78 -43.65
C CYS C 107 4.29 3.52 -45.15
N GLY C 108 5.36 2.89 -45.65
CA GLY C 108 5.47 2.59 -47.06
C GLY C 108 6.00 1.19 -47.32
N LEU C 109 5.73 0.26 -46.41
CA LEU C 109 6.19 -1.12 -46.52
C LEU C 109 4.97 -2.00 -46.78
N HIS C 110 4.80 -2.43 -48.02
CA HIS C 110 3.69 -3.26 -48.43
C HIS C 110 4.17 -4.27 -49.45
N PRO C 111 3.48 -5.40 -49.59
CA PRO C 111 3.83 -6.39 -50.64
C PRO C 111 3.36 -5.94 -52.03
N ALA C 112 4.21 -5.13 -52.67
CA ALA C 112 3.87 -4.56 -53.96
C ALA C 112 3.72 -5.67 -55.01
N PRO C 113 2.84 -5.46 -56.00
CA PRO C 113 2.63 -6.50 -57.04
C PRO C 113 3.70 -6.48 -58.13
N VAL C 114 4.81 -7.14 -57.85
CA VAL C 114 5.92 -7.21 -58.79
C VAL C 114 5.76 -8.47 -59.65
N ARG C 115 4.61 -9.11 -59.56
CA ARG C 115 4.33 -10.31 -60.33
C ARG C 115 2.84 -10.49 -60.56
N PRO C 134 3.22 -23.20 -53.29
CA PRO C 134 1.92 -22.71 -53.74
C PRO C 134 1.18 -21.92 -52.67
N GLY C 135 0.76 -22.61 -51.60
CA GLY C 135 0.03 -21.98 -50.53
C GLY C 135 0.86 -21.21 -49.52
N PHE C 136 2.19 -21.23 -49.66
CA PHE C 136 3.07 -20.53 -48.74
C PHE C 136 3.39 -19.14 -49.28
N LEU C 137 3.48 -18.17 -48.36
CA LEU C 137 3.75 -16.79 -48.76
C LEU C 137 5.15 -16.64 -49.34
N GLY C 138 6.17 -16.95 -48.56
CA GLY C 138 7.54 -16.80 -48.96
C GLY C 138 8.36 -16.29 -47.79
N GLN C 139 9.50 -15.66 -48.11
CA GLN C 139 10.36 -15.08 -47.10
C GLN C 139 10.40 -13.56 -47.13
N GLY C 140 10.12 -12.94 -48.27
CA GLY C 140 10.07 -11.50 -48.36
C GLY C 140 8.68 -10.96 -48.11
N GLU C 141 7.68 -11.59 -48.72
CA GLU C 141 6.30 -11.18 -48.48
C GLU C 141 5.87 -11.44 -47.04
N ALA C 142 6.35 -12.55 -46.45
CA ALA C 142 5.98 -12.88 -45.08
C ALA C 142 6.46 -11.85 -44.08
N LEU C 143 7.46 -11.04 -44.43
CA LEU C 143 7.91 -9.94 -43.58
C LEU C 143 7.34 -8.60 -44.02
N LEU C 144 7.19 -8.38 -45.32
CA LEU C 144 6.57 -7.14 -45.80
C LEU C 144 5.11 -7.04 -45.39
N SER C 145 4.44 -8.16 -45.16
CA SER C 145 3.07 -8.13 -44.70
C SER C 145 3.00 -7.87 -43.20
N LEU C 146 3.80 -8.61 -42.42
CA LEU C 146 3.81 -8.40 -40.97
C LEU C 146 4.42 -7.07 -40.57
N ALA C 147 5.11 -6.38 -41.48
CA ALA C 147 5.61 -5.04 -41.19
C ALA C 147 4.54 -3.97 -41.34
N MET C 148 3.35 -4.32 -41.80
CA MET C 148 2.26 -3.37 -41.93
C MET C 148 1.52 -3.15 -40.61
N LEU C 149 1.85 -3.92 -39.57
CA LEU C 149 1.25 -3.71 -38.25
C LEU C 149 1.92 -2.58 -37.48
N LEU C 150 3.03 -2.05 -37.99
CA LEU C 150 3.67 -0.89 -37.35
C LEU C 150 2.89 0.39 -37.58
N ARG C 151 1.84 0.37 -38.41
CA ARG C 151 0.98 1.52 -38.66
C ARG C 151 0.07 1.84 -37.50
N LEU C 152 0.25 1.20 -36.35
CA LEU C 152 -0.61 1.41 -35.19
C LEU C 152 -0.15 2.54 -34.30
N TYR C 153 0.90 3.27 -34.68
CA TYR C 153 1.32 4.44 -33.93
C TYR C 153 0.49 5.68 -34.24
N LEU C 154 -0.44 5.58 -35.20
CA LEU C 154 -1.30 6.69 -35.56
C LEU C 154 -2.52 6.80 -34.65
N VAL C 155 -2.72 5.87 -33.73
CA VAL C 155 -3.91 5.84 -32.88
C VAL C 155 -3.83 6.92 -31.80
N PRO C 156 -2.74 7.03 -31.01
CA PRO C 156 -2.72 8.07 -29.97
C PRO C 156 -2.87 9.48 -30.52
N ARG C 157 -2.31 9.76 -31.68
CA ARG C 157 -2.44 11.08 -32.29
C ARG C 157 -3.90 11.42 -32.57
N ALA C 158 -4.63 10.51 -33.22
CA ALA C 158 -6.02 10.74 -33.53
C ALA C 158 -6.88 10.80 -32.28
N VAL C 159 -6.56 9.99 -31.27
CA VAL C 159 -7.32 10.03 -30.02
C VAL C 159 -7.12 11.37 -29.32
N LEU C 160 -5.88 11.86 -29.28
CA LEU C 160 -5.60 13.13 -28.62
C LEU C 160 -6.25 14.30 -29.35
N LEU C 161 -6.15 14.32 -30.68
CA LEU C 161 -6.67 15.46 -31.43
C LEU C 161 -8.20 15.52 -31.46
N ARG C 162 -8.88 14.47 -31.01
CA ARG C 162 -10.34 14.46 -31.04
C ARG C 162 -10.97 14.82 -29.70
N SER C 163 -10.29 14.59 -28.59
CA SER C 163 -10.86 14.88 -27.28
C SER C 163 -11.04 16.38 -27.10
N GLY C 164 -12.18 16.75 -26.51
CA GLY C 164 -12.50 18.16 -26.30
C GLY C 164 -11.95 18.74 -25.02
N VAL C 165 -10.64 18.59 -24.81
CA VAL C 165 -9.97 19.17 -23.65
C VAL C 165 -8.80 20.01 -24.13
N LEU C 166 -8.68 20.15 -25.45
CA LEU C 166 -7.58 20.89 -26.06
C LEU C 166 -7.98 22.26 -26.60
N LEU C 167 -9.24 22.44 -26.98
CA LEU C 167 -9.72 23.72 -27.48
C LEU C 167 -10.69 24.40 -26.53
N ASN C 168 -11.06 23.75 -25.42
CA ASN C 168 -12.00 24.32 -24.46
C ASN C 168 -11.32 25.45 -23.70
N ALA C 169 -11.68 26.70 -24.01
CA ALA C 169 -11.05 27.84 -23.39
C ALA C 169 -11.32 27.92 -21.89
N SER C 170 -12.40 27.30 -21.42
CA SER C 170 -12.70 27.26 -19.99
C SER C 170 -11.91 26.20 -19.26
N TYR C 171 -11.15 25.38 -19.97
CA TYR C 171 -10.39 24.28 -19.38
C TYR C 171 -8.89 24.54 -19.38
N ARG C 172 -8.36 25.12 -20.46
CA ARG C 172 -6.97 25.55 -20.46
C ARG C 172 -6.75 26.73 -19.53
N SER C 173 -7.76 27.59 -19.36
CA SER C 173 -7.65 28.72 -18.45
C SER C 173 -7.41 28.26 -17.01
N ILE C 174 -7.85 27.05 -16.66
CA ILE C 174 -7.58 26.49 -15.35
C ILE C 174 -6.36 25.57 -15.37
N GLY C 175 -6.10 24.87 -16.47
CA GLY C 175 -4.88 24.07 -16.57
C GLY C 175 -3.61 24.88 -16.59
N ALA C 176 -3.70 26.17 -16.94
CA ALA C 176 -2.54 27.05 -16.95
C ALA C 176 -2.27 27.68 -15.59
N LEU C 177 -3.32 27.91 -14.79
CA LEU C 177 -3.13 28.47 -13.46
C LEU C 177 -2.49 27.49 -12.48
N ASN C 178 -2.47 26.20 -12.81
CA ASN C 178 -1.85 25.19 -11.97
C ASN C 178 -0.62 24.57 -12.63
N GLN C 179 -0.22 25.08 -13.79
CA GLN C 179 0.94 24.58 -14.55
C GLN C 179 0.79 23.08 -14.84
N VAL C 180 -0.25 22.78 -15.60
CA VAL C 180 -0.52 21.42 -16.07
C VAL C 180 -0.52 21.43 -17.59
N ARG C 181 0.25 20.51 -18.18
CA ARG C 181 0.39 20.42 -19.62
C ARG C 181 -0.42 19.23 -20.13
N PHE C 182 -1.11 19.44 -21.25
CA PHE C 182 -2.05 18.47 -21.80
C PHE C 182 -1.34 17.65 -22.87
N ARG C 183 -1.11 16.38 -22.58
CA ARG C 183 -0.42 15.48 -23.50
C ARG C 183 -1.20 14.16 -23.55
N HIS C 184 -0.61 13.15 -24.20
CA HIS C 184 -1.26 11.86 -24.33
C HIS C 184 -1.45 11.14 -23.00
N TRP C 185 -0.47 11.22 -22.10
CA TRP C 185 -0.54 10.54 -20.82
C TRP C 185 -1.68 11.05 -19.94
N PHE C 186 -1.91 12.37 -19.94
CA PHE C 186 -3.01 12.92 -19.16
C PHE C 186 -4.35 12.37 -19.62
N VAL C 187 -4.57 12.34 -20.94
CA VAL C 187 -5.84 11.82 -21.47
C VAL C 187 -5.95 10.32 -21.21
N ALA C 188 -4.84 9.59 -21.32
CA ALA C 188 -4.86 8.16 -21.04
C ALA C 188 -5.23 7.89 -19.58
N LYS C 189 -4.65 8.65 -18.66
CA LYS C 189 -4.98 8.49 -17.25
C LYS C 189 -6.42 8.87 -16.97
N LEU C 190 -6.92 9.92 -17.62
CA LEU C 190 -8.32 10.30 -17.45
C LEU C 190 -9.25 9.19 -17.91
N TYR C 191 -8.97 8.61 -19.09
CA TYR C 191 -9.80 7.53 -19.60
C TYR C 191 -9.73 6.31 -18.69
N MET C 192 -8.53 6.00 -18.18
CA MET C 192 -8.40 4.86 -17.27
C MET C 192 -9.19 5.09 -15.99
N ASN C 193 -9.15 6.31 -15.45
CA ASN C 193 -9.84 6.59 -14.21
C ASN C 193 -11.35 6.63 -14.38
N THR C 194 -11.84 7.04 -15.56
CA THR C 194 -13.27 7.09 -15.78
C THR C 194 -13.91 5.70 -15.68
N HIS C 195 -13.53 4.80 -16.59
CA HIS C 195 -14.05 3.44 -16.61
C HIS C 195 -12.90 2.45 -16.79
N PRO C 196 -12.32 1.98 -15.67
CA PRO C 196 -11.12 1.13 -15.75
C PRO C 196 -11.35 -0.22 -16.41
N GLY C 197 -12.37 -0.95 -15.93
CA GLY C 197 -12.55 -2.33 -16.37
C GLY C 197 -12.87 -2.47 -17.84
N ARG C 198 -13.61 -1.52 -18.41
CA ARG C 198 -14.03 -1.64 -19.80
C ARG C 198 -12.84 -1.70 -20.75
N LEU C 199 -11.93 -0.73 -20.64
CA LEU C 199 -10.76 -0.70 -21.52
C LEU C 199 -9.85 -1.89 -21.27
N LEU C 200 -9.69 -2.29 -20.01
CA LEU C 200 -8.85 -3.44 -19.69
C LEU C 200 -9.38 -4.69 -20.38
N LEU C 201 -10.68 -4.97 -20.23
CA LEU C 201 -11.27 -6.14 -20.89
C LEU C 201 -11.17 -6.02 -22.40
N GLY C 202 -11.43 -4.83 -22.94
CA GLY C 202 -11.37 -4.66 -24.39
C GLY C 202 -9.99 -4.96 -24.96
N LEU C 203 -8.95 -4.40 -24.34
CA LEU C 203 -7.60 -4.64 -24.83
C LEU C 203 -7.18 -6.10 -24.59
N THR C 204 -7.59 -6.68 -23.46
CA THR C 204 -7.23 -8.06 -23.18
C THR C 204 -7.82 -9.01 -24.21
N LEU C 205 -9.09 -8.79 -24.59
CA LEU C 205 -9.74 -9.64 -25.57
C LEU C 205 -9.40 -9.25 -27.01
N GLY C 206 -8.84 -8.07 -27.24
CA GLY C 206 -8.42 -7.70 -28.58
C GLY C 206 -6.98 -8.06 -28.89
N LEU C 207 -6.19 -8.33 -27.84
CA LEU C 207 -4.81 -8.75 -28.04
C LEU C 207 -4.68 -10.27 -28.20
N TRP C 208 -5.72 -11.02 -27.87
CA TRP C 208 -5.72 -12.48 -28.04
C TRP C 208 -6.15 -12.91 -29.44
N LEU C 209 -6.53 -11.97 -30.30
CA LEU C 209 -6.92 -12.27 -31.66
C LEU C 209 -5.89 -11.84 -32.69
N THR C 210 -5.02 -10.88 -32.36
CA THR C 210 -3.97 -10.44 -33.27
C THR C 210 -2.74 -11.35 -33.18
N THR C 211 -2.26 -11.60 -31.96
CA THR C 211 -1.13 -12.51 -31.80
C THR C 211 -1.46 -13.92 -32.22
N ALA C 212 -2.72 -14.34 -32.04
CA ALA C 212 -3.15 -15.67 -32.46
C ALA C 212 -3.13 -15.85 -33.98
N TRP C 213 -3.05 -14.76 -34.74
CA TRP C 213 -2.83 -14.81 -36.18
C TRP C 213 -1.38 -14.57 -36.56
N VAL C 214 -0.69 -13.69 -35.83
CA VAL C 214 0.72 -13.45 -36.09
C VAL C 214 1.54 -14.72 -35.86
N LEU C 215 1.14 -15.54 -34.89
CA LEU C 215 1.80 -16.82 -34.67
C LEU C 215 1.34 -17.90 -35.64
N SER C 216 0.06 -17.86 -36.04
CA SER C 216 -0.45 -18.83 -37.00
C SER C 216 0.21 -18.66 -38.36
N VAL C 217 0.46 -17.43 -38.79
CA VAL C 217 1.17 -17.22 -40.05
C VAL C 217 2.64 -17.62 -39.91
N ALA C 218 3.12 -17.80 -38.68
CA ALA C 218 4.51 -18.14 -38.44
C ALA C 218 4.77 -19.64 -38.34
N GLU C 219 3.83 -20.42 -37.79
CA GLU C 219 4.07 -21.84 -37.57
C GLU C 219 3.09 -22.75 -38.31
N ARG C 220 2.39 -22.24 -39.31
CA ARG C 220 1.47 -23.07 -40.07
C ARG C 220 2.23 -24.03 -40.98
N GLN C 221 1.66 -25.23 -41.16
CA GLN C 221 2.21 -26.23 -42.07
C GLN C 221 1.06 -26.93 -42.78
N ALA C 222 1.37 -27.51 -43.93
CA ALA C 222 0.37 -28.11 -44.81
C ALA C 222 0.28 -29.63 -44.71
N VAL C 223 1.40 -30.29 -44.41
CA VAL C 223 1.41 -31.76 -44.40
C VAL C 223 0.51 -32.30 -43.31
N ASN C 224 0.65 -31.78 -42.09
CA ASN C 224 -0.14 -32.23 -40.95
C ASN C 224 -1.44 -31.46 -40.77
N ALA C 225 -1.65 -30.40 -41.55
CA ALA C 225 -2.85 -29.56 -41.43
C ALA C 225 -3.02 -29.04 -40.01
N THR C 226 -1.90 -28.65 -39.39
CA THR C 226 -1.89 -28.19 -38.01
C THR C 226 -1.11 -26.89 -37.91
N GLY C 227 -1.40 -26.12 -36.87
CA GLY C 227 -0.73 -24.86 -36.62
C GLY C 227 -1.50 -23.63 -37.03
N HIS C 228 -2.76 -23.77 -37.45
CA HIS C 228 -3.57 -22.64 -37.87
C HIS C 228 -4.26 -22.03 -36.64
N LEU C 229 -5.26 -21.18 -36.86
CA LEU C 229 -5.91 -20.46 -35.77
C LEU C 229 -6.48 -21.40 -34.72
N SER C 230 -6.94 -22.59 -35.12
CA SER C 230 -7.54 -23.51 -34.17
C SER C 230 -6.52 -24.02 -33.15
N ASP C 231 -5.25 -24.10 -33.54
CA ASP C 231 -4.20 -24.57 -32.65
C ASP C 231 -3.42 -23.44 -31.99
N THR C 232 -3.77 -22.18 -32.26
CA THR C 232 -3.15 -21.04 -31.61
C THR C 232 -4.08 -20.28 -30.67
N LEU C 233 -5.38 -20.28 -30.96
CA LEU C 233 -6.34 -19.67 -30.05
C LEU C 233 -6.40 -20.40 -28.71
N TRP C 234 -5.87 -21.62 -28.65
CA TRP C 234 -5.73 -22.36 -27.40
C TRP C 234 -4.34 -22.21 -26.79
N LEU C 235 -3.31 -22.06 -27.61
CA LEU C 235 -1.95 -21.94 -27.10
C LEU C 235 -1.69 -20.56 -26.49
N ILE C 236 -2.20 -19.51 -27.11
CA ILE C 236 -1.92 -18.13 -26.67
C ILE C 236 -2.46 -17.85 -25.27
N PRO C 237 -3.73 -18.18 -24.94
CA PRO C 237 -4.23 -17.81 -23.61
C PRO C 237 -3.55 -18.53 -22.46
N ILE C 238 -3.28 -19.83 -22.60
CA ILE C 238 -2.61 -20.57 -21.53
C ILE C 238 -1.16 -20.16 -21.36
N THR C 239 -0.53 -19.61 -22.40
CA THR C 239 0.78 -18.99 -22.23
C THR C 239 0.66 -17.63 -21.56
N PHE C 240 -0.38 -16.87 -21.89
CA PHE C 240 -0.60 -15.57 -21.28
C PHE C 240 -0.82 -15.69 -19.78
N LEU C 241 -1.59 -16.71 -19.37
CA LEU C 241 -1.88 -16.93 -17.95
C LEU C 241 -0.80 -17.75 -17.25
N THR C 242 0.25 -18.15 -17.97
CA THR C 242 1.38 -18.90 -17.41
C THR C 242 0.93 -20.23 -16.81
N ILE C 243 0.17 -21.00 -17.61
CA ILE C 243 -0.20 -22.35 -17.22
C ILE C 243 0.71 -23.33 -17.96
N GLY C 244 0.67 -23.28 -19.30
CA GLY C 244 1.57 -24.07 -20.10
C GLY C 244 1.40 -25.58 -19.94
N TYR C 245 0.30 -26.12 -20.43
CA TYR C 245 0.08 -27.56 -20.35
C TYR C 245 1.17 -28.32 -21.07
N GLY C 246 1.53 -27.87 -22.27
CA GLY C 246 2.61 -28.48 -23.02
C GLY C 246 2.20 -29.48 -24.08
N ASP C 247 0.91 -29.61 -24.37
CA ASP C 247 0.47 -30.50 -25.43
C ASP C 247 0.81 -29.95 -26.81
N VAL C 248 0.70 -28.63 -26.98
CA VAL C 248 1.08 -27.95 -28.22
C VAL C 248 2.13 -26.91 -27.88
N VAL C 249 3.25 -26.95 -28.60
CA VAL C 249 4.36 -26.02 -28.37
C VAL C 249 4.88 -25.53 -29.69
N PRO C 250 5.43 -24.31 -29.72
CA PRO C 250 6.01 -23.79 -30.97
C PRO C 250 7.22 -24.60 -31.40
N GLY C 251 7.43 -24.64 -32.72
CA GLY C 251 8.50 -25.45 -33.28
C GLY C 251 9.44 -24.68 -34.19
N THR C 252 9.26 -23.38 -34.30
CA THR C 252 10.10 -22.55 -35.15
C THR C 252 10.67 -21.39 -34.35
N MET C 253 11.83 -20.89 -34.78
CA MET C 253 12.50 -19.81 -34.07
C MET C 253 11.65 -18.55 -34.05
N TRP C 254 10.88 -18.30 -35.10
CA TRP C 254 10.01 -17.13 -35.14
C TRP C 254 8.72 -17.31 -34.35
N GLY C 255 8.43 -18.53 -33.89
CA GLY C 255 7.27 -18.77 -33.05
C GLY C 255 7.60 -18.83 -31.58
N LYS C 256 8.89 -18.82 -31.26
CA LYS C 256 9.35 -18.85 -29.88
C LYS C 256 9.59 -17.45 -29.31
N ILE C 257 9.40 -16.40 -30.10
CA ILE C 257 9.54 -15.04 -29.63
C ILE C 257 8.19 -14.42 -29.27
N VAL C 258 7.16 -14.73 -30.06
CA VAL C 258 5.80 -14.28 -29.72
C VAL C 258 5.35 -14.92 -28.41
N CYS C 259 5.67 -16.20 -28.22
CA CYS C 259 5.31 -16.87 -26.97
C CYS C 259 6.09 -16.33 -25.78
N LEU C 260 7.25 -15.72 -26.00
CA LEU C 260 7.98 -15.07 -24.92
C LEU C 260 7.47 -13.67 -24.64
N CYS C 261 7.05 -12.94 -25.68
CA CYS C 261 6.44 -11.63 -25.46
C CYS C 261 5.09 -11.76 -24.75
N THR C 262 4.31 -12.80 -25.07
CA THR C 262 3.01 -12.97 -24.45
C THR C 262 3.11 -13.22 -22.95
N GLY C 263 4.11 -13.98 -22.51
CA GLY C 263 4.27 -14.21 -21.09
C GLY C 263 4.60 -12.94 -20.32
N VAL C 264 5.48 -12.11 -20.88
CA VAL C 264 5.80 -10.83 -20.24
C VAL C 264 4.57 -9.93 -20.21
N MET C 265 3.79 -9.92 -21.29
CA MET C 265 2.56 -9.14 -21.31
C MET C 265 1.59 -9.63 -20.24
N GLY C 266 1.48 -10.94 -20.06
CA GLY C 266 0.59 -11.46 -19.03
C GLY C 266 1.05 -11.10 -17.63
N VAL C 267 2.35 -11.19 -17.37
CA VAL C 267 2.88 -10.80 -16.07
C VAL C 267 2.61 -9.32 -15.81
N CYS C 268 2.82 -8.48 -16.81
CA CYS C 268 2.54 -7.05 -16.64
C CYS C 268 1.06 -6.80 -16.38
N CYS C 269 0.18 -7.51 -17.10
CA CYS C 269 -1.25 -7.33 -16.88
C CYS C 269 -1.64 -7.73 -15.47
N THR C 270 -1.06 -8.83 -14.95
CA THR C 270 -1.32 -9.21 -13.56
C THR C 270 -0.82 -8.14 -12.60
N ALA C 271 0.34 -7.54 -12.91
CA ALA C 271 0.90 -6.50 -12.05
C ALA C 271 -0.02 -5.29 -11.99
N LEU C 272 -0.59 -4.89 -13.13
CA LEU C 272 -1.59 -3.82 -13.11
C LEU C 272 -2.85 -4.25 -12.37
N LEU C 273 -3.27 -5.52 -12.55
CA LEU C 273 -4.55 -5.95 -12.00
C LEU C 273 -4.54 -5.99 -10.48
N VAL C 274 -3.43 -6.41 -9.88
CA VAL C 274 -3.42 -6.64 -8.43
C VAL C 274 -3.67 -5.34 -7.68
N ALA C 275 -3.05 -4.24 -8.10
CA ALA C 275 -3.23 -2.96 -7.41
C ALA C 275 -4.67 -2.47 -7.51
N VAL C 276 -5.27 -2.56 -8.70
CA VAL C 276 -6.65 -2.13 -8.87
C VAL C 276 -7.58 -2.99 -8.02
N VAL C 277 -7.35 -4.30 -7.99
CA VAL C 277 -8.18 -5.18 -7.18
C VAL C 277 -8.06 -4.81 -5.71
N ALA C 278 -6.84 -4.49 -5.26
CA ALA C 278 -6.65 -4.07 -3.87
C ALA C 278 -7.40 -2.79 -3.57
N ARG C 279 -7.36 -1.82 -4.49
CA ARG C 279 -7.97 -0.52 -4.22
C ARG C 279 -9.49 -0.53 -4.31
N LYS C 280 -10.07 -1.39 -5.16
CA LYS C 280 -11.50 -1.29 -5.44
C LYS C 280 -12.35 -1.45 -4.18
N LEU C 281 -12.12 -2.50 -3.40
CA LEU C 281 -12.97 -2.82 -2.26
C LEU C 281 -12.36 -2.21 -0.99
N GLU C 282 -13.10 -1.27 -0.39
CA GLU C 282 -12.73 -0.65 0.87
C GLU C 282 -13.88 0.24 1.34
N PHE C 283 -14.10 0.28 2.65
CA PHE C 283 -15.02 1.25 3.21
C PHE C 283 -14.48 2.66 3.08
N ASN C 284 -15.39 3.61 2.87
CA ASN C 284 -15.09 5.03 2.88
C ASN C 284 -15.53 5.64 4.21
N LYS C 285 -15.46 6.96 4.31
CA LYS C 285 -15.67 7.63 5.58
C LYS C 285 -17.09 7.42 6.12
N ALA C 286 -18.10 7.54 5.25
CA ALA C 286 -19.48 7.48 5.71
C ALA C 286 -19.83 6.11 6.27
N GLU C 287 -19.53 5.06 5.52
CA GLU C 287 -19.81 3.71 5.97
C GLU C 287 -19.02 3.36 7.23
N LYS C 288 -17.75 3.78 7.30
CA LYS C 288 -16.94 3.54 8.49
C LYS C 288 -17.57 4.19 9.72
N HIS C 289 -17.97 5.45 9.60
CA HIS C 289 -18.56 6.15 10.74
C HIS C 289 -19.89 5.53 11.15
N VAL C 290 -20.72 5.16 10.18
CA VAL C 290 -22.01 4.54 10.49
C VAL C 290 -21.80 3.21 11.21
N HIS C 291 -20.86 2.40 10.71
CA HIS C 291 -20.59 1.10 11.31
C HIS C 291 -20.07 1.26 12.73
N ASN C 292 -19.14 2.21 12.93
CA ASN C 292 -18.60 2.44 14.27
C ASN C 292 -19.67 2.93 15.24
N PHE C 293 -20.56 3.82 14.78
CA PHE C 293 -21.61 4.30 15.66
C PHE C 293 -22.60 3.19 16.02
N MET C 294 -22.95 2.35 15.04
CA MET C 294 -23.98 1.34 15.29
C MET C 294 -23.43 0.06 15.90
N MET C 295 -22.11 -0.09 15.99
CA MET C 295 -21.53 -1.24 16.67
C MET C 295 -21.32 -0.99 18.16
N ASP C 296 -21.54 0.25 18.63
CA ASP C 296 -21.32 0.58 20.03
C ASP C 296 -22.51 0.23 20.91
N ILE C 297 -23.73 0.40 20.40
CA ILE C 297 -24.92 0.11 21.19
C ILE C 297 -25.00 -1.39 21.50
N GLN C 298 -24.58 -2.23 20.55
CA GLN C 298 -24.58 -3.67 20.78
C GLN C 298 -23.65 -4.03 21.92
N TYR C 299 -22.44 -3.44 21.95
CA TYR C 299 -21.52 -3.71 23.03
C TYR C 299 -22.05 -3.17 24.36
N THR C 300 -22.69 -2.00 24.33
CA THR C 300 -23.27 -1.44 25.55
C THR C 300 -24.36 -2.35 26.12
N LYS C 301 -25.14 -2.99 25.24
CA LYS C 301 -26.15 -3.92 25.72
C LYS C 301 -25.54 -5.22 26.22
N GLU C 302 -24.52 -5.73 25.50
CA GLU C 302 -23.90 -6.99 25.89
C GLU C 302 -23.19 -6.86 27.23
N MET C 303 -22.55 -5.72 27.49
CA MET C 303 -21.89 -5.52 28.78
C MET C 303 -22.91 -5.55 29.91
N LYS C 304 -24.05 -4.90 29.72
CA LYS C 304 -25.08 -4.91 30.75
C LYS C 304 -25.62 -6.32 30.99
N GLU C 305 -25.85 -7.08 29.91
CA GLU C 305 -26.31 -8.46 30.07
C GLU C 305 -25.27 -9.30 30.82
N SER C 306 -24.00 -9.17 30.46
CA SER C 306 -22.96 -9.95 31.11
C SER C 306 -22.83 -9.58 32.58
N ALA C 307 -22.89 -8.28 32.91
CA ALA C 307 -22.81 -7.87 34.29
C ALA C 307 -24.04 -8.26 35.10
N ALA C 308 -25.19 -8.41 34.44
CA ALA C 308 -26.38 -8.93 35.12
C ALA C 308 -26.32 -10.45 35.30
N ARG C 309 -25.55 -11.14 34.47
CA ARG C 309 -25.39 -12.60 34.59
C ARG C 309 -24.37 -12.99 35.66
N VAL C 310 -23.82 -12.02 36.39
CA VAL C 310 -22.83 -12.30 37.43
C VAL C 310 -23.45 -12.26 38.83
N LEU C 311 -24.21 -11.19 39.11
CA LEU C 311 -24.80 -11.03 40.44
C LEU C 311 -25.82 -12.12 40.74
N GLN C 312 -26.52 -12.60 39.72
CA GLN C 312 -27.49 -13.67 39.93
C GLN C 312 -26.83 -14.91 40.51
N GLU C 313 -25.72 -15.34 39.90
CA GLU C 313 -24.98 -16.48 40.44
C GLU C 313 -24.32 -16.14 41.78
N ALA C 314 -23.81 -14.92 41.93
CA ALA C 314 -23.18 -14.55 43.19
C ALA C 314 -24.16 -14.56 44.35
N TRP C 315 -25.45 -14.36 44.09
CA TRP C 315 -26.48 -14.40 45.12
C TRP C 315 -27.04 -15.81 45.30
N MET C 316 -27.21 -16.56 44.21
CA MET C 316 -27.68 -17.93 44.33
C MET C 316 -26.68 -18.81 45.08
N PHE C 317 -25.39 -18.59 44.83
CA PHE C 317 -24.35 -19.31 45.57
C PHE C 317 -24.42 -18.98 47.06
N TYR C 318 -24.65 -17.70 47.39
CA TYR C 318 -24.78 -17.32 48.80
C TYR C 318 -25.99 -18.01 49.44
N LYS C 319 -27.11 -18.05 48.73
CA LYS C 319 -28.29 -18.74 49.26
C LYS C 319 -28.00 -20.22 49.49
N HIS C 320 -27.37 -20.87 48.51
CA HIS C 320 -27.13 -22.30 48.63
C HIS C 320 -26.09 -22.62 49.71
N THR C 321 -25.09 -21.76 49.90
CA THR C 321 -24.12 -21.98 50.96
C THR C 321 -24.67 -21.63 52.33
N ARG C 322 -25.72 -20.80 52.40
CA ARG C 322 -26.42 -20.64 53.67
C ARG C 322 -27.42 -21.75 53.92
N ARG C 323 -27.85 -22.48 52.89
CA ARG C 323 -28.66 -23.67 53.07
C ARG C 323 -27.84 -24.94 53.12
N LYS C 324 -26.54 -24.87 52.85
CA LYS C 324 -25.62 -26.00 53.00
C LYS C 324 -26.01 -27.18 52.11
N GLU C 325 -26.15 -26.90 50.81
CA GLU C 325 -26.42 -27.98 49.85
C GLU C 325 -25.19 -28.83 49.61
N SER C 326 -24.00 -28.21 49.61
CA SER C 326 -22.71 -28.90 49.49
C SER C 326 -22.54 -29.62 48.14
N HIS C 327 -23.53 -29.52 47.26
CA HIS C 327 -23.41 -30.07 45.91
C HIS C 327 -23.91 -29.12 44.84
N ALA C 328 -24.55 -28.01 45.21
CA ALA C 328 -24.95 -26.98 44.27
C ALA C 328 -24.18 -25.69 44.43
N ALA C 329 -23.67 -25.38 45.63
CA ALA C 329 -22.79 -24.23 45.79
C ALA C 329 -21.50 -24.42 45.00
N ARG C 330 -20.93 -25.62 45.06
CA ARG C 330 -19.71 -25.94 44.33
C ARG C 330 -19.96 -26.07 42.82
N ARG C 331 -21.21 -26.22 42.41
CA ARG C 331 -21.58 -26.19 41.01
C ARG C 331 -21.86 -24.79 40.49
N HIS C 332 -22.37 -23.89 41.33
CA HIS C 332 -22.57 -22.49 40.97
C HIS C 332 -21.31 -21.66 41.12
N GLN C 333 -20.30 -22.15 41.83
CA GLN C 333 -19.04 -21.42 41.94
C GLN C 333 -18.22 -21.47 40.66
N ARG C 334 -18.60 -22.29 39.68
CA ARG C 334 -17.95 -22.31 38.38
C ARG C 334 -18.60 -21.32 37.41
N LYS C 335 -19.91 -21.16 37.50
CA LYS C 335 -20.61 -20.24 36.62
C LYS C 335 -20.20 -18.80 36.89
N LEU C 336 -19.99 -18.45 38.16
CA LEU C 336 -19.50 -17.12 38.49
C LEU C 336 -18.13 -16.86 37.88
N LEU C 337 -17.22 -17.84 38.00
CA LEU C 337 -15.87 -17.70 37.47
C LEU C 337 -15.85 -17.64 35.94
N ALA C 338 -16.77 -18.33 35.27
CA ALA C 338 -16.90 -18.20 33.83
C ALA C 338 -17.54 -16.88 33.41
N ALA C 339 -18.52 -16.40 34.16
CA ALA C 339 -19.18 -15.14 33.83
C ALA C 339 -18.24 -13.95 34.01
N ILE C 340 -17.32 -14.02 34.98
CA ILE C 340 -16.34 -12.94 35.11
C ILE C 340 -15.46 -12.86 33.86
N ASN C 341 -15.01 -14.00 33.35
CA ASN C 341 -14.21 -14.00 32.12
C ASN C 341 -15.03 -13.50 30.94
N ALA C 342 -16.29 -13.93 30.85
CA ALA C 342 -17.16 -13.44 29.76
C ALA C 342 -17.34 -11.93 29.83
N PHE C 343 -17.45 -11.38 31.04
CA PHE C 343 -17.50 -9.94 31.22
C PHE C 343 -16.21 -9.28 30.77
N ARG C 344 -15.07 -9.88 31.11
CA ARG C 344 -13.78 -9.30 30.76
C ARG C 344 -13.58 -9.21 29.26
N GLN C 345 -13.97 -10.26 28.53
CA GLN C 345 -13.79 -10.24 27.07
C GLN C 345 -14.58 -9.10 26.44
N VAL C 346 -15.84 -8.94 26.84
CA VAL C 346 -16.67 -7.87 26.29
C VAL C 346 -16.12 -6.50 26.69
N ARG C 347 -15.63 -6.38 27.92
CA ARG C 347 -15.05 -5.11 28.35
C ARG C 347 -13.85 -4.74 27.49
N LEU C 348 -12.96 -5.69 27.24
CA LEU C 348 -11.79 -5.41 26.40
C LEU C 348 -12.18 -5.07 24.98
N LYS C 349 -13.13 -5.79 24.39
CA LYS C 349 -13.57 -5.48 23.03
C LYS C 349 -14.18 -4.08 22.96
N HIS C 350 -15.00 -3.73 23.95
CA HIS C 350 -15.62 -2.40 23.97
C HIS C 350 -14.57 -1.31 24.11
N ARG C 351 -13.57 -1.50 24.97
CA ARG C 351 -12.53 -0.49 25.11
C ARG C 351 -11.72 -0.35 23.83
N LYS C 352 -11.43 -1.46 23.15
CA LYS C 352 -10.70 -1.38 21.89
C LYS C 352 -11.49 -0.61 20.84
N LEU C 353 -12.79 -0.90 20.72
CA LEU C 353 -13.61 -0.17 19.76
C LEU C 353 -13.72 1.30 20.12
N ARG C 354 -13.83 1.62 21.41
CA ARG C 354 -13.89 3.01 21.83
C ARG C 354 -12.60 3.74 21.49
N GLU C 355 -11.45 3.09 21.70
CA GLU C 355 -10.18 3.70 21.33
C GLU C 355 -10.10 3.93 19.83
N GLN C 356 -10.56 2.95 19.04
CA GLN C 356 -10.54 3.11 17.59
C GLN C 356 -11.42 4.28 17.15
N VAL C 357 -12.64 4.37 17.69
CA VAL C 357 -13.55 5.42 17.25
C VAL C 357 -13.08 6.79 17.75
N ASN C 358 -12.38 6.84 18.88
CA ASN C 358 -11.82 8.09 19.36
C ASN C 358 -10.52 8.46 18.65
N SER C 359 -9.88 7.51 17.96
CA SER C 359 -8.67 7.78 17.19
C SER C 359 -8.90 7.87 15.70
N MET C 360 -9.89 7.14 15.17
CA MET C 360 -10.20 7.24 13.74
C MET C 360 -10.69 8.64 13.39
N VAL C 361 -11.53 9.22 14.24
CA VAL C 361 -12.01 10.60 14.03
C VAL C 361 -10.99 11.51 14.69
N ASP C 362 -9.90 11.77 13.97
CA ASP C 362 -8.86 12.69 14.45
C ASP C 362 -8.33 13.57 13.33
N ILE C 363 -8.87 13.48 12.12
CA ILE C 363 -8.43 14.30 11.00
C ILE C 363 -9.41 15.43 10.68
N SER C 364 -10.68 15.30 11.08
CA SER C 364 -11.65 16.36 10.90
C SER C 364 -11.89 17.17 12.17
N LYS C 365 -11.50 16.66 13.33
CA LYS C 365 -11.64 17.40 14.57
C LYS C 365 -10.75 18.63 14.62
N MET C 366 -9.66 18.64 13.84
CA MET C 366 -8.76 19.79 13.84
C MET C 366 -9.47 21.05 13.36
N HIS C 367 -10.28 20.93 12.30
CA HIS C 367 -11.01 22.07 11.79
C HIS C 367 -11.96 22.63 12.85
N MET C 368 -12.70 21.75 13.54
CA MET C 368 -13.62 22.19 14.57
C MET C 368 -12.88 22.85 15.73
N ILE C 369 -11.74 22.28 16.14
CA ILE C 369 -10.99 22.83 17.26
C ILE C 369 -10.46 24.22 16.91
N LEU C 370 -9.89 24.38 15.72
CA LEU C 370 -9.37 25.68 15.32
C LEU C 370 -10.46 26.68 14.97
N TYR C 371 -11.67 26.22 14.64
CA TYR C 371 -12.80 27.14 14.49
C TYR C 371 -13.30 27.62 15.85
N ASP C 372 -13.37 26.72 16.83
CA ASP C 372 -13.76 27.13 18.18
C ASP C 372 -12.73 28.08 18.77
N LEU C 373 -11.44 27.81 18.56
CA LEU C 373 -10.41 28.71 19.06
C LEU C 373 -10.50 30.08 18.40
N GLN C 374 -10.76 30.12 17.09
CA GLN C 374 -10.90 31.39 16.39
C GLN C 374 -12.13 32.15 16.90
N GLN C 375 -13.23 31.45 17.13
CA GLN C 375 -14.44 32.09 17.66
C GLN C 375 -14.17 32.65 19.06
N ASN C 376 -13.46 31.91 19.90
CA ASN C 376 -13.11 32.41 21.22
C ASN C 376 -12.24 33.66 21.12
N LEU C 377 -11.23 33.62 20.26
CA LEU C 377 -10.34 34.76 20.02
C LEU C 377 -9.72 35.27 21.32
N SER C 378 -9.32 34.34 22.18
CA SER C 378 -8.72 34.69 23.45
C SER C 378 -7.23 34.98 23.31
N LEU D 1 -48.08 6.81 10.54
CA LEU D 1 -49.31 6.01 10.64
C LEU D 1 -49.98 5.92 9.28
N GLY D 2 -50.67 4.80 9.04
CA GLY D 2 -51.37 4.59 7.80
C GLY D 2 -50.53 3.93 6.73
N ALA D 3 -49.55 4.65 6.21
CA ALA D 3 -48.65 4.12 5.20
C ALA D 3 -47.40 3.48 5.78
N LEU D 4 -47.28 3.46 7.11
CA LEU D 4 -46.16 2.80 7.77
C LEU D 4 -46.51 1.42 8.30
N ARG D 5 -47.79 1.15 8.56
CA ARG D 5 -48.22 -0.17 9.00
C ARG D 5 -48.34 -1.16 7.85
N ARG D 6 -48.37 -0.67 6.60
CA ARG D 6 -48.46 -1.54 5.44
C ARG D 6 -47.10 -1.86 4.84
N ARG D 7 -46.09 -1.03 5.08
CA ARG D 7 -44.74 -1.34 4.64
C ARG D 7 -44.11 -2.45 5.47
N LYS D 8 -44.63 -2.71 6.67
CA LYS D 8 -44.17 -3.82 7.49
C LYS D 8 -44.90 -5.12 7.18
N ARG D 9 -45.93 -5.08 6.32
CA ARG D 9 -46.67 -6.26 5.91
C ARG D 9 -46.37 -6.65 4.47
N LEU D 10 -46.43 -5.69 3.55
CA LEU D 10 -46.11 -5.96 2.15
C LEU D 10 -44.64 -6.30 1.96
N LEU D 11 -43.78 -6.04 2.94
CA LEU D 11 -42.38 -6.38 2.87
C LEU D 11 -42.04 -7.66 3.62
N GLU D 12 -42.84 -8.04 4.62
CA GLU D 12 -42.72 -9.36 5.21
C GLU D 12 -43.34 -10.44 4.33
N GLN D 13 -44.33 -10.08 3.51
CA GLN D 13 -44.85 -11.03 2.54
C GLN D 13 -43.88 -11.27 1.38
N GLU D 14 -42.85 -10.42 1.23
CA GLU D 14 -41.79 -10.64 0.27
C GLU D 14 -40.60 -11.37 0.87
N LYS D 15 -40.63 -11.67 2.17
CA LYS D 15 -39.57 -12.43 2.80
C LYS D 15 -39.85 -13.93 2.82
N SER D 16 -41.12 -14.32 2.79
CA SER D 16 -41.49 -15.72 2.68
C SER D 16 -41.74 -16.16 1.24
N LEU D 17 -41.59 -15.25 0.28
CA LEU D 17 -41.67 -15.59 -1.13
C LEU D 17 -40.33 -15.53 -1.83
N ALA D 18 -39.27 -15.14 -1.12
CA ALA D 18 -37.92 -15.15 -1.67
C ALA D 18 -37.10 -16.33 -1.16
N GLY D 19 -37.68 -17.19 -0.32
CA GLY D 19 -37.01 -18.40 0.11
C GLY D 19 -37.74 -19.62 -0.40
N TRP D 20 -39.06 -19.51 -0.56
CA TRP D 20 -39.83 -20.58 -1.17
C TRP D 20 -39.71 -20.60 -2.68
N ALA D 21 -39.13 -19.56 -3.28
CA ALA D 21 -38.70 -19.58 -4.67
C ALA D 21 -37.23 -19.96 -4.81
N LEU D 22 -36.55 -20.21 -3.70
CA LEU D 22 -35.20 -20.75 -3.71
C LEU D 22 -35.17 -22.23 -3.37
N VAL D 23 -36.07 -22.68 -2.50
CA VAL D 23 -36.17 -24.11 -2.20
C VAL D 23 -36.59 -24.88 -3.45
N LEU D 24 -37.58 -24.36 -4.18
CA LEU D 24 -38.05 -25.02 -5.39
C LEU D 24 -37.08 -24.90 -6.56
N ALA D 25 -36.07 -24.03 -6.46
CA ALA D 25 -35.00 -24.01 -7.44
C ALA D 25 -33.87 -24.96 -7.06
N GLY D 26 -33.55 -25.04 -5.77
CA GLY D 26 -32.58 -26.03 -5.31
C GLY D 26 -33.05 -27.44 -5.58
N THR D 27 -34.33 -27.73 -5.36
CA THR D 27 -34.87 -29.05 -5.68
C THR D 27 -34.77 -29.35 -7.17
N GLY D 28 -35.11 -28.37 -8.01
CA GLY D 28 -35.00 -28.54 -9.44
C GLY D 28 -33.59 -28.76 -9.94
N ILE D 29 -32.61 -28.07 -9.36
CA ILE D 29 -31.22 -28.32 -9.71
C ILE D 29 -30.75 -29.68 -9.19
N GLY D 30 -31.17 -30.08 -7.98
CA GLY D 30 -30.72 -31.34 -7.42
C GLY D 30 -31.31 -32.56 -8.09
N LEU D 31 -32.51 -32.45 -8.65
CA LEU D 31 -33.11 -33.55 -9.39
C LEU D 31 -32.67 -33.58 -10.85
N MET D 32 -31.57 -32.90 -11.18
CA MET D 32 -30.94 -32.95 -12.49
C MET D 32 -29.68 -33.80 -12.49
N VAL D 33 -28.83 -33.62 -11.49
CA VAL D 33 -27.63 -34.45 -11.36
C VAL D 33 -28.02 -35.91 -11.19
N LEU D 34 -29.08 -36.17 -10.43
CA LEU D 34 -29.57 -37.53 -10.27
C LEU D 34 -29.98 -38.13 -11.61
N HIS D 35 -30.72 -37.37 -12.41
CA HIS D 35 -31.13 -37.86 -13.72
C HIS D 35 -29.93 -38.13 -14.62
N ALA D 36 -28.95 -37.22 -14.62
CA ALA D 36 -27.78 -37.38 -15.48
C ALA D 36 -26.97 -38.61 -15.08
N GLU D 37 -26.64 -38.74 -13.79
CA GLU D 37 -25.83 -39.86 -13.34
C GLU D 37 -26.60 -41.16 -13.27
N MET D 38 -27.93 -41.13 -13.38
CA MET D 38 -28.71 -42.36 -13.51
C MET D 38 -28.82 -42.79 -14.97
N LEU D 39 -28.94 -41.84 -15.89
CA LEU D 39 -28.89 -42.18 -17.31
C LEU D 39 -27.51 -42.72 -17.70
N TRP D 40 -26.45 -42.14 -17.12
CA TRP D 40 -25.10 -42.59 -17.45
C TRP D 40 -24.85 -44.00 -16.93
N PHE D 41 -24.97 -44.19 -15.60
CA PHE D 41 -24.71 -45.50 -15.01
C PHE D 41 -25.82 -46.50 -15.29
N GLY D 42 -26.97 -46.06 -15.79
CA GLY D 42 -28.06 -46.97 -16.08
C GLY D 42 -28.20 -47.28 -17.56
N GLY D 43 -29.15 -46.62 -18.22
CA GLY D 43 -29.38 -46.85 -19.63
C GLY D 43 -30.84 -47.04 -19.97
N CYS D 44 -31.12 -47.87 -20.96
CA CYS D 44 -32.50 -48.13 -21.36
C CYS D 44 -33.22 -49.09 -20.42
N SER D 45 -32.50 -49.73 -19.49
CA SER D 45 -33.14 -50.64 -18.55
C SER D 45 -34.07 -49.88 -17.60
N TRP D 46 -33.64 -48.72 -17.11
CA TRP D 46 -34.44 -47.92 -16.20
C TRP D 46 -35.26 -46.88 -16.96
N ALA D 47 -36.04 -47.34 -17.93
CA ALA D 47 -36.86 -46.44 -18.72
C ALA D 47 -38.15 -46.02 -18.03
N LEU D 48 -38.46 -46.62 -16.87
CA LEU D 48 -39.64 -46.24 -16.11
C LEU D 48 -39.33 -45.18 -15.05
N TYR D 49 -38.14 -45.21 -14.46
CA TYR D 49 -37.77 -44.25 -13.44
C TYR D 49 -37.27 -42.93 -14.01
N LEU D 50 -37.01 -42.86 -15.32
CA LEU D 50 -36.63 -41.61 -15.95
C LEU D 50 -37.83 -40.85 -16.50
N PHE D 51 -39.02 -41.43 -16.43
CA PHE D 51 -40.25 -40.72 -16.77
C PHE D 51 -40.91 -40.10 -15.55
N LEU D 52 -40.34 -40.31 -14.35
CA LEU D 52 -40.82 -39.68 -13.13
C LEU D 52 -39.95 -38.51 -12.70
N VAL D 53 -38.63 -38.63 -12.85
CA VAL D 53 -37.75 -37.50 -12.53
C VAL D 53 -37.98 -36.35 -13.49
N LYS D 54 -38.12 -36.65 -14.78
CA LYS D 54 -38.35 -35.60 -15.78
C LYS D 54 -39.73 -34.97 -15.64
N CYS D 55 -40.66 -35.62 -14.96
CA CYS D 55 -41.95 -35.01 -14.65
C CYS D 55 -41.93 -34.22 -13.35
N THR D 56 -41.15 -34.68 -12.37
CA THR D 56 -41.00 -33.90 -11.14
C THR D 56 -40.25 -32.60 -11.41
N ILE D 57 -39.22 -32.64 -12.26
CA ILE D 57 -38.49 -31.42 -12.60
C ILE D 57 -39.27 -30.51 -13.54
N SER D 58 -40.45 -30.94 -13.99
CA SER D 58 -41.36 -30.07 -14.73
C SER D 58 -42.53 -29.60 -13.89
N ILE D 59 -42.90 -30.34 -12.85
CA ILE D 59 -43.90 -29.87 -11.90
C ILE D 59 -43.30 -28.86 -10.93
N SER D 60 -42.02 -29.02 -10.59
CA SER D 60 -41.35 -28.08 -9.68
C SER D 60 -40.96 -26.77 -10.37
N THR D 61 -41.34 -26.58 -11.62
CA THR D 61 -41.15 -25.31 -12.31
C THR D 61 -42.44 -24.50 -12.38
N PHE D 62 -43.59 -25.18 -12.42
CA PHE D 62 -44.87 -24.49 -12.33
C PHE D 62 -45.15 -23.94 -10.94
N LEU D 63 -44.43 -24.43 -9.92
CA LEU D 63 -44.50 -23.86 -8.58
C LEU D 63 -43.45 -22.79 -8.34
N LEU D 64 -42.61 -22.52 -9.34
CA LEU D 64 -41.66 -21.41 -9.30
C LEU D 64 -42.08 -20.24 -10.18
N LEU D 65 -42.68 -20.54 -11.34
CA LEU D 65 -43.24 -19.49 -12.17
C LEU D 65 -44.46 -18.84 -11.52
N CYS D 66 -45.14 -19.54 -10.63
CA CYS D 66 -46.27 -18.99 -9.89
C CYS D 66 -45.84 -18.28 -8.60
N LEU D 67 -44.55 -18.32 -8.26
CA LEU D 67 -44.03 -17.55 -7.14
C LEU D 67 -43.23 -16.33 -7.59
N ILE D 68 -42.52 -16.41 -8.71
CA ILE D 68 -41.82 -15.23 -9.21
C ILE D 68 -42.79 -14.12 -9.55
N VAL D 69 -43.90 -14.46 -10.23
CA VAL D 69 -44.89 -13.45 -10.57
C VAL D 69 -45.58 -12.90 -9.33
N ALA D 70 -45.82 -13.73 -8.31
CA ALA D 70 -46.39 -13.22 -7.07
C ALA D 70 -45.43 -12.26 -6.37
N PHE D 71 -44.13 -12.59 -6.35
CA PHE D 71 -43.17 -11.68 -5.76
C PHE D 71 -43.11 -10.35 -6.51
N HIS D 72 -43.14 -10.41 -7.85
CA HIS D 72 -43.12 -9.18 -8.63
C HIS D 72 -44.43 -8.40 -8.57
N ALA D 73 -45.53 -9.05 -8.23
CA ALA D 73 -46.79 -8.34 -8.01
C ALA D 73 -46.93 -7.80 -6.60
N LYS D 74 -46.14 -8.30 -5.66
CA LYS D 74 -46.14 -7.75 -4.31
C LYS D 74 -45.26 -6.50 -4.18
N GLU D 75 -44.58 -6.09 -5.24
CA GLU D 75 -43.74 -4.90 -5.22
C GLU D 75 -44.38 -3.68 -5.87
N VAL D 76 -45.26 -3.89 -6.86
CA VAL D 76 -46.06 -2.80 -7.39
C VAL D 76 -46.94 -2.21 -6.30
N GLN D 77 -47.44 -3.06 -5.39
CA GLN D 77 -48.19 -2.56 -4.25
C GLN D 77 -47.33 -1.68 -3.36
N LEU D 78 -46.07 -2.06 -3.14
CA LEU D 78 -45.17 -1.21 -2.37
C LEU D 78 -44.95 0.13 -3.06
N PHE D 79 -44.75 0.10 -4.38
CA PHE D 79 -44.56 1.34 -5.12
C PHE D 79 -45.78 2.25 -5.01
N MET D 80 -46.98 1.68 -5.16
CA MET D 80 -48.19 2.48 -5.04
C MET D 80 -48.37 3.02 -3.64
N THR D 81 -48.07 2.22 -2.62
CA THR D 81 -48.17 2.68 -1.24
C THR D 81 -47.21 3.84 -0.98
N ASP D 82 -45.98 3.73 -1.49
CA ASP D 82 -45.00 4.79 -1.27
C ASP D 82 -45.39 6.07 -1.99
N ASN D 83 -45.49 6.01 -3.32
CA ASN D 83 -45.68 7.24 -4.09
C ASN D 83 -47.16 7.56 -4.34
N GLY D 84 -47.96 7.51 -3.28
CA GLY D 84 -49.35 7.96 -3.29
C GLY D 84 -50.16 7.71 -4.54
N LEU D 85 -50.27 6.45 -4.97
CA LEU D 85 -50.96 6.11 -6.19
C LEU D 85 -52.11 5.13 -5.91
N ARG D 86 -53.08 5.11 -6.82
CA ARG D 86 -54.19 4.18 -6.74
C ARG D 86 -54.36 3.42 -8.05
N ASP D 87 -54.00 4.05 -9.16
CA ASP D 87 -54.10 3.43 -10.48
C ASP D 87 -52.82 2.66 -10.77
N TRP D 88 -52.93 1.34 -10.87
CA TRP D 88 -51.75 0.51 -11.10
C TRP D 88 -51.14 0.71 -12.48
N ARG D 89 -51.88 1.31 -13.41
CA ARG D 89 -51.38 1.49 -14.77
C ARG D 89 -50.18 2.41 -14.84
N VAL D 90 -50.04 3.32 -13.87
CA VAL D 90 -48.92 4.26 -13.89
C VAL D 90 -47.72 3.74 -13.09
N ALA D 91 -47.93 2.83 -12.14
CA ALA D 91 -46.84 2.29 -11.35
C ALA D 91 -46.01 1.25 -12.08
N LEU D 92 -46.45 0.80 -13.25
CA LEU D 92 -45.73 -0.21 -14.04
C LEU D 92 -44.93 0.51 -15.11
N THR D 93 -43.60 0.41 -15.02
CA THR D 93 -42.71 1.08 -15.96
C THR D 93 -42.58 0.25 -17.24
N GLY D 94 -41.65 0.63 -18.10
CA GLY D 94 -41.42 -0.08 -19.34
C GLY D 94 -40.25 -1.04 -19.26
N ARG D 95 -39.52 -0.99 -18.15
CA ARG D 95 -38.41 -1.91 -17.91
C ARG D 95 -38.71 -2.95 -16.85
N GLN D 96 -39.52 -2.62 -15.85
CA GLN D 96 -40.00 -3.64 -14.91
C GLN D 96 -40.90 -4.65 -15.62
N ALA D 97 -41.62 -4.22 -16.64
CA ALA D 97 -42.44 -5.13 -17.44
C ALA D 97 -41.65 -5.86 -18.51
N ALA D 98 -40.36 -5.52 -18.67
CA ALA D 98 -39.50 -6.23 -19.60
C ALA D 98 -38.53 -7.18 -18.93
N GLN D 99 -38.14 -6.90 -17.69
CA GLN D 99 -37.28 -7.83 -16.95
C GLN D 99 -38.05 -9.04 -16.44
N ILE D 100 -39.37 -8.92 -16.25
CA ILE D 100 -40.17 -10.07 -15.83
C ILE D 100 -40.16 -11.15 -16.90
N VAL D 101 -40.25 -10.76 -18.17
CA VAL D 101 -40.21 -11.73 -19.26
C VAL D 101 -38.86 -12.45 -19.28
N LEU D 102 -37.77 -11.70 -19.10
CA LEU D 102 -36.46 -12.33 -19.05
C LEU D 102 -36.34 -13.28 -17.88
N GLU D 103 -36.87 -12.90 -16.71
CA GLU D 103 -36.84 -13.78 -15.55
C GLU D 103 -37.61 -15.06 -15.79
N LEU D 104 -38.80 -14.95 -16.39
CA LEU D 104 -39.61 -16.14 -16.65
C LEU D 104 -39.02 -17.00 -17.76
N VAL D 105 -38.24 -16.42 -18.67
CA VAL D 105 -37.55 -17.22 -19.67
C VAL D 105 -36.37 -17.96 -19.06
N VAL D 106 -35.59 -17.28 -18.22
CA VAL D 106 -34.43 -17.91 -17.60
C VAL D 106 -34.84 -18.99 -16.62
N CYS D 107 -35.94 -18.77 -15.88
CA CYS D 107 -36.43 -19.73 -14.90
C CYS D 107 -37.45 -20.69 -15.48
N GLY D 108 -37.40 -20.97 -16.78
CA GLY D 108 -38.31 -21.88 -17.42
C GLY D 108 -37.64 -22.80 -18.41
N LEU D 109 -36.37 -23.10 -18.19
CA LEU D 109 -35.57 -23.94 -19.08
C LEU D 109 -35.28 -25.26 -18.38
N HIS D 110 -35.99 -26.30 -18.75
CA HIS D 110 -35.84 -27.62 -18.15
C HIS D 110 -35.98 -28.69 -19.21
N PRO D 111 -35.41 -29.89 -18.98
CA PRO D 111 -35.62 -31.00 -19.92
C PRO D 111 -37.02 -31.58 -19.80
N ALA D 112 -37.97 -31.01 -20.53
CA ALA D 112 -39.37 -31.39 -20.46
C ALA D 112 -39.54 -32.88 -20.72
N PRO D 113 -40.47 -33.55 -20.03
CA PRO D 113 -40.59 -35.01 -20.18
C PRO D 113 -41.30 -35.44 -21.45
N VAL D 114 -40.84 -34.95 -22.60
CA VAL D 114 -41.38 -35.35 -23.88
C VAL D 114 -40.60 -36.57 -24.34
N ARG D 115 -41.13 -37.76 -24.04
CA ARG D 115 -40.46 -39.01 -24.40
C ARG D 115 -40.42 -39.21 -25.92
N PRO D 134 -27.38 -46.23 -24.76
CA PRO D 134 -27.62 -44.79 -24.96
C PRO D 134 -27.40 -43.99 -23.68
N GLY D 135 -26.19 -44.05 -23.13
CA GLY D 135 -25.85 -43.33 -21.93
C GLY D 135 -25.47 -41.88 -22.12
N PHE D 136 -25.49 -41.39 -23.34
CA PHE D 136 -25.12 -40.01 -23.64
C PHE D 136 -26.36 -39.14 -23.73
N LEU D 137 -26.34 -38.01 -23.03
CA LEU D 137 -27.39 -37.02 -23.19
C LEU D 137 -27.32 -36.40 -24.58
N GLY D 138 -28.48 -36.18 -25.19
CA GLY D 138 -28.52 -35.56 -26.49
C GLY D 138 -28.04 -34.11 -26.43
N GLN D 139 -27.65 -33.59 -27.60
CA GLN D 139 -27.17 -32.22 -27.67
C GLN D 139 -28.26 -31.21 -27.37
N GLY D 140 -29.53 -31.59 -27.50
CA GLY D 140 -30.62 -30.70 -27.18
C GLY D 140 -30.96 -30.68 -25.70
N GLU D 141 -30.51 -31.70 -24.97
CA GLU D 141 -30.72 -31.77 -23.54
C GLU D 141 -29.50 -31.37 -22.72
N ALA D 142 -28.30 -31.57 -23.26
CA ALA D 142 -27.09 -31.22 -22.54
C ALA D 142 -26.94 -29.72 -22.32
N LEU D 143 -27.65 -28.90 -23.10
CA LEU D 143 -27.67 -27.46 -22.89
C LEU D 143 -28.85 -27.00 -22.05
N LEU D 144 -30.01 -27.64 -22.21
CA LEU D 144 -31.15 -27.32 -21.35
C LEU D 144 -30.86 -27.67 -19.90
N SER D 145 -30.14 -28.77 -19.66
CA SER D 145 -29.77 -29.11 -18.29
C SER D 145 -28.79 -28.09 -17.71
N LEU D 146 -27.72 -27.79 -18.44
CA LEU D 146 -26.73 -26.83 -17.95
C LEU D 146 -27.26 -25.41 -17.90
N ALA D 147 -28.42 -25.14 -18.50
CA ALA D 147 -29.06 -23.84 -18.36
C ALA D 147 -29.79 -23.67 -17.04
N MET D 148 -29.94 -24.75 -16.25
CA MET D 148 -30.56 -24.64 -14.95
C MET D 148 -29.69 -23.89 -13.95
N LEU D 149 -28.38 -23.87 -14.15
CA LEU D 149 -27.48 -23.18 -13.23
C LEU D 149 -27.62 -21.67 -13.25
N LEU D 150 -28.34 -21.13 -14.24
CA LEU D 150 -28.60 -19.69 -14.26
C LEU D 150 -29.59 -19.27 -13.18
N ARG D 151 -30.22 -20.22 -12.50
CA ARG D 151 -31.16 -19.94 -11.40
C ARG D 151 -30.45 -19.47 -10.14
N LEU D 152 -29.15 -19.19 -10.18
CA LEU D 152 -28.39 -18.79 -9.01
C LEU D 152 -28.40 -17.30 -8.77
N TYR D 153 -29.15 -16.53 -9.56
CA TYR D 153 -29.29 -15.10 -9.33
C TYR D 153 -30.32 -14.79 -8.24
N LEU D 154 -31.00 -15.80 -7.71
CA LEU D 154 -31.98 -15.60 -6.65
C LEU D 154 -31.36 -15.55 -5.26
N VAL D 155 -30.06 -15.78 -5.14
CA VAL D 155 -29.39 -15.85 -3.84
C VAL D 155 -29.22 -14.45 -3.24
N PRO D 156 -28.67 -13.46 -3.95
CA PRO D 156 -28.51 -12.13 -3.33
C PRO D 156 -29.81 -11.51 -2.88
N ARG D 157 -30.90 -11.74 -3.62
CA ARG D 157 -32.20 -11.21 -3.23
C ARG D 157 -32.63 -11.76 -1.87
N ALA D 158 -32.57 -13.09 -1.71
CA ALA D 158 -32.97 -13.70 -0.45
C ALA D 158 -32.04 -13.33 0.69
N VAL D 159 -30.74 -13.18 0.40
CA VAL D 159 -29.80 -12.77 1.44
C VAL D 159 -30.10 -11.35 1.90
N LEU D 160 -30.38 -10.44 0.95
CA LEU D 160 -30.64 -9.05 1.31
C LEU D 160 -31.95 -8.92 2.07
N LEU D 161 -33.01 -9.60 1.62
CA LEU D 161 -34.31 -9.46 2.27
C LEU D 161 -34.33 -10.06 3.67
N ARG D 162 -33.36 -10.89 4.02
CA ARG D 162 -33.30 -11.52 5.33
C ARG D 162 -32.15 -11.02 6.18
N SER D 163 -31.50 -9.92 5.79
CA SER D 163 -30.35 -9.42 6.54
C SER D 163 -30.76 -8.97 7.94
N GLY D 164 -31.88 -8.28 8.06
CA GLY D 164 -32.34 -7.76 9.32
C GLY D 164 -31.94 -6.33 9.63
N VAL D 165 -31.25 -5.67 8.71
CA VAL D 165 -30.86 -4.27 8.86
C VAL D 165 -31.69 -3.37 7.95
N LEU D 166 -32.76 -3.89 7.36
CA LEU D 166 -33.61 -3.13 6.45
C LEU D 166 -34.88 -2.61 7.12
N LEU D 167 -35.29 -3.19 8.25
CA LEU D 167 -36.46 -2.73 8.98
C LEU D 167 -36.12 -2.16 10.35
N ASN D 168 -34.85 -2.15 10.74
CA ASN D 168 -34.44 -1.65 12.05
C ASN D 168 -34.57 -0.12 12.05
N ALA D 169 -35.59 0.39 12.74
CA ALA D 169 -35.83 1.83 12.77
C ALA D 169 -34.73 2.59 13.48
N SER D 170 -33.96 1.93 14.34
CA SER D 170 -32.82 2.55 15.00
C SER D 170 -31.58 2.56 14.12
N TYR D 171 -31.63 1.92 12.97
CA TYR D 171 -30.47 1.78 12.09
C TYR D 171 -30.59 2.64 10.84
N ARG D 172 -31.77 2.69 10.22
CA ARG D 172 -31.99 3.62 9.12
C ARG D 172 -32.00 5.07 9.59
N SER D 173 -32.41 5.32 10.84
CA SER D 173 -32.39 6.67 11.37
C SER D 173 -30.99 7.24 11.42
N ILE D 174 -29.97 6.39 11.51
CA ILE D 174 -28.59 6.83 11.46
C ILE D 174 -27.98 6.68 10.06
N GLY D 175 -28.49 5.74 9.26
CA GLY D 175 -28.06 5.65 7.87
C GLY D 175 -28.58 6.77 6.99
N ALA D 176 -29.61 7.49 7.43
CA ALA D 176 -30.12 8.62 6.68
C ALA D 176 -29.46 9.93 7.07
N LEU D 177 -28.98 10.05 8.30
CA LEU D 177 -28.24 11.24 8.71
C LEU D 177 -26.89 11.34 8.03
N ASN D 178 -26.39 10.25 7.45
CA ASN D 178 -25.11 10.24 6.76
C ASN D 178 -25.25 9.99 5.26
N GLN D 179 -26.47 9.88 4.75
CA GLN D 179 -26.73 9.64 3.33
C GLN D 179 -26.05 8.36 2.85
N VAL D 180 -26.46 7.25 3.43
CA VAL D 180 -25.95 5.92 3.09
C VAL D 180 -27.12 5.06 2.63
N ARG D 181 -26.96 4.44 1.47
CA ARG D 181 -27.98 3.56 0.90
C ARG D 181 -27.63 2.12 1.18
N PHE D 182 -28.65 1.33 1.55
CA PHE D 182 -28.48 -0.06 1.96
C PHE D 182 -28.80 -0.95 0.76
N ARG D 183 -27.79 -1.60 0.21
CA ARG D 183 -27.95 -2.43 -0.98
C ARG D 183 -27.15 -3.71 -0.79
N HIS D 184 -27.05 -4.50 -1.86
CA HIS D 184 -26.36 -5.78 -1.79
C HIS D 184 -24.88 -5.60 -1.50
N TRP D 185 -24.24 -4.60 -2.10
CA TRP D 185 -22.81 -4.41 -1.94
C TRP D 185 -22.45 -4.07 -0.49
N PHE D 186 -23.27 -3.25 0.17
CA PHE D 186 -23.00 -2.89 1.57
C PHE D 186 -23.07 -4.11 2.47
N VAL D 187 -24.09 -4.94 2.30
CA VAL D 187 -24.22 -6.14 3.12
C VAL D 187 -23.10 -7.13 2.82
N ALA D 188 -22.72 -7.24 1.54
CA ALA D 188 -21.60 -8.11 1.18
C ALA D 188 -20.31 -7.65 1.82
N LYS D 189 -20.05 -6.34 1.81
CA LYS D 189 -18.85 -5.80 2.45
C LYS D 189 -18.88 -6.04 3.96
N LEU D 190 -20.05 -5.86 4.58
CA LEU D 190 -20.17 -6.10 6.01
C LEU D 190 -19.86 -7.56 6.35
N TYR D 191 -20.44 -8.49 5.57
CA TYR D 191 -20.18 -9.90 5.81
C TYR D 191 -18.71 -10.25 5.60
N MET D 192 -18.10 -9.67 4.57
CA MET D 192 -16.68 -9.91 4.32
C MET D 192 -15.82 -9.39 5.48
N ASN D 193 -16.16 -8.22 6.01
CA ASN D 193 -15.38 -7.64 7.09
C ASN D 193 -15.58 -8.38 8.41
N THR D 194 -16.75 -8.99 8.61
CA THR D 194 -16.98 -9.73 9.85
C THR D 194 -16.07 -10.95 9.95
N HIS D 195 -16.22 -11.90 9.03
CA HIS D 195 -15.42 -13.13 9.01
C HIS D 195 -14.91 -13.36 7.60
N PRO D 196 -13.73 -12.83 7.27
CA PRO D 196 -13.22 -12.92 5.90
C PRO D 196 -12.90 -14.33 5.43
N GLY D 197 -12.12 -15.06 6.22
CA GLY D 197 -11.59 -16.35 5.77
C GLY D 197 -12.67 -17.39 5.55
N ARG D 198 -13.71 -17.39 6.38
CA ARG D 198 -14.72 -18.43 6.31
C ARG D 198 -15.42 -18.45 4.95
N LEU D 199 -15.93 -17.30 4.52
CA LEU D 199 -16.62 -17.24 3.23
C LEU D 199 -15.67 -17.53 2.08
N LEU D 200 -14.43 -17.04 2.18
CA LEU D 200 -13.45 -17.29 1.12
C LEU D 200 -13.21 -18.78 0.93
N LEU D 201 -12.92 -19.50 2.02
CA LEU D 201 -12.68 -20.93 1.91
C LEU D 201 -13.95 -21.66 1.48
N GLY D 202 -15.10 -21.23 1.97
CA GLY D 202 -16.34 -21.88 1.58
C GLY D 202 -16.61 -21.80 0.09
N LEU D 203 -16.47 -20.60 -0.47
CA LEU D 203 -16.69 -20.46 -1.92
C LEU D 203 -15.60 -21.17 -2.71
N THR D 204 -14.35 -21.12 -2.23
CA THR D 204 -13.26 -21.78 -2.94
C THR D 204 -13.48 -23.29 -3.03
N LEU D 205 -13.95 -23.90 -1.94
CA LEU D 205 -14.20 -25.33 -1.93
C LEU D 205 -15.58 -25.70 -2.49
N GLY D 206 -16.48 -24.72 -2.66
CA GLY D 206 -17.76 -25.02 -3.27
C GLY D 206 -17.78 -24.85 -4.77
N LEU D 207 -16.83 -24.10 -5.31
CA LEU D 207 -16.69 -23.97 -6.76
C LEU D 207 -15.98 -25.15 -7.40
N TRP D 208 -15.07 -25.79 -6.68
CA TRP D 208 -14.30 -26.93 -7.18
C TRP D 208 -15.14 -28.21 -7.28
N LEU D 209 -16.35 -28.21 -6.73
CA LEU D 209 -17.25 -29.34 -6.89
C LEU D 209 -18.30 -29.11 -7.96
N THR D 210 -18.56 -27.87 -8.34
CA THR D 210 -19.47 -27.55 -9.43
C THR D 210 -18.76 -27.50 -10.77
N THR D 211 -17.61 -26.84 -10.84
CA THR D 211 -16.83 -26.78 -12.07
C THR D 211 -16.15 -28.10 -12.40
N ALA D 212 -16.14 -29.06 -11.47
CA ALA D 212 -15.62 -30.40 -11.74
C ALA D 212 -16.72 -31.35 -12.20
N TRP D 213 -17.97 -30.90 -12.22
CA TRP D 213 -19.07 -31.64 -12.82
C TRP D 213 -19.53 -31.03 -14.14
N VAL D 214 -19.49 -29.70 -14.25
CA VAL D 214 -19.84 -29.05 -15.51
C VAL D 214 -18.86 -29.47 -16.61
N LEU D 215 -17.65 -29.85 -16.23
CA LEU D 215 -16.65 -30.33 -17.18
C LEU D 215 -16.73 -31.83 -17.42
N SER D 216 -17.08 -32.61 -16.39
CA SER D 216 -17.25 -34.05 -16.53
C SER D 216 -18.50 -34.41 -17.33
N VAL D 217 -19.51 -33.55 -17.35
CA VAL D 217 -20.64 -33.75 -18.25
C VAL D 217 -20.28 -33.36 -19.69
N ALA D 218 -19.16 -32.67 -19.89
CA ALA D 218 -18.77 -32.19 -21.21
C ALA D 218 -17.70 -33.03 -21.89
N GLU D 219 -16.81 -33.68 -21.13
CA GLU D 219 -15.71 -34.42 -21.75
C GLU D 219 -15.71 -35.90 -21.39
N ARG D 220 -16.81 -36.44 -20.85
CA ARG D 220 -16.85 -37.85 -20.50
C ARG D 220 -16.85 -38.73 -21.74
N GLN D 221 -16.20 -39.88 -21.62
CA GLN D 221 -16.10 -40.86 -22.70
C GLN D 221 -16.60 -42.22 -22.23
N ALA D 222 -17.00 -43.04 -23.19
CA ALA D 222 -17.61 -44.33 -22.91
C ALA D 222 -16.62 -45.49 -23.00
N VAL D 223 -15.93 -45.63 -24.14
CA VAL D 223 -15.06 -46.78 -24.35
C VAL D 223 -13.88 -46.73 -23.40
N ASN D 224 -13.21 -45.58 -23.29
CA ASN D 224 -12.04 -45.47 -22.44
C ASN D 224 -12.38 -45.39 -20.97
N ALA D 225 -13.64 -45.13 -20.61
CA ALA D 225 -14.07 -44.97 -19.22
C ALA D 225 -13.25 -43.91 -18.50
N THR D 226 -12.97 -42.81 -19.21
CA THR D 226 -12.16 -41.72 -18.68
C THR D 226 -12.88 -40.40 -18.91
N GLY D 227 -12.56 -39.41 -18.07
CA GLY D 227 -13.15 -38.09 -18.16
C GLY D 227 -14.26 -37.81 -17.18
N HIS D 228 -14.53 -38.72 -16.24
CA HIS D 228 -15.58 -38.53 -15.26
C HIS D 228 -15.01 -37.75 -14.07
N LEU D 229 -15.74 -37.74 -12.94
CA LEU D 229 -15.34 -36.92 -11.80
C LEU D 229 -13.95 -37.29 -11.29
N SER D 230 -13.55 -38.56 -11.41
CA SER D 230 -12.23 -38.98 -10.94
C SER D 230 -11.11 -38.32 -11.72
N ASP D 231 -11.33 -37.95 -12.97
CA ASP D 231 -10.32 -37.30 -13.79
C ASP D 231 -10.53 -35.81 -13.91
N THR D 232 -11.60 -35.26 -13.34
CA THR D 232 -11.84 -33.83 -13.36
C THR D 232 -11.68 -33.18 -11.99
N LEU D 233 -11.68 -33.96 -10.91
CA LEU D 233 -11.34 -33.41 -9.60
C LEU D 233 -9.86 -33.14 -9.44
N TRP D 234 -9.03 -33.62 -10.38
CA TRP D 234 -7.60 -33.39 -10.38
C TRP D 234 -7.16 -32.34 -11.38
N LEU D 235 -7.88 -32.20 -12.49
CA LEU D 235 -7.52 -31.22 -13.52
C LEU D 235 -7.89 -29.80 -13.11
N ILE D 236 -8.98 -29.64 -12.37
CA ILE D 236 -9.49 -28.31 -12.02
C ILE D 236 -8.61 -27.60 -10.99
N PRO D 237 -8.20 -28.25 -9.89
CA PRO D 237 -7.37 -27.51 -8.92
C PRO D 237 -6.02 -27.08 -9.47
N ILE D 238 -5.35 -27.95 -10.24
CA ILE D 238 -4.03 -27.59 -10.78
C ILE D 238 -4.13 -26.58 -11.91
N THR D 239 -5.30 -26.38 -12.49
CA THR D 239 -5.54 -25.28 -13.42
C THR D 239 -5.86 -24.00 -12.68
N PHE D 240 -6.62 -24.10 -11.59
CA PHE D 240 -6.93 -22.94 -10.77
C PHE D 240 -5.67 -22.35 -10.15
N LEU D 241 -4.76 -23.20 -9.71
CA LEU D 241 -3.48 -22.76 -9.13
C LEU D 241 -2.43 -22.46 -10.18
N THR D 242 -2.75 -22.62 -11.46
CA THR D 242 -1.83 -22.32 -12.57
C THR D 242 -0.54 -23.13 -12.46
N ILE D 243 -0.69 -24.43 -12.21
CA ILE D 243 0.45 -25.35 -12.25
C ILE D 243 0.47 -26.03 -13.61
N GLY D 244 -0.59 -26.75 -13.93
CA GLY D 244 -0.72 -27.34 -15.25
C GLY D 244 0.34 -28.35 -15.60
N TYR D 245 0.32 -29.52 -14.95
CA TYR D 245 1.29 -30.57 -15.26
C TYR D 245 1.21 -30.96 -16.73
N GLY D 246 0.07 -31.48 -17.16
CA GLY D 246 -0.11 -31.80 -18.56
C GLY D 246 -0.39 -33.26 -18.85
N ASP D 247 -0.58 -34.05 -17.79
CA ASP D 247 -0.90 -35.46 -17.99
C ASP D 247 -2.32 -35.65 -18.50
N VAL D 248 -3.26 -34.85 -18.01
CA VAL D 248 -4.65 -34.87 -18.47
C VAL D 248 -5.00 -33.47 -18.97
N VAL D 249 -5.53 -33.41 -20.19
CA VAL D 249 -5.92 -32.13 -20.80
C VAL D 249 -7.25 -32.28 -21.49
N PRO D 250 -8.02 -31.20 -21.57
CA PRO D 250 -9.30 -31.26 -22.27
C PRO D 250 -9.13 -31.54 -23.75
N GLY D 251 -10.12 -32.21 -24.32
CA GLY D 251 -10.06 -32.61 -25.72
C GLY D 251 -11.22 -32.16 -26.57
N THR D 252 -12.12 -31.36 -26.00
CA THR D 252 -13.29 -30.87 -26.71
C THR D 252 -13.37 -29.36 -26.60
N MET D 253 -14.04 -28.74 -27.58
CA MET D 253 -14.18 -27.29 -27.60
C MET D 253 -14.95 -26.78 -26.39
N TRP D 254 -15.92 -27.55 -25.90
CA TRP D 254 -16.70 -27.15 -24.73
C TRP D 254 -15.96 -27.42 -23.43
N GLY D 255 -14.87 -28.18 -23.46
CA GLY D 255 -14.08 -28.42 -22.28
C GLY D 255 -12.87 -27.51 -22.20
N LYS D 256 -12.61 -26.77 -23.27
CA LYS D 256 -11.50 -25.82 -23.32
C LYS D 256 -11.93 -24.41 -22.95
N ILE D 257 -13.20 -24.19 -22.65
CA ILE D 257 -13.69 -22.89 -22.19
C ILE D 257 -13.82 -22.84 -20.67
N VAL D 258 -14.22 -23.96 -20.06
CA VAL D 258 -14.26 -24.04 -18.60
C VAL D 258 -12.85 -23.94 -18.02
N CYS D 259 -11.89 -24.60 -18.67
CA CYS D 259 -10.50 -24.54 -18.22
C CYS D 259 -9.90 -23.15 -18.39
N LEU D 260 -10.46 -22.32 -19.27
CA LEU D 260 -10.03 -20.93 -19.39
C LEU D 260 -10.75 -20.01 -18.42
N CYS D 261 -12.01 -20.29 -18.12
CA CYS D 261 -12.73 -19.52 -17.11
C CYS D 261 -12.21 -19.81 -15.70
N THR D 262 -11.62 -20.99 -15.48
CA THR D 262 -11.10 -21.31 -14.15
C THR D 262 -9.81 -20.55 -13.85
N GLY D 263 -8.94 -20.38 -14.85
CA GLY D 263 -7.68 -19.71 -14.62
C GLY D 263 -7.84 -18.24 -14.24
N VAL D 264 -8.78 -17.55 -14.88
CA VAL D 264 -9.05 -16.15 -14.55
C VAL D 264 -9.56 -16.04 -13.11
N MET D 265 -10.44 -16.95 -12.71
CA MET D 265 -10.92 -16.96 -11.33
C MET D 265 -9.76 -17.23 -10.37
N GLY D 266 -8.85 -18.13 -10.74
CA GLY D 266 -7.69 -18.38 -9.89
C GLY D 266 -6.81 -17.15 -9.72
N VAL D 267 -6.57 -16.43 -10.81
CA VAL D 267 -5.75 -15.21 -10.74
C VAL D 267 -6.44 -14.17 -9.87
N CYS D 268 -7.76 -14.00 -10.04
CA CYS D 268 -8.49 -13.04 -9.22
C CYS D 268 -8.44 -13.42 -7.74
N CYS D 269 -8.63 -14.70 -7.44
CA CYS D 269 -8.57 -15.14 -6.05
C CYS D 269 -7.18 -14.93 -5.46
N THR D 270 -6.13 -15.14 -6.27
CA THR D 270 -4.77 -14.85 -5.81
C THR D 270 -4.60 -13.37 -5.50
N ALA D 271 -5.16 -12.51 -6.35
CA ALA D 271 -5.06 -11.07 -6.10
C ALA D 271 -5.77 -10.68 -4.81
N LEU D 272 -6.98 -11.21 -4.58
CA LEU D 272 -7.69 -10.93 -3.35
C LEU D 272 -6.93 -11.47 -2.14
N LEU D 273 -6.33 -12.65 -2.27
CA LEU D 273 -5.56 -13.22 -1.17
C LEU D 273 -4.37 -12.33 -0.82
N VAL D 274 -3.66 -11.84 -1.84
CA VAL D 274 -2.53 -10.94 -1.59
C VAL D 274 -3.01 -9.67 -0.89
N ALA D 275 -4.12 -9.10 -1.37
CA ALA D 275 -4.64 -7.88 -0.78
C ALA D 275 -5.03 -8.08 0.67
N VAL D 276 -5.66 -9.22 0.99
CA VAL D 276 -6.06 -9.47 2.37
C VAL D 276 -4.85 -9.71 3.26
N VAL D 277 -3.90 -10.53 2.80
CA VAL D 277 -2.76 -10.91 3.64
C VAL D 277 -1.77 -9.76 3.83
N ALA D 278 -1.76 -8.77 2.94
CA ALA D 278 -0.74 -7.72 3.01
C ALA D 278 -0.80 -6.92 4.30
N ARG D 279 -1.93 -6.97 5.03
CA ARG D 279 -2.11 -6.08 6.17
C ARG D 279 -2.14 -6.79 7.52
N LYS D 280 -2.39 -8.10 7.55
CA LYS D 280 -2.67 -8.77 8.81
C LYS D 280 -1.45 -8.98 9.70
N LEU D 281 -0.24 -8.72 9.21
CA LEU D 281 0.98 -9.02 9.94
C LEU D 281 1.61 -7.82 10.61
N GLU D 282 0.89 -6.70 10.71
CA GLU D 282 1.45 -5.47 11.26
C GLU D 282 1.00 -5.28 12.71
N PHE D 283 1.86 -4.61 13.49
CA PHE D 283 1.53 -4.27 14.87
C PHE D 283 0.34 -3.31 14.92
N ASN D 284 -0.50 -3.51 15.92
CA ASN D 284 -1.49 -2.50 16.27
C ASN D 284 -0.81 -1.36 17.05
N LYS D 285 -1.48 -0.21 17.10
CA LYS D 285 -0.89 0.97 17.73
C LYS D 285 -0.58 0.71 19.21
N ALA D 286 -1.29 -0.22 19.84
CA ALA D 286 -1.07 -0.48 21.26
C ALA D 286 0.29 -1.09 21.53
N GLU D 287 0.77 -1.97 20.65
CA GLU D 287 2.02 -2.68 20.90
C GLU D 287 3.25 -1.89 20.46
N LYS D 288 3.12 -1.00 19.48
CA LYS D 288 4.27 -0.25 19.00
C LYS D 288 4.85 0.63 20.09
N HIS D 289 3.99 1.32 20.84
CA HIS D 289 4.47 2.19 21.91
C HIS D 289 5.16 1.39 23.01
N VAL D 290 4.60 0.23 23.37
CA VAL D 290 5.21 -0.61 24.39
C VAL D 290 6.57 -1.11 23.93
N HIS D 291 6.66 -1.55 22.67
CA HIS D 291 7.94 -2.03 22.14
C HIS D 291 8.98 -0.90 22.12
N ASN D 292 8.58 0.29 21.68
CA ASN D 292 9.51 1.41 21.64
C ASN D 292 9.97 1.79 23.06
N PHE D 293 9.05 1.80 24.03
CA PHE D 293 9.43 2.15 25.39
C PHE D 293 10.37 1.12 25.99
N MET D 294 10.11 -0.16 25.74
CA MET D 294 10.92 -1.22 26.35
C MET D 294 12.20 -1.51 25.59
N MET D 295 12.36 -0.99 24.37
CA MET D 295 13.61 -1.13 23.63
C MET D 295 14.60 -0.02 23.96
N ASP D 296 14.17 1.03 24.65
CA ASP D 296 15.05 2.15 24.98
C ASP D 296 15.91 1.87 26.21
N ILE D 297 15.36 1.17 27.20
CA ILE D 297 16.14 0.86 28.40
C ILE D 297 17.28 -0.08 28.05
N GLN D 298 17.03 -1.02 27.13
CA GLN D 298 18.10 -1.93 26.70
C GLN D 298 19.23 -1.17 26.02
N TYR D 299 18.89 -0.20 25.16
CA TYR D 299 19.92 0.59 24.50
C TYR D 299 20.68 1.45 25.49
N THR D 300 19.98 2.03 26.47
CA THR D 300 20.65 2.82 27.49
C THR D 300 21.65 1.96 28.28
N LYS D 301 21.22 0.77 28.69
CA LYS D 301 22.11 -0.13 29.41
C LYS D 301 23.30 -0.55 28.55
N GLU D 302 23.04 -0.85 27.27
CA GLU D 302 24.13 -1.25 26.38
C GLU D 302 25.14 -0.13 26.20
N MET D 303 24.67 1.11 26.03
CA MET D 303 25.60 2.23 25.90
C MET D 303 26.39 2.44 27.19
N LYS D 304 25.73 2.31 28.34
CA LYS D 304 26.43 2.52 29.60
C LYS D 304 27.47 1.43 29.86
N GLU D 305 27.21 0.21 29.38
CA GLU D 305 28.21 -0.84 29.50
C GLU D 305 29.35 -0.64 28.50
N SER D 306 29.03 -0.23 27.28
CA SER D 306 30.06 -0.05 26.25
C SER D 306 30.98 1.10 26.59
N ALA D 307 30.45 2.17 27.20
CA ALA D 307 31.29 3.31 27.57
C ALA D 307 32.17 3.03 28.78
N ALA D 308 32.15 1.79 29.29
CA ALA D 308 33.06 1.36 30.33
C ALA D 308 34.14 0.42 29.81
N ARG D 309 34.01 -0.05 28.57
CA ARG D 309 35.05 -0.81 27.89
C ARG D 309 35.99 0.07 27.08
N VAL D 310 35.96 1.38 27.29
CA VAL D 310 36.93 2.29 26.71
C VAL D 310 37.95 2.76 27.75
N LEU D 311 37.46 3.29 28.88
CA LEU D 311 38.35 3.86 29.90
C LEU D 311 39.23 2.79 30.53
N GLN D 312 38.70 1.58 30.74
CA GLN D 312 39.48 0.51 31.35
C GLN D 312 40.71 0.19 30.52
N GLU D 313 40.52 -0.03 29.22
CA GLU D 313 41.66 -0.32 28.36
C GLU D 313 42.56 0.90 28.20
N ALA D 314 42.00 2.11 28.22
CA ALA D 314 42.85 3.29 28.15
C ALA D 314 43.79 3.35 29.35
N TRP D 315 43.24 3.13 30.55
CA TRP D 315 44.06 3.13 31.76
C TRP D 315 45.06 1.99 31.76
N MET D 316 44.65 0.79 31.32
CA MET D 316 45.57 -0.34 31.30
C MET D 316 46.72 -0.11 30.32
N PHE D 317 46.41 0.46 29.15
CA PHE D 317 47.47 0.77 28.19
C PHE D 317 48.40 1.85 28.74
N TYR D 318 47.85 2.83 29.45
CA TYR D 318 48.69 3.84 30.09
C TYR D 318 49.62 3.20 31.12
N LYS D 319 49.10 2.28 31.93
CA LYS D 319 49.93 1.61 32.92
C LYS D 319 51.02 0.78 32.26
N HIS D 320 50.67 0.06 31.19
CA HIS D 320 51.67 -0.77 30.52
C HIS D 320 52.72 0.07 29.82
N THR D 321 52.34 1.24 29.29
CA THR D 321 53.32 2.18 28.75
C THR D 321 54.23 2.71 29.85
N ARG D 322 53.66 2.97 31.04
CA ARG D 322 54.47 3.38 32.17
C ARG D 322 55.49 2.31 32.53
N ARG D 323 55.07 1.04 32.53
CA ARG D 323 55.98 -0.07 32.77
C ARG D 323 56.79 -0.42 31.53
N LYS D 324 56.35 0.00 30.35
CA LYS D 324 57.07 -0.21 29.09
C LYS D 324 57.27 -1.68 28.77
N GLU D 325 56.18 -2.45 28.75
CA GLU D 325 56.28 -3.85 28.34
C GLU D 325 56.59 -3.99 26.86
N SER D 326 56.13 -3.03 26.04
CA SER D 326 56.42 -2.95 24.61
C SER D 326 55.84 -4.12 23.83
N HIS D 327 55.09 -5.01 24.48
CA HIS D 327 54.38 -6.06 23.79
C HIS D 327 52.94 -6.21 24.24
N ALA D 328 52.55 -5.61 25.37
CA ALA D 328 51.15 -5.56 25.78
C ALA D 328 50.50 -4.20 25.57
N ALA D 329 51.29 -3.12 25.57
CA ALA D 329 50.73 -1.81 25.22
C ALA D 329 50.24 -1.79 23.78
N ARG D 330 51.02 -2.39 22.87
CA ARG D 330 50.59 -2.49 21.48
C ARG D 330 49.37 -3.39 21.32
N ARG D 331 49.22 -4.41 22.17
CA ARG D 331 48.05 -5.27 22.14
C ARG D 331 46.80 -4.56 22.68
N HIS D 332 46.95 -3.76 23.73
CA HIS D 332 45.83 -3.05 24.32
C HIS D 332 45.49 -1.77 23.59
N GLN D 333 46.36 -1.28 22.70
CA GLN D 333 46.00 -0.19 21.81
C GLN D 333 45.15 -0.66 20.64
N ARG D 334 44.97 -1.97 20.49
CA ARG D 334 44.13 -2.53 19.43
C ARG D 334 42.69 -2.75 19.87
N LYS D 335 42.44 -2.87 21.18
CA LYS D 335 41.10 -3.06 21.69
C LYS D 335 40.37 -1.75 21.93
N LEU D 336 41.11 -0.68 22.21
CA LEU D 336 40.49 0.64 22.36
C LEU D 336 39.83 1.09 21.07
N LEU D 337 40.51 0.87 19.94
CA LEU D 337 39.98 1.31 18.65
C LEU D 337 38.76 0.50 18.21
N ALA D 338 38.54 -0.67 18.79
CA ALA D 338 37.34 -1.44 18.52
C ALA D 338 36.22 -1.12 19.50
N ALA D 339 36.58 -0.83 20.76
CA ALA D 339 35.59 -0.39 21.73
C ALA D 339 34.98 0.94 21.31
N ILE D 340 35.79 1.84 20.75
CA ILE D 340 35.26 3.11 20.26
C ILE D 340 34.27 2.87 19.11
N ASN D 341 34.60 1.95 18.22
CA ASN D 341 33.70 1.63 17.12
C ASN D 341 32.38 1.05 17.63
N ALA D 342 32.45 0.15 18.61
CA ALA D 342 31.23 -0.43 19.19
C ALA D 342 30.39 0.66 19.85
N PHE D 343 31.04 1.58 20.57
CA PHE D 343 30.31 2.70 21.17
C PHE D 343 29.62 3.53 20.10
N ARG D 344 30.31 3.77 18.98
CA ARG D 344 29.71 4.54 17.90
C ARG D 344 28.47 3.85 17.33
N GLN D 345 28.56 2.53 17.11
CA GLN D 345 27.40 1.80 16.61
C GLN D 345 26.23 1.87 17.58
N VAL D 346 26.50 1.70 18.87
CA VAL D 346 25.43 1.72 19.86
C VAL D 346 24.77 3.09 19.91
N ARG D 347 25.57 4.17 19.92
CA ARG D 347 24.98 5.49 20.00
C ARG D 347 24.23 5.85 18.72
N LEU D 348 24.69 5.37 17.57
CA LEU D 348 23.94 5.61 16.34
C LEU D 348 22.59 4.91 16.36
N LYS D 349 22.56 3.66 16.82
CA LYS D 349 21.29 2.95 16.93
C LYS D 349 20.35 3.65 17.91
N HIS D 350 20.89 4.11 19.05
CA HIS D 350 20.05 4.81 20.03
C HIS D 350 19.51 6.10 19.45
N ARG D 351 20.33 6.86 18.72
CA ARG D 351 19.85 8.09 18.10
C ARG D 351 18.76 7.81 17.09
N LYS D 352 18.92 6.77 16.27
CA LYS D 352 17.89 6.44 15.28
C LYS D 352 16.58 6.07 15.96
N LEU D 353 16.64 5.25 17.02
CA LEU D 353 15.42 4.86 17.72
C LEU D 353 14.76 6.07 18.39
N ARG D 354 15.58 6.96 18.97
CA ARG D 354 15.02 8.16 19.59
C ARG D 354 14.35 9.04 18.55
N GLU D 355 14.96 9.19 17.36
CA GLU D 355 14.33 9.97 16.31
C GLU D 355 13.01 9.35 15.86
N GLN D 356 12.98 8.02 15.73
CA GLN D 356 11.74 7.34 15.36
C GLN D 356 10.65 7.55 16.41
N VAL D 357 11.02 7.47 17.69
CA VAL D 357 10.04 7.67 18.76
C VAL D 357 9.52 9.11 18.74
N ASN D 358 10.43 10.08 18.59
CA ASN D 358 10.04 11.48 18.60
C ASN D 358 9.36 11.92 17.31
N SER D 359 9.38 11.10 16.27
CA SER D 359 8.73 11.43 15.01
C SER D 359 7.35 10.81 14.87
N MET D 360 7.05 9.76 15.64
CA MET D 360 5.72 9.14 15.60
C MET D 360 4.71 9.87 16.46
N VAL D 361 5.13 10.88 17.22
CA VAL D 361 4.20 11.63 18.07
C VAL D 361 3.27 12.48 17.23
N ASP D 362 3.58 12.66 15.93
CA ASP D 362 2.76 13.51 15.08
C ASP D 362 1.34 12.98 14.95
N ILE D 363 1.11 11.73 15.32
CA ILE D 363 -0.22 11.14 15.25
C ILE D 363 -1.19 11.87 16.17
N SER D 364 -0.78 12.12 17.41
CA SER D 364 -1.72 12.64 18.39
C SER D 364 -1.16 13.73 19.30
N LYS D 365 0.08 14.16 19.08
CA LYS D 365 0.63 15.22 19.93
C LYS D 365 -0.01 16.57 19.61
N MET D 366 -0.54 16.71 18.40
CA MET D 366 -1.21 17.94 18.01
C MET D 366 -2.42 18.20 18.92
N HIS D 367 -3.16 17.14 19.23
CA HIS D 367 -4.30 17.27 20.13
C HIS D 367 -3.87 17.74 21.52
N MET D 368 -2.78 17.15 22.04
CA MET D 368 -2.29 17.53 23.36
C MET D 368 -1.82 18.97 23.38
N ILE D 369 -1.10 19.40 22.35
CA ILE D 369 -0.61 20.77 22.31
C ILE D 369 -1.76 21.74 22.18
N LEU D 370 -2.78 21.40 21.39
CA LEU D 370 -3.96 22.25 21.27
C LEU D 370 -4.70 22.35 22.61
N TYR D 371 -4.82 21.23 23.33
CA TYR D 371 -5.45 21.27 24.64
C TYR D 371 -4.66 22.15 25.61
N ASP D 372 -3.34 22.01 25.60
CA ASP D 372 -2.50 22.83 26.47
C ASP D 372 -2.55 24.31 26.11
N LEU D 373 -2.69 24.65 24.83
CA LEU D 373 -2.82 26.03 24.40
C LEU D 373 -4.18 26.61 24.74
N GLN D 374 -5.25 25.80 24.63
CA GLN D 374 -6.58 26.25 25.02
C GLN D 374 -6.71 26.41 26.52
N GLN D 375 -5.96 25.61 27.30
CA GLN D 375 -5.99 25.75 28.75
C GLN D 375 -5.38 27.05 29.25
N ASN D 376 -4.62 27.75 28.39
CA ASN D 376 -3.96 28.99 28.79
C ASN D 376 -4.26 30.17 27.88
N LEU D 377 -5.05 29.99 26.81
CA LEU D 377 -5.39 31.10 25.94
C LEU D 377 -6.19 32.17 26.69
N SER D 378 -6.92 31.80 27.73
CA SER D 378 -7.70 32.75 28.50
C SER D 378 -6.81 33.70 29.30
N GLN E 1 -12.20 40.40 -34.59
CA GLN E 1 -12.02 39.52 -35.73
C GLN E 1 -12.54 38.13 -35.43
N LEU E 2 -12.88 37.89 -34.16
CA LEU E 2 -13.40 36.59 -33.74
C LEU E 2 -14.81 36.38 -34.26
N THR E 3 -15.20 35.11 -34.35
CA THR E 3 -16.54 34.75 -34.80
C THR E 3 -17.52 34.97 -33.65
N GLU E 4 -18.77 34.53 -33.85
CA GLU E 4 -19.83 34.74 -32.87
C GLU E 4 -19.97 33.59 -31.88
N GLU E 5 -19.14 32.57 -31.98
CA GLU E 5 -19.12 31.47 -31.01
C GLU E 5 -17.93 31.52 -30.08
N GLN E 6 -16.77 31.96 -30.56
CA GLN E 6 -15.60 32.11 -29.70
C GLN E 6 -15.86 33.17 -28.64
N ILE E 7 -16.62 34.21 -28.98
CA ILE E 7 -16.96 35.27 -28.02
C ILE E 7 -17.77 34.66 -26.88
N ALA E 8 -18.75 33.82 -27.22
CA ALA E 8 -19.55 33.16 -26.18
C ALA E 8 -18.71 32.20 -25.35
N GLU E 9 -17.81 31.46 -25.99
CA GLU E 9 -16.95 30.53 -25.24
C GLU E 9 -16.05 31.28 -24.27
N PHE E 10 -15.47 32.40 -24.71
CA PHE E 10 -14.61 33.18 -23.83
C PHE E 10 -15.40 33.87 -22.74
N LYS E 11 -16.66 34.26 -23.02
CA LYS E 11 -17.51 34.78 -21.95
C LYS E 11 -17.82 33.71 -20.91
N GLU E 12 -18.07 32.48 -21.34
CA GLU E 12 -18.26 31.39 -20.40
C GLU E 12 -17.01 31.15 -19.56
N ALA E 13 -15.83 31.23 -20.19
CA ALA E 13 -14.58 31.12 -19.44
C ALA E 13 -14.38 32.27 -18.46
N PHE E 14 -14.79 33.49 -18.84
CA PHE E 14 -14.72 34.64 -17.95
C PHE E 14 -15.65 34.50 -16.75
N SER E 15 -16.83 33.91 -16.96
CA SER E 15 -17.78 33.71 -15.88
C SER E 15 -17.26 32.79 -14.79
N LEU E 16 -16.23 31.98 -15.08
CA LEU E 16 -15.61 31.17 -14.03
C LEU E 16 -14.93 32.05 -12.99
N PHE E 17 -14.26 33.11 -13.42
CA PHE E 17 -13.59 34.02 -12.50
C PHE E 17 -14.53 35.09 -11.96
N ASP E 18 -15.43 35.61 -12.80
CA ASP E 18 -16.39 36.63 -12.36
C ASP E 18 -17.64 35.92 -11.86
N LYS E 19 -17.58 35.47 -10.61
CA LYS E 19 -18.69 34.72 -10.02
C LYS E 19 -19.94 35.59 -9.92
N ASP E 20 -19.79 36.84 -9.50
CA ASP E 20 -20.88 37.80 -9.51
C ASP E 20 -20.78 38.67 -10.75
N GLY E 21 -21.93 39.10 -11.26
CA GLY E 21 -21.98 39.81 -12.52
C GLY E 21 -21.65 41.28 -12.46
N ASP E 22 -20.60 41.65 -11.71
CA ASP E 22 -20.19 43.05 -11.69
C ASP E 22 -19.47 43.45 -12.97
N GLY E 23 -18.87 42.49 -13.66
CA GLY E 23 -18.22 42.73 -14.93
C GLY E 23 -16.71 42.86 -14.89
N THR E 24 -16.10 42.81 -13.71
CA THR E 24 -14.65 42.93 -13.57
C THR E 24 -14.15 41.88 -12.59
N ILE E 25 -12.88 41.51 -12.76
CA ILE E 25 -12.22 40.56 -11.87
C ILE E 25 -11.39 41.34 -10.87
N THR E 26 -11.62 41.10 -9.58
CA THR E 26 -10.90 41.77 -8.51
C THR E 26 -9.90 40.80 -7.89
N THR E 27 -9.12 41.33 -6.93
CA THR E 27 -8.10 40.52 -6.27
C THR E 27 -8.72 39.38 -5.46
N LYS E 28 -9.82 39.66 -4.76
CA LYS E 28 -10.41 38.66 -3.88
C LYS E 28 -10.93 37.45 -4.65
N GLU E 29 -11.59 37.69 -5.79
CA GLU E 29 -12.15 36.58 -6.56
C GLU E 29 -11.06 35.68 -7.13
N LEU E 30 -10.01 36.29 -7.70
CA LEU E 30 -8.88 35.51 -8.19
C LEU E 30 -8.20 34.75 -7.06
N GLY E 31 -8.07 35.38 -5.88
CA GLY E 31 -7.51 34.68 -4.74
C GLY E 31 -8.34 33.49 -4.31
N THR E 32 -9.67 33.64 -4.34
CA THR E 32 -10.55 32.52 -4.01
C THR E 32 -10.38 31.38 -4.99
N VAL E 33 -10.25 31.70 -6.29
CA VAL E 33 -10.01 30.64 -7.28
C VAL E 33 -8.67 29.96 -7.02
N MET E 34 -7.64 30.76 -6.75
CA MET E 34 -6.31 30.21 -6.46
C MET E 34 -6.36 29.26 -5.27
N ARG E 35 -7.05 29.67 -4.20
CA ARG E 35 -7.18 28.82 -3.02
C ARG E 35 -7.98 27.56 -3.32
N SER E 36 -9.05 27.67 -4.11
CA SER E 36 -9.84 26.51 -4.49
C SER E 36 -9.05 25.54 -5.35
N LEU E 37 -8.01 26.00 -6.04
CA LEU E 37 -7.14 25.14 -6.83
C LEU E 37 -6.06 24.49 -5.99
N GLY E 38 -6.01 24.76 -4.69
CA GLY E 38 -5.08 24.12 -3.78
C GLY E 38 -3.87 24.96 -3.42
N GLN E 39 -3.57 25.99 -4.19
CA GLN E 39 -2.43 26.85 -3.88
C GLN E 39 -2.80 27.88 -2.82
N ASN E 40 -1.78 28.44 -2.16
CA ASN E 40 -1.96 29.40 -1.08
C ASN E 40 -1.12 30.64 -1.33
N PRO E 41 -1.54 31.50 -2.26
CA PRO E 41 -0.84 32.75 -2.50
C PRO E 41 -1.31 33.82 -1.52
N THR E 42 -0.77 35.03 -1.68
CA THR E 42 -1.13 36.14 -0.81
C THR E 42 -1.13 37.43 -1.63
N GLU E 43 -1.25 38.56 -0.92
CA GLU E 43 -1.56 39.83 -1.56
C GLU E 43 -0.47 40.27 -2.53
N ALA E 44 0.80 40.02 -2.19
CA ALA E 44 1.90 40.48 -3.03
C ALA E 44 1.82 39.87 -4.42
N GLU E 45 1.74 38.54 -4.50
CA GLU E 45 1.66 37.89 -5.80
C GLU E 45 0.32 38.16 -6.47
N LEU E 46 -0.76 38.25 -5.68
CA LEU E 46 -2.08 38.54 -6.26
C LEU E 46 -2.09 39.87 -6.98
N GLN E 47 -1.49 40.90 -6.37
CA GLN E 47 -1.37 42.19 -7.03
C GLN E 47 -0.31 42.18 -8.13
N ASP E 48 0.69 41.31 -8.02
CA ASP E 48 1.74 41.25 -9.04
C ASP E 48 1.20 40.68 -10.36
N MET E 49 0.32 39.68 -10.29
CA MET E 49 -0.13 39.06 -11.54
C MET E 49 -1.32 39.79 -12.16
N ILE E 50 -1.84 40.83 -11.53
CA ILE E 50 -2.99 41.55 -12.09
C ILE E 50 -2.54 42.75 -12.91
N ASN E 51 -1.59 43.54 -12.41
CA ASN E 51 -1.11 44.70 -13.16
C ASN E 51 -0.26 44.32 -14.36
N GLU E 52 0.11 43.04 -14.49
CA GLU E 52 0.88 42.61 -15.65
C GLU E 52 0.07 42.77 -16.94
N VAL E 53 -1.23 42.47 -16.89
CA VAL E 53 -2.07 42.50 -18.08
C VAL E 53 -2.97 43.73 -18.14
N ASP E 54 -3.14 44.45 -17.04
CA ASP E 54 -3.98 45.65 -17.03
C ASP E 54 -3.37 46.72 -17.93
N ALA E 55 -4.06 47.03 -19.04
CA ALA E 55 -3.52 47.92 -20.06
C ALA E 55 -3.64 49.39 -19.69
N ASP E 56 -4.48 49.75 -18.72
CA ASP E 56 -4.62 51.14 -18.29
C ASP E 56 -4.35 51.34 -16.81
N GLY E 57 -4.78 50.39 -15.97
CA GLY E 57 -4.51 50.44 -14.55
C GLY E 57 -5.70 50.90 -13.73
N ASN E 58 -6.46 49.94 -13.19
CA ASN E 58 -7.60 50.20 -12.34
C ASN E 58 -7.61 49.34 -11.08
N GLY E 59 -6.78 48.29 -11.01
CA GLY E 59 -6.88 47.31 -9.97
C GLY E 59 -7.80 46.15 -10.30
N THR E 60 -8.48 46.20 -11.44
CA THR E 60 -9.40 45.15 -11.86
C THR E 60 -9.15 44.82 -13.32
N ILE E 61 -9.62 43.65 -13.74
CA ILE E 61 -9.41 43.14 -15.09
C ILE E 61 -10.76 43.11 -15.80
N ASP E 62 -10.79 43.64 -17.02
CA ASP E 62 -11.98 43.65 -17.85
C ASP E 62 -11.89 42.53 -18.90
N PHE E 63 -12.88 42.47 -19.78
CA PHE E 63 -12.94 41.44 -20.82
C PHE E 63 -12.00 41.73 -21.99
N PRO E 64 -11.94 42.97 -22.51
CA PRO E 64 -10.99 43.24 -23.60
C PRO E 64 -9.55 42.98 -23.22
N GLU E 65 -9.18 43.22 -21.96
CA GLU E 65 -7.83 42.91 -21.48
C GLU E 65 -7.72 41.50 -20.92
N PHE E 66 -8.81 40.75 -20.91
CA PHE E 66 -8.76 39.31 -20.66
C PHE E 66 -8.54 38.53 -21.93
N LEU E 67 -9.09 39.00 -23.05
CA LEU E 67 -8.81 38.37 -24.33
C LEU E 67 -7.33 38.47 -24.70
N THR E 68 -6.68 39.59 -24.34
CA THR E 68 -5.24 39.71 -24.57
C THR E 68 -4.46 38.68 -23.77
N MET E 69 -4.85 38.45 -22.52
CA MET E 69 -4.19 37.42 -21.72
C MET E 69 -4.43 36.03 -22.30
N MET E 70 -5.65 35.76 -22.74
CA MET E 70 -5.96 34.43 -23.28
C MET E 70 -5.33 34.20 -24.64
N ALA E 71 -4.99 35.26 -25.37
CA ALA E 71 -4.29 35.09 -26.64
C ALA E 71 -2.87 34.58 -26.48
N ARG E 72 -2.34 34.57 -25.25
CA ARG E 72 -0.98 34.12 -24.98
C ARG E 72 -0.90 32.78 -24.28
N LYS E 73 -1.86 32.46 -23.42
CA LYS E 73 -1.79 31.25 -22.61
C LYS E 73 -2.45 30.05 -23.26
N MET E 74 -2.89 30.18 -24.51
CA MET E 74 -3.46 29.05 -25.25
C MET E 74 -2.54 28.52 -26.33
N LYS E 75 -1.44 29.21 -26.64
CA LYS E 75 -0.48 28.71 -27.60
C LYS E 75 0.40 27.64 -26.97
N ASP E 76 1.22 26.99 -27.80
CA ASP E 76 2.02 25.86 -27.33
C ASP E 76 3.04 26.30 -26.29
N THR E 77 3.67 27.45 -26.49
CA THR E 77 4.64 27.97 -25.53
C THR E 77 4.65 29.49 -25.59
N ASP E 78 4.45 30.13 -24.45
CA ASP E 78 4.48 31.59 -24.37
C ASP E 78 5.92 32.08 -24.38
N SER E 79 6.24 32.97 -25.30
CA SER E 79 7.60 33.47 -25.46
C SER E 79 7.83 34.81 -24.77
N GLU E 80 6.81 35.37 -24.14
CA GLU E 80 6.97 36.60 -23.36
C GLU E 80 7.23 36.33 -21.89
N GLU E 81 7.14 35.07 -21.46
CA GLU E 81 7.47 34.69 -20.10
C GLU E 81 8.91 34.23 -19.93
N GLU E 82 9.49 33.63 -20.97
CA GLU E 82 10.88 33.20 -20.94
C GLU E 82 11.86 34.33 -21.25
N ILE E 83 11.36 35.53 -21.52
CA ILE E 83 12.19 36.73 -21.56
C ILE E 83 12.03 37.57 -20.29
N ARG E 84 10.98 37.34 -19.51
CA ARG E 84 10.81 37.99 -18.22
C ARG E 84 11.36 37.16 -17.06
N GLU E 85 11.45 35.84 -17.24
CA GLU E 85 12.06 34.98 -16.22
C GLU E 85 13.56 34.79 -16.46
N ALA E 86 14.01 34.85 -17.71
CA ALA E 86 15.44 34.83 -18.01
C ALA E 86 16.09 36.18 -17.83
N PHE E 87 15.39 37.11 -17.19
CA PHE E 87 15.91 38.43 -16.85
C PHE E 87 16.11 38.61 -15.36
N ARG E 88 15.34 37.91 -14.53
CA ARG E 88 15.47 38.00 -13.09
C ARG E 88 16.62 37.15 -12.55
N VAL E 89 17.21 36.29 -13.38
CA VAL E 89 18.43 35.60 -12.98
C VAL E 89 19.67 36.42 -13.27
N PHE E 90 19.57 37.45 -14.11
CA PHE E 90 20.64 38.41 -14.33
C PHE E 90 20.56 39.59 -13.37
N ASP E 91 19.52 39.64 -12.55
CA ASP E 91 19.28 40.75 -11.62
C ASP E 91 19.15 40.14 -10.22
N LYS E 92 20.29 39.97 -9.55
CA LYS E 92 20.29 39.38 -8.21
C LYS E 92 20.04 40.41 -7.12
N ASP E 93 20.46 41.66 -7.31
CA ASP E 93 20.22 42.68 -6.31
C ASP E 93 18.72 42.96 -6.15
N GLY E 94 17.99 42.97 -7.25
CA GLY E 94 16.56 43.19 -7.21
C GLY E 94 16.11 44.63 -7.42
N ASN E 95 17.03 45.54 -7.70
CA ASN E 95 16.66 46.93 -7.92
C ASN E 95 15.84 47.11 -9.19
N GLY E 96 16.01 46.23 -10.17
CA GLY E 96 15.32 46.33 -11.44
C GLY E 96 16.20 46.69 -12.61
N TYR E 97 17.51 46.80 -12.42
CA TYR E 97 18.44 47.13 -13.48
C TYR E 97 19.57 46.12 -13.50
N ILE E 98 20.13 45.90 -14.69
CA ILE E 98 21.22 44.95 -14.87
C ILE E 98 22.54 45.70 -14.65
N SER E 99 23.18 45.45 -13.52
CA SER E 99 24.46 46.07 -13.22
C SER E 99 25.56 45.46 -14.10
N ALA E 100 26.65 46.22 -14.28
CA ALA E 100 27.76 45.74 -15.08
C ALA E 100 28.39 44.51 -14.45
N ALA E 101 28.51 44.47 -13.12
CA ALA E 101 29.10 43.32 -12.45
C ALA E 101 28.26 42.07 -12.67
N GLU E 102 26.93 42.19 -12.58
CA GLU E 102 26.06 41.03 -12.75
C GLU E 102 26.22 40.41 -14.13
N LEU E 103 26.20 41.24 -15.18
CA LEU E 103 26.36 40.75 -16.54
C LEU E 103 27.75 40.16 -16.75
N ARG E 104 28.79 40.91 -16.35
CA ARG E 104 30.15 40.45 -16.53
C ARG E 104 30.43 39.16 -15.77
N HIS E 105 29.65 38.87 -14.73
CA HIS E 105 29.80 37.61 -14.02
C HIS E 105 29.03 36.49 -14.71
N VAL E 106 27.74 36.71 -14.97
CA VAL E 106 26.90 35.61 -15.45
C VAL E 106 27.26 35.22 -16.89
N MET E 107 27.52 36.20 -17.76
CA MET E 107 27.75 35.89 -19.16
C MET E 107 29.12 35.27 -19.39
N THR E 108 30.16 35.79 -18.73
CA THR E 108 31.51 35.34 -19.00
C THR E 108 31.85 34.06 -18.26
N ASN E 109 31.65 34.05 -16.94
CA ASN E 109 32.07 32.90 -16.14
C ASN E 109 31.28 31.65 -16.50
N LEU E 110 29.97 31.78 -16.69
CA LEU E 110 29.11 30.63 -16.95
C LEU E 110 28.79 30.52 -18.43
N GLY E 111 28.44 29.30 -18.85
CA GLY E 111 28.19 29.05 -20.25
C GLY E 111 29.47 29.14 -21.07
N GLU E 112 29.31 29.50 -22.34
CA GLU E 112 30.45 29.72 -23.20
C GLU E 112 31.20 30.98 -22.77
N LYS E 113 32.52 30.88 -22.66
CA LYS E 113 33.32 32.01 -22.21
C LYS E 113 33.25 33.16 -23.23
N LEU E 114 33.03 34.37 -22.71
CA LEU E 114 32.91 35.55 -23.54
C LEU E 114 33.95 36.58 -23.13
N THR E 115 34.52 37.26 -24.12
CA THR E 115 35.56 38.26 -23.86
C THR E 115 34.98 39.43 -23.07
N ASP E 116 35.80 39.97 -22.16
CA ASP E 116 35.37 41.12 -21.38
C ASP E 116 35.11 42.33 -22.27
N GLU E 117 35.97 42.54 -23.27
CA GLU E 117 35.74 43.65 -24.21
C GLU E 117 34.44 43.45 -24.98
N GLU E 118 34.17 42.22 -25.42
CA GLU E 118 32.91 41.95 -26.11
C GLU E 118 31.72 42.20 -25.21
N VAL E 119 31.80 41.79 -23.94
CA VAL E 119 30.71 42.02 -23.00
C VAL E 119 30.49 43.51 -22.80
N ASP E 120 31.58 44.28 -22.66
CA ASP E 120 31.45 45.73 -22.49
C ASP E 120 30.83 46.38 -23.73
N GLU E 121 31.24 45.93 -24.93
CA GLU E 121 30.66 46.47 -26.15
C GLU E 121 29.18 46.14 -26.24
N MET E 122 28.79 44.91 -25.87
CA MET E 122 27.38 44.54 -25.88
C MET E 122 26.58 45.37 -24.90
N ILE E 123 27.12 45.60 -23.70
CA ILE E 123 26.44 46.42 -22.71
C ILE E 123 26.27 47.85 -23.21
N ARG E 124 27.32 48.40 -23.82
CA ARG E 124 27.22 49.76 -24.35
C ARG E 124 26.19 49.85 -25.47
N GLU E 125 26.16 48.85 -26.36
CA GLU E 125 25.19 48.87 -27.44
C GLU E 125 23.76 48.72 -26.92
N ALA E 126 23.56 47.86 -25.93
CA ALA E 126 22.21 47.63 -25.42
C ALA E 126 21.72 48.78 -24.55
N ASP E 127 22.63 49.51 -23.90
CA ASP E 127 22.24 50.59 -23.01
C ASP E 127 21.76 51.80 -23.80
N ILE E 128 20.45 51.89 -24.03
CA ILE E 128 19.89 53.05 -24.73
C ILE E 128 19.74 54.24 -23.79
N ASP E 129 19.67 54.02 -22.48
CA ASP E 129 19.60 55.11 -21.53
C ASP E 129 20.94 55.79 -21.30
N GLY E 130 22.05 55.08 -21.50
CA GLY E 130 23.37 55.64 -21.31
C GLY E 130 23.84 55.69 -19.88
N ASP E 131 23.07 55.18 -18.93
CA ASP E 131 23.44 55.18 -17.52
C ASP E 131 24.19 53.93 -17.10
N GLY E 132 24.44 53.00 -18.01
CA GLY E 132 25.11 51.77 -17.64
C GLY E 132 24.26 50.81 -16.85
N GLN E 133 22.94 50.94 -16.92
CA GLN E 133 22.01 50.08 -16.18
C GLN E 133 20.95 49.59 -17.17
N VAL E 134 21.12 48.37 -17.67
CA VAL E 134 20.15 47.81 -18.61
C VAL E 134 18.84 47.53 -17.89
N ASN E 135 17.74 47.99 -18.47
CA ASN E 135 16.41 47.85 -17.90
C ASN E 135 15.62 46.81 -18.70
N TYR E 136 14.38 46.57 -18.26
CA TYR E 136 13.55 45.57 -18.92
C TYR E 136 13.24 45.96 -20.36
N GLU E 137 12.96 47.25 -20.60
CA GLU E 137 12.59 47.67 -21.94
C GLU E 137 13.71 47.42 -22.95
N GLU E 138 14.93 47.86 -22.63
CA GLU E 138 16.06 47.65 -23.54
C GLU E 138 16.38 46.17 -23.69
N PHE E 139 16.32 45.42 -22.59
CA PHE E 139 16.58 43.98 -22.65
C PHE E 139 15.61 43.29 -23.58
N VAL E 140 14.31 43.56 -23.44
CA VAL E 140 13.30 42.94 -24.28
C VAL E 140 13.47 43.37 -25.73
N GLN E 141 13.74 44.66 -25.95
CA GLN E 141 13.90 45.15 -27.32
C GLN E 141 15.08 44.46 -28.00
N MET E 142 16.22 44.36 -27.30
CA MET E 142 17.39 43.72 -27.88
C MET E 142 17.15 42.23 -28.14
N MET E 143 16.49 41.54 -27.20
CA MET E 143 16.33 40.09 -27.36
C MET E 143 15.21 39.73 -28.33
N THR E 144 14.28 40.66 -28.62
CA THR E 144 13.25 40.38 -29.61
C THR E 144 13.65 40.87 -31.00
N ALA E 145 13.93 42.17 -31.13
CA ALA E 145 14.32 42.78 -32.41
C ALA E 145 13.29 42.50 -33.50
N GLN F 1 -52.73 3.12 15.14
CA GLN F 1 -52.82 1.97 14.25
C GLN F 1 -51.55 1.12 14.32
N LEU F 2 -50.47 1.74 14.78
CA LEU F 2 -49.20 1.03 14.89
C LEU F 2 -49.27 -0.06 15.94
N THR F 3 -48.61 -1.18 15.67
CA THR F 3 -48.52 -2.27 16.64
C THR F 3 -47.63 -1.86 17.81
N GLU F 4 -47.92 -2.44 18.98
CA GLU F 4 -47.17 -2.12 20.18
C GLU F 4 -45.68 -2.36 20.00
N GLU F 5 -45.31 -3.42 19.28
CA GLU F 5 -43.91 -3.71 19.04
C GLU F 5 -43.25 -2.60 18.22
N GLN F 6 -43.95 -2.09 17.20
CA GLN F 6 -43.41 -0.99 16.41
C GLN F 6 -43.24 0.26 17.25
N ILE F 7 -44.19 0.54 18.15
CA ILE F 7 -44.09 1.69 19.03
C ILE F 7 -42.88 1.54 19.95
N ALA F 8 -42.66 0.33 20.47
CA ALA F 8 -41.49 0.09 21.32
C ALA F 8 -40.20 0.29 20.53
N GLU F 9 -40.16 -0.21 19.29
CA GLU F 9 -38.96 -0.04 18.47
C GLU F 9 -38.67 1.43 18.18
N PHE F 10 -39.71 2.20 17.86
CA PHE F 10 -39.51 3.63 17.63
C PHE F 10 -39.11 4.36 18.91
N LYS F 11 -39.63 3.96 20.06
CA LYS F 11 -39.20 4.56 21.32
C LYS F 11 -37.74 4.23 21.62
N GLU F 12 -37.29 3.01 21.29
CA GLU F 12 -35.87 2.69 21.40
C GLU F 12 -35.02 3.51 20.45
N ALA F 13 -35.50 3.75 19.23
CA ALA F 13 -34.78 4.59 18.28
C ALA F 13 -34.74 6.05 18.71
N PHE F 14 -35.72 6.51 19.47
CA PHE F 14 -35.73 7.85 20.04
C PHE F 14 -34.70 8.04 21.14
N SER F 15 -34.39 6.97 21.88
CA SER F 15 -33.38 7.01 22.94
C SER F 15 -31.98 7.22 22.39
N LEU F 16 -31.74 6.94 21.11
CA LEU F 16 -30.46 7.28 20.51
C LEU F 16 -30.27 8.77 20.42
N PHE F 17 -31.35 9.54 20.46
CA PHE F 17 -31.30 11.00 20.34
C PHE F 17 -31.49 11.71 21.68
N ASP F 18 -32.53 11.37 22.44
CA ASP F 18 -32.73 12.06 23.73
C ASP F 18 -31.93 11.35 24.82
N LYS F 19 -30.60 11.47 24.71
CA LYS F 19 -29.71 10.82 25.66
C LYS F 19 -29.93 11.33 27.08
N ASP F 20 -30.29 12.60 27.24
CA ASP F 20 -30.51 13.16 28.57
C ASP F 20 -31.66 12.46 29.27
N GLY F 21 -32.75 12.22 28.56
CA GLY F 21 -33.92 11.56 29.12
C GLY F 21 -35.09 12.49 29.41
N ASP F 22 -34.99 13.79 29.12
CA ASP F 22 -36.11 14.69 29.37
C ASP F 22 -37.31 14.34 28.49
N GLY F 23 -37.07 13.92 27.25
CA GLY F 23 -38.13 13.57 26.33
C GLY F 23 -38.23 14.46 25.10
N THR F 24 -37.32 15.41 24.92
CA THR F 24 -37.32 16.28 23.75
C THR F 24 -35.91 16.38 23.21
N ILE F 25 -35.81 16.67 21.91
CA ILE F 25 -34.53 16.81 21.22
C ILE F 25 -34.27 18.30 20.98
N THR F 26 -33.11 18.77 21.39
CA THR F 26 -32.72 20.17 21.24
C THR F 26 -31.55 20.28 20.27
N THR F 27 -31.13 21.52 20.01
CA THR F 27 -30.02 21.77 19.11
C THR F 27 -28.69 21.24 19.64
N LYS F 28 -28.56 21.07 20.96
CA LYS F 28 -27.32 20.61 21.55
C LYS F 28 -27.22 19.10 21.69
N GLU F 29 -28.33 18.38 21.48
CA GLU F 29 -28.30 16.92 21.54
C GLU F 29 -28.17 16.27 20.17
N LEU F 30 -28.75 16.86 19.14
CA LEU F 30 -28.55 16.38 17.78
C LEU F 30 -27.16 16.73 17.26
N GLY F 31 -26.62 17.87 17.70
CA GLY F 31 -25.28 18.25 17.28
C GLY F 31 -24.22 17.26 17.72
N THR F 32 -24.37 16.68 18.91
CA THR F 32 -23.42 15.69 19.38
C THR F 32 -23.43 14.45 18.49
N VAL F 33 -24.62 13.98 18.11
CA VAL F 33 -24.71 12.84 17.21
C VAL F 33 -24.11 13.17 15.85
N MET F 34 -24.40 14.37 15.33
CA MET F 34 -23.86 14.76 14.03
C MET F 34 -22.34 14.84 14.07
N ARG F 35 -21.77 15.35 15.16
CA ARG F 35 -20.33 15.41 15.29
C ARG F 35 -19.72 14.02 15.42
N SER F 36 -20.37 13.15 16.19
CA SER F 36 -19.87 11.79 16.35
C SER F 36 -19.98 10.97 15.07
N LEU F 37 -20.85 11.38 14.14
CA LEU F 37 -20.96 10.71 12.85
C LEU F 37 -19.96 11.24 11.83
N GLY F 38 -19.13 12.22 12.19
CA GLY F 38 -18.10 12.75 11.33
C GLY F 38 -18.41 14.09 10.70
N GLN F 39 -19.67 14.50 10.70
CA GLN F 39 -20.04 15.80 10.14
C GLN F 39 -19.76 16.92 11.13
N ASN F 40 -19.65 18.13 10.61
CA ASN F 40 -19.40 19.33 11.42
C ASN F 40 -20.36 20.43 11.03
N PRO F 41 -21.64 20.30 11.38
CA PRO F 41 -22.62 21.33 11.09
C PRO F 41 -22.58 22.42 12.16
N THR F 42 -23.44 23.42 12.00
CA THR F 42 -23.49 24.53 12.95
C THR F 42 -24.93 25.02 13.12
N GLU F 43 -25.04 26.16 13.81
CA GLU F 43 -26.32 26.57 14.40
C GLU F 43 -27.39 26.80 13.34
N ALA F 44 -27.02 27.41 12.21
CA ALA F 44 -28.02 27.75 11.19
C ALA F 44 -28.69 26.49 10.64
N GLU F 45 -27.88 25.52 10.19
CA GLU F 45 -28.47 24.31 9.63
C GLU F 45 -29.14 23.45 10.70
N LEU F 46 -28.61 23.44 11.93
CA LEU F 46 -29.30 22.71 12.99
C LEU F 46 -30.69 23.29 13.25
N GLN F 47 -30.79 24.62 13.34
CA GLN F 47 -32.09 25.24 13.55
C GLN F 47 -33.01 25.01 12.36
N ASP F 48 -32.48 25.06 11.14
CA ASP F 48 -33.32 24.79 9.97
C ASP F 48 -33.85 23.37 10.00
N MET F 49 -32.99 22.39 10.32
CA MET F 49 -33.43 21.00 10.37
C MET F 49 -34.49 20.80 11.44
N ILE F 50 -34.30 21.41 12.61
CA ILE F 50 -35.29 21.22 13.68
C ILE F 50 -36.60 21.91 13.35
N ASN F 51 -36.54 23.10 12.73
CA ASN F 51 -37.75 23.82 12.38
C ASN F 51 -38.48 23.20 11.18
N GLU F 52 -37.78 22.38 10.39
CA GLU F 52 -38.44 21.73 9.25
C GLU F 52 -39.57 20.82 9.70
N VAL F 53 -39.36 20.06 10.78
CA VAL F 53 -40.32 19.06 11.20
C VAL F 53 -41.20 19.51 12.37
N ASP F 54 -40.80 20.55 13.10
CA ASP F 54 -41.56 21.01 14.26
C ASP F 54 -42.91 21.55 13.80
N ALA F 55 -43.98 20.82 14.11
CA ALA F 55 -45.32 21.21 13.68
C ALA F 55 -45.95 22.30 14.53
N ASP F 56 -45.39 22.58 15.70
CA ASP F 56 -45.89 23.64 16.57
C ASP F 56 -44.89 24.78 16.70
N GLY F 57 -43.66 24.47 17.09
CA GLY F 57 -42.60 25.45 17.18
C GLY F 57 -42.25 25.76 18.62
N ASN F 58 -41.21 25.09 19.13
CA ASN F 58 -40.68 25.37 20.45
C ASN F 58 -39.16 25.23 20.49
N GLY F 59 -38.52 24.93 19.37
CA GLY F 59 -37.12 24.57 19.37
C GLY F 59 -36.82 23.15 19.76
N THR F 60 -37.85 22.33 20.02
CA THR F 60 -37.68 20.95 20.45
C THR F 60 -38.60 20.05 19.64
N ILE F 61 -38.25 18.77 19.60
CA ILE F 61 -39.00 17.76 18.84
C ILE F 61 -39.50 16.70 19.82
N ASP F 62 -40.78 16.38 19.74
CA ASP F 62 -41.41 15.36 20.56
C ASP F 62 -41.65 14.09 19.75
N PHE F 63 -42.11 13.05 20.45
CA PHE F 63 -42.37 11.77 19.80
C PHE F 63 -43.45 11.85 18.72
N PRO F 64 -44.61 12.49 18.95
CA PRO F 64 -45.62 12.55 17.87
C PRO F 64 -45.11 13.21 16.60
N GLU F 65 -44.25 14.23 16.71
CA GLU F 65 -43.69 14.90 15.55
C GLU F 65 -42.36 14.29 15.12
N PHE F 66 -41.92 13.22 15.78
CA PHE F 66 -40.80 12.41 15.32
C PHE F 66 -41.27 11.19 14.55
N LEU F 67 -42.44 10.65 14.90
CA LEU F 67 -43.05 9.60 14.09
C LEU F 67 -43.37 10.11 12.69
N THR F 68 -43.77 11.37 12.57
CA THR F 68 -44.02 11.94 11.25
C THR F 68 -42.75 12.00 10.42
N MET F 69 -41.63 12.36 11.04
CA MET F 69 -40.36 12.37 10.33
C MET F 69 -39.94 10.96 9.92
N MET F 70 -40.11 9.98 10.82
CA MET F 70 -39.71 8.62 10.49
C MET F 70 -40.64 7.95 9.48
N ALA F 71 -41.88 8.43 9.35
CA ALA F 71 -42.78 7.90 8.34
C ALA F 71 -42.38 8.31 6.93
N ARG F 72 -41.43 9.22 6.79
CA ARG F 72 -41.01 9.74 5.49
C ARG F 72 -39.60 9.32 5.10
N LYS F 73 -38.71 9.09 6.07
CA LYS F 73 -37.31 8.77 5.79
C LYS F 73 -37.05 7.27 5.75
N MET F 74 -38.08 6.44 5.85
CA MET F 74 -37.91 5.00 5.75
C MET F 74 -38.37 4.42 4.43
N LYS F 75 -39.09 5.18 3.61
CA LYS F 75 -39.50 4.71 2.30
C LYS F 75 -38.30 4.71 1.35
N ASP F 76 -38.51 4.10 0.18
CA ASP F 76 -37.41 3.93 -0.77
C ASP F 76 -36.89 5.26 -1.29
N THR F 77 -37.77 6.25 -1.47
CA THR F 77 -37.34 7.58 -1.92
C THR F 77 -38.36 8.60 -1.45
N ASP F 78 -37.88 9.65 -0.79
CA ASP F 78 -38.74 10.72 -0.32
C ASP F 78 -39.06 11.66 -1.47
N SER F 79 -40.34 11.92 -1.69
CA SER F 79 -40.79 12.77 -2.79
C SER F 79 -41.06 14.20 -2.37
N GLU F 80 -40.73 14.57 -1.13
CA GLU F 80 -40.82 15.95 -0.69
C GLU F 80 -39.49 16.66 -0.67
N GLU F 81 -38.40 15.94 -0.35
CA GLU F 81 -37.07 16.53 -0.39
C GLU F 81 -36.70 16.93 -1.81
N GLU F 82 -37.08 16.12 -2.80
CA GLU F 82 -36.73 16.39 -4.19
C GLU F 82 -37.65 17.41 -4.84
N ILE F 83 -38.68 17.88 -4.14
CA ILE F 83 -39.43 19.06 -4.56
C ILE F 83 -39.01 20.30 -3.79
N ARG F 84 -38.58 20.16 -2.53
CA ARG F 84 -38.04 21.30 -1.80
C ARG F 84 -36.65 21.68 -2.27
N GLU F 85 -35.90 20.74 -2.86
CA GLU F 85 -34.56 21.02 -3.36
C GLU F 85 -34.54 21.33 -4.85
N ALA F 86 -35.55 20.91 -5.61
CA ALA F 86 -35.71 21.34 -6.99
C ALA F 86 -36.32 22.73 -7.09
N PHE F 87 -36.42 23.43 -5.96
CA PHE F 87 -36.92 24.79 -5.90
C PHE F 87 -35.83 25.82 -5.64
N ARG F 88 -34.74 25.42 -4.98
CA ARG F 88 -33.64 26.33 -4.69
C ARG F 88 -32.70 26.54 -5.87
N VAL F 89 -32.81 25.71 -6.92
CA VAL F 89 -32.04 25.97 -8.13
C VAL F 89 -32.74 26.97 -9.04
N PHE F 90 -34.06 27.11 -8.94
CA PHE F 90 -34.76 28.17 -9.64
C PHE F 90 -34.56 29.51 -8.95
N ASP F 91 -34.37 29.51 -7.63
CA ASP F 91 -34.21 30.73 -6.84
C ASP F 91 -32.73 30.97 -6.60
N LYS F 92 -32.05 31.50 -7.61
CA LYS F 92 -30.64 31.83 -7.47
C LYS F 92 -30.43 32.94 -6.44
N ASP F 93 -31.27 33.96 -6.47
CA ASP F 93 -31.22 35.06 -5.51
C ASP F 93 -32.07 34.67 -4.31
N GLY F 94 -31.41 34.25 -3.23
CA GLY F 94 -32.15 33.75 -2.08
C GLY F 94 -33.02 34.80 -1.41
N ASN F 95 -34.32 34.71 -1.64
CA ASN F 95 -35.30 35.54 -0.95
C ASN F 95 -36.54 34.79 -0.50
N GLY F 96 -36.86 33.64 -1.08
CA GLY F 96 -38.09 32.94 -0.81
C GLY F 96 -39.17 33.10 -1.87
N TYR F 97 -38.87 33.81 -2.96
CA TYR F 97 -39.82 34.04 -4.03
C TYR F 97 -39.14 33.78 -5.37
N ILE F 98 -39.95 33.39 -6.35
CA ILE F 98 -39.45 33.09 -7.69
C ILE F 98 -39.71 34.29 -8.58
N SER F 99 -38.63 34.88 -9.11
CA SER F 99 -38.76 36.01 -10.01
C SER F 99 -39.04 35.53 -11.43
N ALA F 100 -39.66 36.42 -12.22
CA ALA F 100 -39.97 36.08 -13.60
C ALA F 100 -38.71 35.84 -14.41
N ALA F 101 -37.66 36.63 -14.16
CA ALA F 101 -36.42 36.48 -14.91
C ALA F 101 -35.79 35.12 -14.67
N GLU F 102 -35.77 34.66 -13.42
CA GLU F 102 -35.15 33.38 -13.10
C GLU F 102 -35.85 32.23 -13.81
N LEU F 103 -37.18 32.23 -13.79
CA LEU F 103 -37.93 31.18 -14.46
C LEU F 103 -37.75 31.25 -15.97
N ARG F 104 -37.88 32.46 -16.54
CA ARG F 104 -37.71 32.63 -17.97
C ARG F 104 -36.31 32.25 -18.43
N HIS F 105 -35.32 32.31 -17.54
CA HIS F 105 -33.97 31.89 -17.89
C HIS F 105 -33.81 30.37 -17.78
N VAL F 106 -34.22 29.80 -16.65
CA VAL F 106 -33.94 28.38 -16.41
C VAL F 106 -34.80 27.49 -17.30
N MET F 107 -36.08 27.83 -17.47
CA MET F 107 -36.98 26.94 -18.21
C MET F 107 -36.73 27.01 -19.71
N THR F 108 -36.51 28.22 -20.25
CA THR F 108 -36.41 28.38 -21.70
C THR F 108 -35.02 28.02 -22.21
N ASN F 109 -33.98 28.64 -21.63
CA ASN F 109 -32.63 28.44 -22.14
C ASN F 109 -32.17 27.01 -21.97
N LEU F 110 -32.44 26.41 -20.82
CA LEU F 110 -31.98 25.05 -20.51
C LEU F 110 -33.11 24.05 -20.70
N GLY F 111 -32.73 22.81 -20.93
CA GLY F 111 -33.70 21.77 -21.19
C GLY F 111 -34.37 21.97 -22.54
N GLU F 112 -35.61 21.48 -22.65
CA GLU F 112 -36.37 21.68 -23.88
C GLU F 112 -36.76 23.14 -24.03
N LYS F 113 -36.60 23.66 -25.25
CA LYS F 113 -36.93 25.05 -25.53
C LYS F 113 -38.42 25.30 -25.37
N LEU F 114 -38.80 26.07 -24.36
CA LEU F 114 -40.19 26.36 -24.07
C LEU F 114 -40.55 27.76 -24.55
N THR F 115 -41.75 27.92 -25.08
CA THR F 115 -42.19 29.19 -25.61
C THR F 115 -42.29 30.24 -24.50
N ASP F 116 -41.85 31.46 -24.81
CA ASP F 116 -41.93 32.54 -23.83
C ASP F 116 -43.37 32.85 -23.46
N GLU F 117 -44.28 32.81 -24.45
CA GLU F 117 -45.70 33.05 -24.16
C GLU F 117 -46.24 31.97 -23.24
N GLU F 118 -45.88 30.71 -23.48
CA GLU F 118 -46.34 29.62 -22.62
C GLU F 118 -45.78 29.77 -21.20
N VAL F 119 -44.51 30.17 -21.08
CA VAL F 119 -43.91 30.38 -19.77
C VAL F 119 -44.62 31.50 -19.03
N ASP F 120 -44.91 32.60 -19.74
CA ASP F 120 -45.63 33.71 -19.11
C ASP F 120 -47.03 33.30 -18.68
N GLU F 121 -47.72 32.51 -19.51
CA GLU F 121 -49.05 32.05 -19.16
C GLU F 121 -49.01 31.16 -17.92
N MET F 122 -48.03 30.25 -17.85
CA MET F 122 -47.91 29.39 -16.68
C MET F 122 -47.58 30.20 -15.43
N ILE F 123 -46.70 31.19 -15.56
CA ILE F 123 -46.34 32.03 -14.43
C ILE F 123 -47.56 32.80 -13.94
N ARG F 124 -48.36 33.35 -14.86
CA ARG F 124 -49.57 34.07 -14.47
C ARG F 124 -50.57 33.13 -13.80
N GLU F 125 -50.71 31.90 -14.32
CA GLU F 125 -51.67 30.97 -13.75
C GLU F 125 -51.26 30.53 -12.35
N ALA F 126 -49.98 30.26 -12.13
CA ALA F 126 -49.51 29.73 -10.86
C ALA F 126 -48.91 30.79 -9.94
N ASP F 127 -49.04 32.06 -10.29
CA ASP F 127 -48.43 33.12 -9.50
C ASP F 127 -49.18 33.31 -8.18
N ILE F 128 -48.46 33.87 -7.21
CA ILE F 128 -49.04 34.18 -5.90
C ILE F 128 -49.87 35.45 -6.04
N ASP F 129 -51.20 35.31 -5.96
CA ASP F 129 -52.21 36.36 -5.93
C ASP F 129 -51.85 37.59 -6.78
N GLY F 130 -51.40 37.34 -8.01
CA GLY F 130 -51.12 38.42 -8.94
C GLY F 130 -49.85 39.20 -8.67
N ASP F 131 -49.02 38.77 -7.72
CA ASP F 131 -47.78 39.48 -7.42
C ASP F 131 -46.65 39.14 -8.38
N GLY F 132 -46.79 38.08 -9.18
CA GLY F 132 -45.72 37.69 -10.07
C GLY F 132 -44.51 37.09 -9.38
N GLN F 133 -44.66 36.64 -8.14
CA GLN F 133 -43.57 36.05 -7.37
C GLN F 133 -44.07 34.72 -6.81
N VAL F 134 -43.69 33.63 -7.48
CA VAL F 134 -44.11 32.30 -7.05
C VAL F 134 -43.39 31.92 -5.76
N ASN F 135 -44.15 31.43 -4.78
CA ASN F 135 -43.63 31.02 -3.49
C ASN F 135 -43.61 29.50 -3.40
N TYR F 136 -43.17 29.00 -2.23
CA TYR F 136 -43.08 27.56 -2.03
C TYR F 136 -44.44 26.90 -2.08
N GLU F 137 -45.47 27.55 -1.51
CA GLU F 137 -46.80 26.94 -1.48
C GLU F 137 -47.35 26.74 -2.89
N GLU F 138 -47.24 27.76 -3.74
CA GLU F 138 -47.70 27.63 -5.12
C GLU F 138 -46.88 26.59 -5.88
N PHE F 139 -45.56 26.56 -5.64
CA PHE F 139 -44.71 25.56 -6.28
C PHE F 139 -45.17 24.15 -5.93
N VAL F 140 -45.38 23.88 -4.63
CA VAL F 140 -45.81 22.55 -4.21
C VAL F 140 -47.17 22.22 -4.77
N GLN F 141 -48.10 23.19 -4.74
CA GLN F 141 -49.44 22.95 -5.27
C GLN F 141 -49.38 22.58 -6.75
N MET F 142 -48.64 23.35 -7.54
CA MET F 142 -48.56 23.07 -8.97
C MET F 142 -47.89 21.74 -9.25
N MET F 143 -46.82 21.42 -8.53
CA MET F 143 -46.05 20.22 -8.83
C MET F 143 -46.62 18.95 -8.19
N THR F 144 -47.58 19.08 -7.28
CA THR F 144 -48.25 17.90 -6.73
C THR F 144 -49.65 17.70 -7.30
N ALA F 145 -50.51 18.72 -7.19
CA ALA F 145 -51.89 18.65 -7.67
C ALA F 145 -52.64 17.47 -7.08
N GLN G 1 8.76 -12.13 52.27
CA GLN G 1 8.85 -13.56 52.01
C GLN G 1 9.54 -13.81 50.67
N LEU G 2 9.78 -12.75 49.91
CA LEU G 2 10.44 -12.87 48.63
C LEU G 2 11.96 -13.04 48.81
N THR G 3 12.60 -13.54 47.76
CA THR G 3 14.04 -13.71 47.77
C THR G 3 14.72 -12.40 47.38
N GLU G 4 16.06 -12.39 47.48
CA GLU G 4 16.83 -11.19 47.17
C GLU G 4 16.71 -10.81 45.70
N GLU G 5 16.75 -11.81 44.80
CA GLU G 5 16.68 -11.51 43.37
C GLU G 5 15.33 -10.89 43.00
N GLN G 6 14.24 -11.40 43.58
CA GLN G 6 12.93 -10.83 43.31
C GLN G 6 12.85 -9.38 43.80
N ILE G 7 13.41 -9.10 44.98
CA ILE G 7 13.40 -7.73 45.50
C ILE G 7 14.20 -6.81 44.60
N ALA G 8 15.36 -7.29 44.12
CA ALA G 8 16.16 -6.47 43.21
C ALA G 8 15.41 -6.21 41.91
N GLU G 9 14.74 -7.22 41.36
CA GLU G 9 13.99 -7.04 40.12
C GLU G 9 12.85 -6.06 40.31
N PHE G 10 12.15 -6.14 41.45
CA PHE G 10 11.06 -5.20 41.70
C PHE G 10 11.58 -3.79 41.93
N LYS G 11 12.76 -3.65 42.54
CA LYS G 11 13.37 -2.32 42.66
C LYS G 11 13.73 -1.76 41.28
N GLU G 12 14.25 -2.60 40.39
CA GLU G 12 14.53 -2.15 39.03
C GLU G 12 13.25 -1.71 38.33
N ALA G 13 12.16 -2.46 38.53
CA ALA G 13 10.87 -2.08 37.94
C ALA G 13 10.37 -0.76 38.53
N PHE G 14 10.59 -0.55 39.83
CA PHE G 14 10.23 0.71 40.47
C PHE G 14 11.02 1.88 39.89
N SER G 15 12.28 1.62 39.52
CA SER G 15 13.14 2.68 38.98
C SER G 15 12.62 3.24 37.66
N LEU G 16 11.78 2.50 36.93
CA LEU G 16 11.19 3.05 35.72
C LEU G 16 10.27 4.22 36.02
N PHE G 17 9.47 4.10 37.07
CA PHE G 17 8.54 5.17 37.43
C PHE G 17 9.17 6.22 38.33
N ASP G 18 10.12 5.84 39.18
CA ASP G 18 10.70 6.79 40.12
C ASP G 18 11.50 7.87 39.41
N LYS G 19 12.23 7.50 38.35
CA LYS G 19 13.14 8.41 37.67
C LYS G 19 14.16 8.98 38.65
N ASP G 20 13.91 10.19 39.15
CA ASP G 20 14.77 10.75 40.18
C ASP G 20 14.62 9.95 41.47
N GLY G 21 15.72 9.85 42.22
CA GLY G 21 15.74 8.98 43.38
C GLY G 21 15.14 9.54 44.65
N ASP G 22 14.02 10.26 44.53
CA ASP G 22 13.34 10.74 45.73
C ASP G 22 12.74 9.58 46.53
N GLY G 23 12.19 8.59 45.83
CA GLY G 23 11.66 7.41 46.48
C GLY G 23 10.15 7.27 46.44
N THR G 24 9.43 8.19 45.82
CA THR G 24 7.98 8.13 45.75
C THR G 24 7.52 8.51 44.34
N ILE G 25 6.33 8.06 43.99
CA ILE G 25 5.70 8.38 42.71
C ILE G 25 4.64 9.43 42.93
N THR G 26 4.66 10.49 42.13
CA THR G 26 3.68 11.56 42.17
C THR G 26 2.86 11.56 40.89
N THR G 27 1.82 12.41 40.88
CA THR G 27 0.95 12.50 39.70
C THR G 27 1.67 13.05 38.48
N LYS G 28 2.78 13.76 38.68
CA LYS G 28 3.53 14.35 37.57
C LYS G 28 4.61 13.43 37.02
N GLU G 29 4.85 12.28 37.66
CA GLU G 29 5.81 11.31 37.16
C GLU G 29 5.18 10.13 36.45
N LEU G 30 4.01 9.68 36.91
CA LEU G 30 3.26 8.66 36.17
C LEU G 30 2.65 9.24 34.90
N GLY G 31 2.28 10.53 34.93
CA GLY G 31 1.74 11.16 33.74
C GLY G 31 2.73 11.21 32.60
N THR G 32 4.01 11.42 32.91
CA THR G 32 5.03 11.42 31.86
C THR G 32 5.14 10.05 31.19
N VAL G 33 5.11 8.98 31.98
CA VAL G 33 5.17 7.63 31.42
C VAL G 33 3.94 7.37 30.57
N MET G 34 2.76 7.76 31.06
CA MET G 34 1.53 7.53 30.30
C MET G 34 1.54 8.30 28.99
N ARG G 35 2.03 9.54 29.00
CA ARG G 35 2.16 10.30 27.77
C ARG G 35 3.17 9.67 26.82
N SER G 36 4.28 9.14 27.36
CA SER G 36 5.26 8.47 26.52
C SER G 36 4.67 7.21 25.89
N LEU G 37 3.71 6.58 26.56
CA LEU G 37 3.06 5.39 26.01
C LEU G 37 1.92 5.71 25.05
N GLY G 38 1.60 6.99 24.86
CA GLY G 38 0.60 7.42 23.90
C GLY G 38 -0.70 7.91 24.51
N GLN G 39 -1.00 7.53 25.74
CA GLN G 39 -2.22 7.98 26.39
C GLN G 39 -2.09 9.43 26.84
N ASN G 40 -3.23 10.09 27.00
CA ASN G 40 -3.30 11.50 27.39
C ASN G 40 -4.29 11.64 28.55
N PRO G 41 -3.88 11.26 29.75
CA PRO G 41 -4.77 11.40 30.92
C PRO G 41 -4.76 12.82 31.46
N THR G 42 -5.70 13.07 32.37
CA THR G 42 -5.77 14.34 33.08
C THR G 42 -5.66 14.08 34.58
N GLU G 43 -5.64 15.18 35.34
CA GLU G 43 -5.34 15.10 36.77
C GLU G 43 -6.39 14.30 37.53
N ALA G 44 -7.64 14.32 37.09
CA ALA G 44 -8.69 13.60 37.80
C ALA G 44 -8.43 12.09 37.79
N GLU G 45 -8.21 11.52 36.60
CA GLU G 45 -7.93 10.09 36.54
C GLU G 45 -6.53 9.78 37.07
N LEU G 46 -5.59 10.72 36.95
CA LEU G 46 -4.27 10.49 37.52
C LEU G 46 -4.35 10.32 39.04
N GLN G 47 -5.18 11.14 39.70
CA GLN G 47 -5.37 10.97 41.14
C GLN G 47 -6.24 9.76 41.45
N ASP G 48 -7.17 9.42 40.56
CA ASP G 48 -8.03 8.26 40.79
C ASP G 48 -7.23 6.96 40.76
N MET G 49 -6.26 6.85 39.86
CA MET G 49 -5.43 5.65 39.80
C MET G 49 -4.40 5.57 40.92
N ILE G 50 -4.15 6.67 41.63
CA ILE G 50 -3.14 6.70 42.69
C ILE G 50 -3.78 6.51 44.06
N ASN G 51 -4.92 7.15 44.33
CA ASN G 51 -5.56 6.97 45.62
C ASN G 51 -6.18 5.60 45.78
N GLU G 52 -6.27 4.80 44.71
CA GLU G 52 -6.79 3.45 44.79
C GLU G 52 -5.88 2.55 45.61
N VAL G 53 -4.57 2.70 45.45
CA VAL G 53 -3.60 1.79 46.05
C VAL G 53 -2.96 2.35 47.31
N ASP G 54 -3.03 3.67 47.54
CA ASP G 54 -2.40 4.28 48.71
C ASP G 54 -3.08 3.76 49.97
N ALA G 55 -2.36 2.92 50.72
CA ALA G 55 -2.94 2.27 51.89
C ALA G 55 -3.20 3.23 53.05
N ASP G 56 -2.46 4.33 53.14
CA ASP G 56 -2.65 5.32 54.19
C ASP G 56 -3.16 6.66 53.67
N GLY G 57 -2.63 7.12 52.54
CA GLY G 57 -3.08 8.34 51.93
C GLY G 57 -2.12 9.50 52.13
N ASN G 58 -1.28 9.75 51.14
CA ASN G 58 -0.37 10.88 51.16
C ASN G 58 -0.23 11.53 49.79
N GLY G 59 -0.92 11.04 48.76
CA GLY G 59 -0.74 11.50 47.42
C GLY G 59 0.44 10.89 46.69
N THR G 60 1.20 10.01 47.34
CA THR G 60 2.36 9.38 46.75
C THR G 60 2.34 7.89 47.04
N ILE G 61 3.07 7.13 46.23
CA ILE G 61 3.15 5.68 46.33
C ILE G 61 4.56 5.28 46.71
N ASP G 62 4.68 4.43 47.72
CA ASP G 62 5.96 3.93 48.19
C ASP G 62 6.13 2.47 47.78
N PHE G 63 7.34 1.95 47.98
CA PHE G 63 7.64 0.57 47.61
C PHE G 63 6.77 -0.46 48.32
N PRO G 64 6.55 -0.40 49.64
CA PRO G 64 5.69 -1.40 50.27
C PRO G 64 4.28 -1.43 49.72
N GLU G 65 3.71 -0.28 49.36
CA GLU G 65 2.39 -0.24 48.75
C GLU G 65 2.43 -0.32 47.24
N PHE G 66 3.62 -0.39 46.64
CA PHE G 66 3.77 -0.73 45.23
C PHE G 66 3.85 -2.24 45.03
N LEU G 67 4.46 -2.95 45.98
CA LEU G 67 4.48 -4.41 45.91
C LEU G 67 3.07 -4.99 45.99
N THR G 68 2.20 -4.36 46.78
CA THR G 68 0.81 -4.82 46.87
C THR G 68 0.11 -4.68 45.53
N MET G 69 0.33 -3.55 44.83
CA MET G 69 -0.25 -3.37 43.51
C MET G 69 0.32 -4.36 42.51
N MET G 70 1.63 -4.60 42.55
CA MET G 70 2.26 -5.47 41.57
C MET G 70 2.08 -6.95 41.90
N ALA G 71 1.58 -7.30 43.07
CA ALA G 71 1.20 -8.68 43.37
C ALA G 71 -0.17 -9.03 42.82
N ARG G 72 -0.84 -8.09 42.18
CA ARG G 72 -2.18 -8.29 41.63
C ARG G 72 -2.24 -8.18 40.11
N LYS G 73 -1.34 -7.40 39.50
CA LYS G 73 -1.33 -7.21 38.05
C LYS G 73 -0.41 -8.20 37.33
N MET G 74 0.20 -9.13 38.05
CA MET G 74 1.06 -10.13 37.41
C MET G 74 0.33 -11.43 37.10
N LYS G 75 -0.77 -11.71 37.79
CA LYS G 75 -1.53 -12.91 37.51
C LYS G 75 -2.25 -12.78 36.17
N ASP G 76 -2.74 -13.93 35.66
CA ASP G 76 -3.37 -13.94 34.35
C ASP G 76 -4.64 -13.09 34.32
N THR G 77 -5.38 -13.05 35.43
CA THR G 77 -6.54 -12.17 35.53
C THR G 77 -6.77 -11.79 36.98
N ASP G 78 -6.91 -10.49 37.23
CA ASP G 78 -7.17 -10.00 38.58
C ASP G 78 -8.67 -9.94 38.81
N SER G 79 -9.12 -10.56 39.90
CA SER G 79 -10.54 -10.75 40.17
C SER G 79 -11.17 -9.56 40.89
N GLU G 80 -10.40 -8.50 41.14
CA GLU G 80 -10.92 -7.31 41.80
C GLU G 80 -11.37 -6.24 40.82
N GLU G 81 -10.71 -6.10 39.67
CA GLU G 81 -11.08 -5.08 38.70
C GLU G 81 -12.44 -5.33 38.07
N GLU G 82 -12.76 -6.58 37.73
CA GLU G 82 -14.07 -6.93 37.18
C GLU G 82 -15.14 -7.12 38.24
N ILE G 83 -14.84 -6.77 39.50
CA ILE G 83 -15.88 -6.56 40.50
C ILE G 83 -16.04 -5.09 40.83
N ARG G 84 -14.97 -4.30 40.73
CA ARG G 84 -15.08 -2.85 40.87
C ARG G 84 -15.73 -2.21 39.65
N GLU G 85 -15.58 -2.83 38.47
CA GLU G 85 -16.12 -2.27 37.23
C GLU G 85 -17.43 -2.90 36.80
N ALA G 86 -17.75 -4.10 37.31
CA ALA G 86 -19.09 -4.67 37.15
C ALA G 86 -20.07 -4.11 38.18
N PHE G 87 -19.68 -3.03 38.84
CA PHE G 87 -20.51 -2.33 39.81
C PHE G 87 -20.95 -0.96 39.32
N ARG G 88 -20.17 -0.33 38.44
CA ARG G 88 -20.52 0.97 37.90
C ARG G 88 -21.57 0.90 36.79
N VAL G 89 -21.86 -0.29 36.27
CA VAL G 89 -22.99 -0.44 35.35
C VAL G 89 -24.31 -0.55 36.12
N PHE G 90 -24.26 -0.90 37.40
CA PHE G 90 -25.43 -0.84 38.28
C PHE G 90 -25.62 0.53 38.88
N ASP G 91 -24.71 1.47 38.60
CA ASP G 91 -24.71 2.81 39.18
C ASP G 91 -24.77 3.80 38.01
N LYS G 92 -25.99 4.11 37.57
CA LYS G 92 -26.17 4.99 36.42
C LYS G 92 -26.07 6.46 36.80
N ASP G 93 -26.72 6.84 37.90
CA ASP G 93 -26.65 8.24 38.35
C ASP G 93 -25.25 8.64 38.75
N GLY G 94 -24.54 7.75 39.44
CA GLY G 94 -23.17 8.00 39.82
C GLY G 94 -22.96 8.52 41.24
N ASN G 95 -24.01 8.53 42.06
CA ASN G 95 -23.86 9.01 43.43
C ASN G 95 -22.94 8.13 44.26
N GLY G 96 -22.83 6.85 43.90
CA GLY G 96 -22.04 5.90 44.65
C GLY G 96 -22.83 4.84 45.38
N TYR G 97 -24.15 4.81 45.25
CA TYR G 97 -24.99 3.83 45.92
C TYR G 97 -25.94 3.21 44.90
N ILE G 98 -26.29 1.95 45.14
CA ILE G 98 -27.19 1.21 44.26
C ILE G 98 -28.61 1.37 44.81
N SER G 99 -29.39 2.24 44.18
CA SER G 99 -30.78 2.41 44.57
C SER G 99 -31.62 1.26 44.02
N ALA G 100 -32.85 1.15 44.52
CA ALA G 100 -33.72 0.06 44.11
C ALA G 100 -34.06 0.13 42.62
N ALA G 101 -34.09 1.34 42.05
CA ALA G 101 -34.48 1.48 40.65
C ALA G 101 -33.49 0.80 39.71
N GLU G 102 -32.19 1.09 39.87
CA GLU G 102 -31.19 0.53 38.97
C GLU G 102 -31.15 -0.98 39.07
N LEU G 103 -31.19 -1.52 40.29
CA LEU G 103 -31.14 -2.97 40.46
C LEU G 103 -32.39 -3.63 39.89
N ARG G 104 -33.58 -3.12 40.28
CA ARG G 104 -34.82 -3.69 39.78
C ARG G 104 -34.93 -3.58 38.27
N HIS G 105 -34.21 -2.64 37.64
CA HIS G 105 -34.21 -2.56 36.19
C HIS G 105 -33.24 -3.57 35.58
N VAL G 106 -31.97 -3.51 35.99
CA VAL G 106 -30.95 -4.30 35.29
C VAL G 106 -31.10 -5.79 35.58
N MET G 107 -31.39 -6.16 36.83
CA MET G 107 -31.41 -7.58 37.19
C MET G 107 -32.61 -8.28 36.59
N THR G 108 -33.78 -7.64 36.60
CA THR G 108 -35.00 -8.30 36.16
C THR G 108 -35.16 -8.22 34.64
N ASN G 109 -35.17 -7.00 34.10
CA ASN G 109 -35.45 -6.83 32.68
C ASN G 109 -34.38 -7.49 31.81
N LEU G 110 -33.11 -7.32 32.17
CA LEU G 110 -32.01 -7.85 31.38
C LEU G 110 -31.50 -9.17 31.96
N GLY G 111 -30.91 -9.97 31.09
CA GLY G 111 -30.45 -11.28 31.50
C GLY G 111 -31.61 -12.21 31.81
N GLU G 112 -31.38 -13.14 32.73
CA GLU G 112 -32.44 -14.04 33.16
C GLU G 112 -33.47 -13.28 33.98
N LYS G 113 -34.75 -13.46 33.66
CA LYS G 113 -35.81 -12.74 34.34
C LYS G 113 -35.90 -13.15 35.80
N LEU G 114 -35.95 -12.18 36.69
CA LEU G 114 -35.99 -12.42 38.13
C LEU G 114 -37.24 -11.80 38.72
N THR G 115 -37.84 -12.51 39.68
CA THR G 115 -39.05 -12.04 40.32
C THR G 115 -38.77 -10.76 41.11
N ASP G 116 -39.75 -9.86 41.12
CA ASP G 116 -39.60 -8.60 41.86
C ASP G 116 -39.46 -8.86 43.36
N GLU G 117 -40.24 -9.80 43.89
CA GLU G 117 -40.13 -10.14 45.31
C GLU G 117 -38.76 -10.73 45.62
N GLU G 118 -38.26 -11.60 44.74
CA GLU G 118 -36.93 -12.16 44.94
C GLU G 118 -35.85 -11.08 44.91
N VAL G 119 -35.98 -10.13 43.98
CA VAL G 119 -35.02 -9.04 43.89
C VAL G 119 -35.05 -8.19 45.15
N ASP G 120 -36.26 -7.89 45.65
CA ASP G 120 -36.38 -7.11 46.88
C ASP G 120 -35.77 -7.85 48.06
N GLU G 121 -36.03 -9.16 48.16
CA GLU G 121 -35.44 -9.93 49.25
C GLU G 121 -33.93 -9.96 49.17
N MET G 122 -33.38 -10.12 47.96
CA MET G 122 -31.94 -10.12 47.78
C MET G 122 -31.33 -8.77 48.16
N ILE G 123 -32.00 -7.68 47.77
CA ILE G 123 -31.51 -6.35 48.12
C ILE G 123 -31.54 -6.15 49.62
N ARG G 124 -32.62 -6.58 50.28
CA ARG G 124 -32.71 -6.45 51.73
C ARG G 124 -31.62 -7.26 52.43
N GLU G 125 -31.37 -8.48 51.95
CA GLU G 125 -30.33 -9.32 52.56
C GLU G 125 -28.94 -8.72 52.34
N ALA G 126 -28.67 -8.21 51.14
CA ALA G 126 -27.36 -7.64 50.86
C ALA G 126 -27.12 -6.36 51.64
N ASP G 127 -28.14 -5.53 51.78
CA ASP G 127 -27.97 -4.25 52.47
C ASP G 127 -27.66 -4.47 53.95
N ILE G 128 -26.63 -3.79 54.43
CA ILE G 128 -26.25 -3.85 55.83
C ILE G 128 -26.40 -2.52 56.55
N ASP G 129 -26.39 -1.40 55.83
CA ASP G 129 -26.59 -0.10 56.46
C ASP G 129 -28.06 0.16 56.82
N GLY G 130 -28.99 -0.55 56.17
CA GLY G 130 -30.40 -0.39 56.46
C GLY G 130 -31.06 0.80 55.80
N ASP G 131 -30.32 1.57 54.99
CA ASP G 131 -30.87 2.75 54.34
C ASP G 131 -31.41 2.46 52.95
N GLY G 132 -31.38 1.20 52.50
CA GLY G 132 -31.84 0.88 51.16
C GLY G 132 -30.91 1.33 50.06
N GLN G 133 -29.64 1.56 50.38
CA GLN G 133 -28.64 2.02 49.41
C GLN G 133 -27.44 1.08 49.49
N VAL G 134 -27.32 0.17 48.53
CA VAL G 134 -26.20 -0.75 48.50
C VAL G 134 -24.94 0.00 48.08
N ASN G 135 -23.87 -0.16 48.86
CA ASN G 135 -22.61 0.52 48.64
C ASN G 135 -21.57 -0.47 48.13
N TYR G 136 -20.37 0.04 47.87
CA TYR G 136 -19.30 -0.80 47.36
C TYR G 136 -18.90 -1.88 48.37
N GLU G 137 -18.87 -1.53 49.66
CA GLU G 137 -18.46 -2.50 50.67
C GLU G 137 -19.38 -3.70 50.71
N GLU G 138 -20.70 -3.47 50.75
CA GLU G 138 -21.66 -4.58 50.76
C GLU G 138 -21.61 -5.38 49.46
N PHE G 139 -21.46 -4.70 48.34
CA PHE G 139 -21.36 -5.38 47.05
C PHE G 139 -20.17 -6.33 47.02
N VAL G 140 -19.00 -5.83 47.44
CA VAL G 140 -17.79 -6.65 47.46
C VAL G 140 -17.94 -7.80 48.46
N GLN G 141 -18.53 -7.52 49.63
CA GLN G 141 -18.71 -8.57 50.63
C GLN G 141 -19.62 -9.68 50.09
N MET G 142 -20.71 -9.30 49.43
CA MET G 142 -21.63 -10.31 48.90
C MET G 142 -20.97 -11.12 47.78
N MET G 143 -20.21 -10.46 46.91
CA MET G 143 -19.57 -11.20 45.81
C MET G 143 -18.33 -11.97 46.25
N THR G 144 -17.78 -11.70 47.43
CA THR G 144 -16.66 -12.49 47.93
C THR G 144 -17.09 -13.56 48.94
N ALA G 145 -18.30 -13.47 49.47
CA ALA G 145 -18.82 -14.44 50.43
C ALA G 145 -17.89 -14.61 51.63
N GLN H 1 49.02 24.00 2.79
CA GLN H 1 49.49 22.89 1.96
C GLN H 1 48.44 22.51 0.93
N LEU H 2 47.23 23.01 1.11
CA LEU H 2 46.14 22.71 0.19
C LEU H 2 46.41 23.33 -1.18
N THR H 3 45.98 22.64 -2.23
CA THR H 3 46.14 23.14 -3.58
C THR H 3 45.00 24.11 -3.91
N GLU H 4 45.08 24.70 -5.11
CA GLU H 4 44.08 25.68 -5.52
C GLU H 4 42.70 25.04 -5.66
N GLU H 5 42.63 23.85 -6.25
CA GLU H 5 41.34 23.22 -6.50
C GLU H 5 40.62 22.89 -5.19
N GLN H 6 41.36 22.37 -4.20
CA GLN H 6 40.75 22.06 -2.92
C GLN H 6 40.24 23.31 -2.22
N ILE H 7 41.02 24.40 -2.28
CA ILE H 7 40.59 25.66 -1.67
C ILE H 7 39.33 26.17 -2.36
N ALA H 8 39.27 26.08 -3.69
CA ALA H 8 38.07 26.51 -4.40
C ALA H 8 36.87 25.66 -4.02
N GLU H 9 37.07 24.34 -3.90
CA GLU H 9 35.96 23.47 -3.52
C GLU H 9 35.46 23.77 -2.11
N PHE H 10 36.38 24.02 -1.18
CA PHE H 10 35.96 24.36 0.18
C PHE H 10 35.27 25.72 0.22
N LYS H 11 35.72 26.67 -0.60
CA LYS H 11 35.03 27.95 -0.68
C LYS H 11 33.63 27.80 -1.25
N GLU H 12 33.45 26.91 -2.23
CA GLU H 12 32.10 26.63 -2.74
C GLU H 12 31.24 25.99 -1.66
N ALA H 13 31.81 25.08 -0.87
CA ALA H 13 31.06 24.47 0.22
C ALA H 13 30.72 25.48 1.32
N PHE H 14 31.54 26.52 1.47
CA PHE H 14 31.26 27.56 2.45
C PHE H 14 30.02 28.38 2.08
N SER H 15 29.77 28.57 0.79
CA SER H 15 28.64 29.37 0.33
C SER H 15 27.29 28.71 0.57
N LEU H 16 27.28 27.40 0.86
CA LEU H 16 26.02 26.75 1.23
C LEU H 16 25.49 27.29 2.54
N PHE H 17 26.39 27.61 3.48
CA PHE H 17 26.02 28.17 4.78
C PHE H 17 26.02 29.69 4.76
N ASP H 18 27.06 30.30 4.20
CA ASP H 18 27.17 31.77 4.16
C ASP H 18 26.43 32.31 2.94
N LYS H 19 25.09 32.30 3.05
CA LYS H 19 24.25 32.73 1.93
C LYS H 19 24.40 34.21 1.63
N ASP H 20 24.49 35.04 2.68
CA ASP H 20 24.60 36.48 2.47
C ASP H 20 25.87 36.85 1.71
N GLY H 21 27.02 36.56 2.30
CA GLY H 21 28.29 36.87 1.67
C GLY H 21 29.17 37.78 2.50
N ASP H 22 28.75 38.06 3.74
CA ASP H 22 29.56 38.91 4.61
C ASP H 22 30.89 38.27 4.94
N GLY H 23 30.90 36.96 5.15
CA GLY H 23 32.13 36.23 5.45
C GLY H 23 32.10 35.41 6.72
N THR H 24 31.00 35.40 7.48
CA THR H 24 30.91 34.65 8.71
C THR H 24 29.56 33.96 8.80
N ILE H 25 29.50 32.90 9.61
CA ILE H 25 28.28 32.16 9.87
C ILE H 25 27.77 32.51 11.26
N THR H 26 26.50 32.85 11.36
CA THR H 26 25.87 33.21 12.62
C THR H 26 24.90 32.10 13.04
N THR H 27 24.31 32.29 14.23
CA THR H 27 23.36 31.31 14.75
C THR H 27 22.05 31.29 13.98
N LYS H 28 21.80 32.28 13.12
CA LYS H 28 20.57 32.35 12.35
C LYS H 28 20.72 31.85 10.92
N GLU H 29 21.95 31.75 10.41
CA GLU H 29 22.16 31.21 9.07
C GLU H 29 22.28 29.70 9.08
N LEU H 30 22.92 29.13 10.11
CA LEU H 30 22.95 27.68 10.25
C LEU H 30 21.59 27.13 10.64
N GLY H 31 20.81 27.90 11.40
CA GLY H 31 19.48 27.46 11.78
C GLY H 31 18.56 27.26 10.59
N THR H 32 18.68 28.12 9.58
CA THR H 32 17.87 27.96 8.38
C THR H 32 18.19 26.66 7.66
N VAL H 33 19.48 26.33 7.54
CA VAL H 33 19.87 25.07 6.91
C VAL H 33 19.37 23.88 7.72
N MET H 34 19.50 23.96 9.06
CA MET H 34 19.03 22.87 9.91
C MET H 34 17.52 22.67 9.78
N ARG H 35 16.76 23.76 9.72
CA ARG H 35 15.32 23.65 9.53
C ARG H 35 14.98 23.09 8.15
N SER H 36 15.72 23.52 7.11
CA SER H 36 15.47 23.01 5.77
C SER H 36 15.83 21.54 5.64
N LEU H 37 16.71 21.02 6.50
CA LEU H 37 17.04 19.61 6.50
C LEU H 37 16.08 18.77 7.33
N GLY H 38 15.08 19.38 7.96
CA GLY H 38 14.07 18.69 8.72
C GLY H 38 14.25 18.74 10.23
N GLN H 39 15.43 19.10 10.71
CA GLN H 39 15.65 19.21 12.14
C GLN H 39 15.08 20.52 12.68
N ASN H 40 14.83 20.54 13.98
CA ASN H 40 14.27 21.70 14.67
C ASN H 40 15.12 22.02 15.89
N PRO H 41 16.28 22.62 15.69
CA PRO H 41 17.14 22.99 16.83
C PRO H 41 16.69 24.28 17.47
N THR H 42 17.25 24.56 18.64
CA THR H 42 16.99 25.80 19.37
C THR H 42 18.31 26.45 19.75
N GLU H 43 18.21 27.65 20.34
CA GLU H 43 19.38 28.50 20.51
C GLU H 43 20.46 27.84 21.37
N ALA H 44 20.07 26.97 22.30
CA ALA H 44 21.06 26.32 23.16
C ALA H 44 22.08 25.53 22.33
N GLU H 45 21.61 24.53 21.58
CA GLU H 45 22.53 23.77 20.73
C GLU H 45 23.06 24.59 19.58
N LEU H 46 22.28 25.53 19.05
CA LEU H 46 22.79 26.38 17.96
C LEU H 46 24.00 27.19 18.40
N GLN H 47 24.06 27.57 19.68
CA GLN H 47 25.23 28.25 20.21
C GLN H 47 26.31 27.27 20.63
N ASP H 48 25.91 26.09 21.13
CA ASP H 48 26.90 25.10 21.58
C ASP H 48 27.76 24.61 20.42
N MET H 49 27.13 24.32 19.27
CA MET H 49 27.90 23.84 18.13
C MET H 49 28.90 24.89 17.65
N ILE H 50 28.48 26.15 17.62
CA ILE H 50 29.37 27.21 17.16
C ILE H 50 30.50 27.43 18.15
N ASN H 51 30.20 27.40 19.45
CA ASN H 51 31.23 27.54 20.47
C ASN H 51 32.19 26.36 20.49
N GLU H 52 31.76 25.20 19.99
CA GLU H 52 32.65 24.04 19.96
C GLU H 52 33.86 24.28 19.08
N VAL H 53 33.66 24.92 17.92
CA VAL H 53 34.73 25.07 16.94
C VAL H 53 35.37 26.46 16.94
N ASP H 54 34.67 27.49 17.44
CA ASP H 54 35.21 28.84 17.43
C ASP H 54 36.46 28.93 18.28
N ALA H 55 37.61 29.14 17.64
CA ALA H 55 38.89 29.15 18.34
C ALA H 55 39.23 30.49 18.96
N ASP H 56 38.46 31.53 18.68
CA ASP H 56 38.67 32.85 19.27
C ASP H 56 37.49 33.28 20.13
N GLY H 57 36.27 33.16 19.59
CA GLY H 57 35.07 33.50 20.32
C GLY H 57 34.51 34.84 19.89
N ASN H 58 33.55 34.81 18.97
CA ASN H 58 32.84 36.01 18.55
C ASN H 58 31.38 35.72 18.26
N GLY H 59 30.91 34.50 18.44
CA GLY H 59 29.59 34.10 17.99
C GLY H 59 29.50 33.79 16.51
N THR H 60 30.62 33.84 15.79
CA THR H 60 30.63 33.60 14.35
C THR H 60 31.80 32.69 14.00
N ILE H 61 31.69 32.06 12.83
CA ILE H 61 32.69 31.11 12.35
C ILE H 61 33.27 31.66 11.04
N ASP H 62 34.59 31.66 10.94
CA ASP H 62 35.29 32.12 9.75
C ASP H 62 35.86 30.92 8.99
N PHE H 63 36.34 31.19 7.77
CA PHE H 63 36.88 30.14 6.92
C PHE H 63 38.08 29.43 7.53
N PRO H 64 39.10 30.12 8.08
CA PRO H 64 40.22 29.38 8.67
C PRO H 64 39.82 28.44 9.79
N GLU H 65 38.83 28.82 10.60
CA GLU H 65 38.33 27.96 11.67
C GLU H 65 37.18 27.07 11.21
N PHE H 66 36.80 27.17 9.94
CA PHE H 66 35.88 26.22 9.33
C PHE H 66 36.62 25.08 8.67
N LEU H 67 37.80 25.35 8.12
CA LEU H 67 38.64 24.28 7.59
C LEU H 67 39.04 23.30 8.69
N THR H 68 39.28 23.81 9.90
CA THR H 68 39.62 22.94 11.02
C THR H 68 38.47 21.99 11.36
N MET H 69 37.24 22.51 11.35
CA MET H 69 36.08 21.64 11.58
C MET H 69 35.93 20.62 10.45
N MET H 70 36.12 21.06 9.20
CA MET H 70 35.92 20.16 8.08
C MET H 70 37.01 19.11 7.95
N ALA H 71 38.19 19.35 8.52
CA ALA H 71 39.24 18.34 8.52
C ALA H 71 38.90 17.13 9.37
N ARG H 72 37.88 17.21 10.22
CA ARG H 72 37.48 16.09 11.06
C ARG H 72 36.26 15.34 10.54
N LYS H 73 35.35 16.02 9.84
CA LYS H 73 34.10 15.43 9.42
C LYS H 73 34.17 14.78 8.04
N MET H 74 35.35 14.72 7.43
CA MET H 74 35.50 14.03 6.16
C MET H 74 36.14 12.66 6.30
N LYS H 75 36.78 12.37 7.42
CA LYS H 75 37.33 11.04 7.66
C LYS H 75 36.21 10.06 8.00
N ASP H 76 36.55 8.77 7.97
CA ASP H 76 35.54 7.74 8.17
C ASP H 76 34.93 7.79 9.56
N THR H 77 35.74 8.05 10.59
CA THR H 77 35.23 8.13 11.95
C THR H 77 36.02 9.17 12.72
N ASP H 78 35.32 10.11 13.36
CA ASP H 78 35.94 11.13 14.17
C ASP H 78 36.17 10.58 15.57
N SER H 79 37.42 10.59 16.03
CA SER H 79 37.77 10.04 17.33
C SER H 79 37.68 11.05 18.46
N GLU H 80 37.36 12.31 18.16
CA GLU H 80 37.16 13.31 19.21
C GLU H 80 35.72 13.33 19.71
N GLU H 81 34.76 13.13 18.80
CA GLU H 81 33.36 13.08 19.20
C GLU H 81 33.08 11.89 20.11
N GLU H 82 33.74 10.75 19.84
CA GLU H 82 33.50 9.54 20.63
C GLU H 82 34.22 9.57 21.97
N ILE H 83 35.03 10.59 22.25
CA ILE H 83 35.63 10.76 23.56
C ILE H 83 34.90 11.88 24.28
N ARG H 84 34.38 12.84 23.52
CA ARG H 84 33.56 13.88 24.13
C ARG H 84 32.18 13.37 24.54
N GLU H 85 31.66 12.36 23.84
CA GLU H 85 30.35 11.80 24.17
C GLU H 85 30.43 10.59 25.10
N ALA H 86 31.57 9.91 25.15
CA ALA H 86 31.81 8.86 26.14
C ALA H 86 32.20 9.43 27.49
N PHE H 87 32.06 10.74 27.67
CA PHE H 87 32.33 11.42 28.92
C PHE H 87 31.06 11.90 29.61
N ARG H 88 29.99 12.14 28.86
CA ARG H 88 28.73 12.60 29.43
C ARG H 88 27.93 11.47 30.08
N VAL H 89 28.29 10.22 29.83
CA VAL H 89 27.66 9.10 30.54
C VAL H 89 28.32 8.85 31.89
N PHE H 90 29.53 9.36 32.10
CA PHE H 90 30.19 9.32 33.41
C PHE H 90 29.83 10.51 34.27
N ASP H 91 29.05 11.46 33.73
CA ASP H 91 28.70 12.70 34.40
C ASP H 91 27.18 12.83 34.34
N LYS H 92 26.51 12.27 35.35
CA LYS H 92 25.04 12.30 35.40
C LYS H 92 24.50 13.54 36.09
N ASP H 93 25.31 14.23 36.89
CA ASP H 93 24.86 15.44 37.57
C ASP H 93 24.92 16.68 36.69
N GLY H 94 25.56 16.59 35.53
CA GLY H 94 25.61 17.72 34.60
C GLY H 94 26.34 18.93 35.14
N ASN H 95 27.40 18.72 35.92
CA ASN H 95 28.20 19.81 36.46
C ASN H 95 29.54 19.97 35.77
N GLY H 96 29.84 19.12 34.78
CA GLY H 96 31.11 19.20 34.10
C GLY H 96 32.28 18.55 34.81
N TYR H 97 32.02 17.89 35.95
CA TYR H 97 33.07 17.25 36.72
C TYR H 97 32.67 15.81 37.02
N ILE H 98 33.67 14.92 37.06
CA ILE H 98 33.44 13.51 37.35
C ILE H 98 33.57 13.31 38.85
N SER H 99 32.45 13.01 39.49
CA SER H 99 32.47 12.72 40.93
C SER H 99 33.01 11.32 41.18
N ALA H 100 33.52 11.12 42.40
CA ALA H 100 34.05 9.81 42.76
C ALA H 100 32.96 8.75 42.74
N ALA H 101 31.76 9.09 43.21
CA ALA H 101 30.66 8.12 43.22
C ALA H 101 30.28 7.71 41.81
N GLU H 102 30.24 8.66 40.87
CA GLU H 102 29.86 8.34 39.50
C GLU H 102 30.81 7.31 38.89
N LEU H 103 32.12 7.55 39.00
CA LEU H 103 33.10 6.62 38.44
C LEU H 103 33.06 5.29 39.18
N ARG H 104 33.04 5.33 40.52
CA ARG H 104 33.01 4.10 41.30
C ARG H 104 31.78 3.27 41.02
N HIS H 105 30.70 3.89 40.55
CA HIS H 105 29.51 3.14 40.17
C HIS H 105 29.62 2.60 38.75
N VAL H 106 29.97 3.46 37.78
CA VAL H 106 29.91 3.05 36.39
C VAL H 106 31.01 2.04 36.06
N MET H 107 32.23 2.25 36.57
CA MET H 107 33.35 1.40 36.19
C MET H 107 33.27 0.04 36.89
N THR H 108 32.89 0.03 38.16
CA THR H 108 32.93 -1.21 38.93
C THR H 108 31.70 -2.08 38.69
N ASN H 109 30.51 -1.51 38.89
CA ASN H 109 29.28 -2.30 38.79
C ASN H 109 29.07 -2.82 37.38
N LEU H 110 29.31 -2.00 36.37
CA LEU H 110 29.06 -2.36 34.98
C LEU H 110 30.38 -2.69 34.28
N GLY H 111 30.26 -3.44 33.18
CA GLY H 111 31.44 -3.88 32.47
C GLY H 111 32.23 -4.90 33.28
N GLU H 112 33.54 -4.91 33.05
CA GLU H 112 34.41 -5.80 33.81
C GLU H 112 34.51 -5.34 35.25
N LYS H 113 34.42 -6.30 36.18
CA LYS H 113 34.47 -5.99 37.60
C LYS H 113 35.86 -5.49 37.97
N LEU H 114 35.97 -4.19 38.26
CA LEU H 114 37.23 -3.56 38.58
C LEU H 114 37.34 -3.35 40.08
N THR H 115 38.55 -3.56 40.62
CA THR H 115 38.77 -3.42 42.05
C THR H 115 38.55 -1.98 42.49
N ASP H 116 37.96 -1.82 43.68
CA ASP H 116 37.74 -0.49 44.22
C ASP H 116 39.06 0.23 44.48
N GLU H 117 40.06 -0.49 45.00
CA GLU H 117 41.36 0.11 45.22
C GLU H 117 41.99 0.55 43.90
N GLU H 118 41.87 -0.27 42.86
CA GLU H 118 42.39 0.10 41.55
C GLU H 118 41.69 1.34 41.00
N VAL H 119 40.36 1.41 41.18
CA VAL H 119 39.61 2.58 40.72
C VAL H 119 40.05 3.82 41.47
N ASP H 120 40.24 3.72 42.78
CA ASP H 120 40.70 4.86 43.56
C ASP H 120 42.09 5.30 43.14
N GLU H 121 42.98 4.33 42.89
CA GLU H 121 44.33 4.68 42.43
C GLU H 121 44.29 5.38 41.08
N MET H 122 43.45 4.89 40.16
CA MET H 122 43.32 5.53 38.85
C MET H 122 42.77 6.94 38.99
N ILE H 123 41.77 7.13 39.85
CA ILE H 123 41.20 8.46 40.05
C ILE H 123 42.25 9.41 40.62
N ARG H 124 43.04 8.93 41.59
CA ARG H 124 44.07 9.77 42.18
C ARG H 124 45.14 10.12 41.15
N GLU H 125 45.53 9.16 40.32
CA GLU H 125 46.55 9.42 39.30
C GLU H 125 46.04 10.42 38.26
N ALA H 126 44.79 10.27 37.83
CA ALA H 126 44.24 11.17 36.81
C ALA H 126 43.85 12.53 37.37
N ASP H 127 43.68 12.65 38.68
CA ASP H 127 43.28 13.91 39.29
C ASP H 127 44.51 14.83 39.37
N ILE H 128 44.83 15.45 38.24
CA ILE H 128 45.94 16.40 38.21
C ILE H 128 45.59 17.64 39.01
N ASP H 129 44.33 18.07 38.96
CA ASP H 129 43.91 19.23 39.74
C ASP H 129 43.98 18.97 41.23
N GLY H 130 43.87 17.71 41.64
CA GLY H 130 43.96 17.35 43.05
C GLY H 130 42.71 17.58 43.86
N ASP H 131 41.61 17.97 43.22
CA ASP H 131 40.36 18.24 43.92
C ASP H 131 39.45 17.02 43.98
N GLY H 132 39.89 15.88 43.45
CA GLY H 132 39.04 14.69 43.44
C GLY H 132 37.89 14.77 42.46
N GLN H 133 37.96 15.67 41.48
CA GLN H 133 36.90 15.85 40.49
C GLN H 133 37.56 15.89 39.11
N VAL H 134 37.51 14.76 38.40
CA VAL H 134 38.11 14.69 37.08
C VAL H 134 37.33 15.56 36.10
N ASN H 135 38.06 16.32 35.28
CA ASN H 135 37.48 17.23 34.31
C ASN H 135 37.74 16.73 32.90
N TYR H 136 37.24 17.49 31.92
CA TYR H 136 37.39 17.09 30.52
C TYR H 136 38.85 17.07 30.10
N GLU H 137 39.65 18.04 30.56
CA GLU H 137 41.05 18.10 30.17
C GLU H 137 41.80 16.86 30.64
N GLU H 138 41.62 16.47 31.91
CA GLU H 138 42.29 15.27 32.41
C GLU H 138 41.76 14.02 31.74
N PHE H 139 40.47 13.98 31.41
CA PHE H 139 39.88 12.84 30.72
C PHE H 139 40.53 12.65 29.35
N VAL H 140 40.66 13.74 28.59
CA VAL H 140 41.28 13.68 27.28
C VAL H 140 42.77 13.34 27.41
N GLN H 141 43.44 13.88 28.42
CA GLN H 141 44.85 13.57 28.64
C GLN H 141 45.04 12.08 28.92
N MET H 142 44.13 11.49 29.70
CA MET H 142 44.23 10.06 30.00
C MET H 142 43.93 9.22 28.75
N MET H 143 42.94 9.61 27.96
CA MET H 143 42.55 8.78 26.82
C MET H 143 43.37 9.02 25.56
N THR H 144 44.19 10.05 25.51
CA THR H 144 45.09 10.22 24.37
C THR H 144 46.29 11.06 24.80
N ALA H 145 47.42 10.80 24.15
CA ALA H 145 48.66 11.51 24.47
C ALA H 145 49.58 11.54 23.25
K K I . 3.63 -28.54 -18.17
K K J . 2.63 -20.55 -13.06
K K K . 1.56 -12.20 -7.75
K K L . 3.31 -26.35 -16.88
K K M . 2.90 -22.71 -14.43
CA CA N . -16.04 40.70 -9.84
CA CA O . -8.63 47.28 -15.75
CA CA P . 21.89 44.12 -10.60
CA CA Q . -33.28 16.13 25.56
CA CA R . -41.95 20.82 19.32
CA CA S . -35.69 34.97 -7.14
CA CA T . 9.52 10.71 42.41
CA CA U . 1.75 6.84 50.27
CA CA V . -28.05 4.77 41.62
CA CA W . 26.79 35.56 7.19
CA CA X . 34.97 33.36 15.14
CA CA Y . 29.27 13.85 38.58
#